data_6NBA
#
_entry.id   6NBA
#
_cell.length_a   68.551
_cell.length_b   152.167
_cell.length_c   83.771
_cell.angle_alpha   90.00
_cell.angle_beta   112.25
_cell.angle_gamma   90.00
#
_symmetry.space_group_name_H-M   'P 1 21 1'
#
loop_
_entity.id
_entity.type
_entity.pdbx_description
1 polymer 'Cystathionine gamma-lyase'
2 non-polymer '2-[({3-HYDROXY-2-METHYL-5-[(PHOSPHONOOXY)METHYL]PYRIDIN-4-YL}METHYL)AMINO]ACRYLIC ACID'
3 water water
#
_entity_poly.entity_id   1
_entity_poly.type   'polypeptide(L)'
_entity_poly.pdbx_seq_one_letter_code
;MQEKDASSQGFLPHFQHFATQAIHVGQDPEQWTSRAVVPPISLSTTFKQGAPGQHSGFEYSRSGNPTRNCLEKAVAALDG
AKYCLAFASGLAATVTITHLLKAGDQIICMDDVYGGTNRYFRQVASEFGLKISFVDCSKIKLLEAAITPETKLVWIETPT
NPTQKVIDIEGCAHIVHKHGDIILVVDNTFMSPYFQRPLALGADISMYSATKYMNGHSDVVMGLVSVNCESLHNRLRFLQ
NSLGAVPSPIDCYLCNRGLKTLHVRMEKHFKNGMAVAQFLESNPWVEKVIYPGLPSHPQHELVKRQCTGCTGMVTFYIKG
TLQHAEIFLKNLKLFTLAESLGGFESLAELPAIMTHASVLKNDRDVLGISDTLIRLSVGLEDEEDLLEDLDQALKAAHPP
SG
;
_entity_poly.pdbx_strand_id   A,B,C,D
#
loop_
_chem_comp.id
_chem_comp.type
_chem_comp.name
_chem_comp.formula
P1T non-polymer '2-[({3-HYDROXY-2-METHYL-5-[(PHOSPHONOOXY)METHYL]PYRIDIN-4-YL}METHYL)AMINO]ACRYLIC ACID' 'C11 H15 N2 O7 P'
#
# COMPACT_ATOMS: atom_id res chain seq x y z
N GLY A 10 6.42 16.43 -39.18
CA GLY A 10 7.83 16.33 -39.50
C GLY A 10 8.71 16.00 -38.31
N PHE A 11 8.12 15.35 -37.31
CA PHE A 11 8.86 14.97 -36.12
C PHE A 11 9.66 13.70 -36.38
N LEU A 12 10.52 13.37 -35.42
CA LEU A 12 11.23 12.10 -35.46
C LEU A 12 10.23 10.94 -35.44
N PRO A 13 10.48 9.88 -36.19
CA PRO A 13 9.61 8.69 -36.10
C PRO A 13 9.65 8.13 -34.69
N HIS A 14 8.50 7.60 -34.26
CA HIS A 14 8.37 7.11 -32.90
C HIS A 14 9.31 5.92 -32.65
N PHE A 15 9.72 5.77 -31.40
CA PHE A 15 10.65 4.71 -31.04
C PHE A 15 9.98 3.35 -31.15
N GLN A 16 10.67 2.40 -31.77
CA GLN A 16 10.09 1.10 -32.07
C GLN A 16 10.02 0.24 -30.82
N HIS A 17 8.89 -0.45 -30.65
CA HIS A 17 8.62 -1.38 -29.55
C HIS A 17 8.48 -0.69 -28.19
N PHE A 18 8.24 0.62 -28.15
CA PHE A 18 8.17 1.32 -26.88
C PHE A 18 7.09 0.74 -25.97
N ALA A 19 5.86 0.65 -26.47
CA ALA A 19 4.75 0.16 -25.65
C ALA A 19 4.99 -1.27 -25.19
N THR A 20 5.42 -2.14 -26.10
CA THR A 20 5.71 -3.52 -25.73
C THR A 20 6.75 -3.60 -24.62
N GLN A 21 7.78 -2.76 -24.70
CA GLN A 21 8.82 -2.77 -23.68
C GLN A 21 8.33 -2.20 -22.37
N ALA A 22 7.54 -1.12 -22.42
CA ALA A 22 7.02 -0.50 -21.21
C ALA A 22 6.13 -1.45 -20.41
N ILE A 23 5.52 -2.43 -21.07
CA ILE A 23 4.59 -3.32 -20.40
C ILE A 23 5.25 -4.61 -19.92
N HIS A 24 6.33 -5.05 -20.58
CA HIS A 24 6.85 -6.39 -20.34
C HIS A 24 8.28 -6.43 -19.82
N VAL A 25 9.11 -5.42 -20.10
CA VAL A 25 10.49 -5.47 -19.64
C VAL A 25 10.53 -5.44 -18.12
N GLY A 26 11.28 -6.39 -17.53
CA GLY A 26 11.36 -6.53 -16.10
C GLY A 26 10.14 -7.14 -15.44
N GLN A 27 9.11 -7.48 -16.21
CA GLN A 27 7.86 -8.02 -15.66
C GLN A 27 7.70 -9.51 -15.94
N ASP A 28 8.77 -10.22 -16.28
CA ASP A 28 8.67 -11.62 -16.66
C ASP A 28 8.10 -12.45 -15.51
N PRO A 29 6.97 -13.14 -15.72
CA PRO A 29 6.40 -13.96 -14.65
C PRO A 29 7.34 -15.03 -14.14
N GLU A 30 8.31 -15.48 -14.94
CA GLU A 30 9.21 -16.55 -14.53
C GLU A 30 10.12 -16.14 -13.38
N GLN A 31 10.12 -14.86 -13.00
CA GLN A 31 10.90 -14.42 -11.84
C GLN A 31 10.33 -14.95 -10.53
N TRP A 32 9.03 -15.24 -10.48
CA TRP A 32 8.33 -15.53 -9.24
C TRP A 32 7.85 -16.97 -9.20
N THR A 33 7.89 -17.57 -8.01
CA THR A 33 7.37 -18.93 -7.84
C THR A 33 5.91 -19.02 -8.24
N SER A 34 5.13 -17.97 -7.98
CA SER A 34 3.72 -17.94 -8.31
C SER A 34 3.43 -17.75 -9.79
N ARG A 35 4.46 -17.43 -10.59
CA ARG A 35 4.30 -17.12 -12.02
C ARG A 35 3.35 -15.94 -12.22
N ALA A 36 3.33 -15.01 -11.28
CA ALA A 36 2.44 -13.85 -11.38
C ALA A 36 2.79 -12.99 -12.59
N VAL A 37 1.76 -12.41 -13.22
CA VAL A 37 1.99 -11.58 -14.40
C VAL A 37 2.41 -10.17 -14.02
N VAL A 38 2.09 -9.71 -12.81
CA VAL A 38 2.53 -8.42 -12.29
C VAL A 38 3.50 -8.70 -11.15
N PRO A 39 4.66 -8.05 -11.11
CA PRO A 39 5.63 -8.29 -10.04
C PRO A 39 5.04 -7.97 -8.68
N PRO A 40 5.29 -8.81 -7.67
CA PRO A 40 4.83 -8.50 -6.32
C PRO A 40 5.62 -7.36 -5.71
N ILE A 41 5.04 -6.78 -4.66
CA ILE A 41 5.70 -5.72 -3.91
C ILE A 41 6.45 -6.36 -2.74
N SER A 42 7.77 -6.41 -2.85
CA SER A 42 8.61 -7.03 -1.83
C SER A 42 9.09 -5.94 -0.87
N LEU A 43 8.49 -5.91 0.33
CA LEU A 43 8.85 -4.93 1.35
C LEU A 43 10.01 -5.38 2.23
N SER A 44 10.37 -6.66 2.21
CA SER A 44 11.37 -7.19 3.12
C SER A 44 12.66 -6.39 3.06
N THR A 45 13.11 -5.93 4.24
CA THR A 45 14.34 -5.16 4.31
C THR A 45 15.57 -6.03 4.14
N THR A 46 15.47 -7.31 4.50
CA THR A 46 16.61 -8.21 4.44
C THR A 46 16.15 -9.53 3.84
N PHE A 47 17.12 -10.37 3.50
CA PHE A 47 16.87 -11.60 2.78
C PHE A 47 17.72 -12.70 3.38
N LYS A 48 17.20 -13.92 3.36
CA LYS A 48 17.95 -15.02 3.94
C LYS A 48 19.14 -15.34 3.05
N GLN A 49 20.28 -15.65 3.66
CA GLN A 49 21.47 -15.94 2.90
C GLN A 49 21.85 -17.40 3.06
N GLY A 50 22.23 -18.03 1.94
CA GLY A 50 22.69 -19.39 1.99
C GLY A 50 24.01 -19.54 2.69
N ALA A 51 24.73 -18.42 2.86
CA ALA A 51 25.98 -18.53 3.57
C ALA A 51 26.37 -17.13 4.04
N PRO A 52 27.22 -16.99 5.08
CA PRO A 52 27.62 -15.65 5.51
C PRO A 52 28.23 -14.85 4.35
N GLY A 53 27.51 -13.83 3.91
CA GLY A 53 27.93 -13.02 2.79
C GLY A 53 27.63 -13.61 1.42
N GLN A 54 26.97 -14.76 1.35
CA GLN A 54 26.67 -15.44 0.08
C GLN A 54 25.16 -15.49 -0.13
N HIS A 55 24.62 -14.46 -0.78
CA HIS A 55 23.21 -14.29 -1.04
C HIS A 55 22.81 -14.99 -2.35
N SER A 56 21.51 -14.98 -2.62
CA SER A 56 20.95 -15.48 -3.87
C SER A 56 20.51 -14.34 -4.79
N GLY A 57 21.20 -13.21 -4.69
CA GLY A 57 20.90 -12.02 -5.46
C GLY A 57 20.53 -10.80 -4.63
N PHE A 58 20.09 -11.00 -3.39
CA PHE A 58 19.71 -9.89 -2.52
C PHE A 58 20.18 -10.13 -1.09
N GLU A 59 20.79 -9.12 -0.49
CA GLU A 59 21.14 -9.17 0.92
C GLU A 59 20.43 -8.11 1.75
N TYR A 60 20.24 -6.90 1.20
CA TYR A 60 19.66 -5.79 1.94
C TYR A 60 18.95 -4.85 0.96
N SER A 61 17.76 -4.40 1.36
CA SER A 61 16.86 -3.69 0.46
C SER A 61 17.51 -2.46 -0.15
N ARG A 62 18.33 -1.73 0.63
CA ARG A 62 18.95 -0.52 0.12
C ARG A 62 19.87 -0.83 -1.06
N SER A 63 20.63 -1.93 -0.98
CA SER A 63 21.49 -2.29 -2.11
C SER A 63 20.67 -2.73 -3.31
N GLY A 64 19.58 -3.44 -3.08
CA GLY A 64 18.71 -3.89 -4.14
C GLY A 64 17.55 -4.73 -3.63
N ASN A 65 16.45 -4.72 -4.37
CA ASN A 65 15.27 -5.49 -4.00
C ASN A 65 14.46 -5.76 -5.27
N PRO A 66 13.66 -6.83 -5.29
CA PRO A 66 13.00 -7.23 -6.54
C PRO A 66 12.19 -6.14 -7.22
N THR A 67 11.30 -5.46 -6.47
CA THR A 67 10.41 -4.49 -7.10
C THR A 67 11.17 -3.31 -7.69
N ARG A 68 12.25 -2.88 -7.04
CA ARG A 68 13.03 -1.77 -7.58
C ARG A 68 13.83 -2.19 -8.80
N ASN A 69 14.43 -3.38 -8.76
CA ASN A 69 15.22 -3.84 -9.90
C ASN A 69 14.36 -4.04 -11.14
N CYS A 70 13.11 -4.49 -10.96
CA CYS A 70 12.20 -4.61 -12.09
C CYS A 70 11.93 -3.26 -12.74
N LEU A 71 11.66 -2.24 -11.92
CA LEU A 71 11.42 -0.90 -12.46
C LEU A 71 12.64 -0.36 -13.21
N GLU A 72 13.83 -0.54 -12.64
CA GLU A 72 15.03 -0.01 -13.27
C GLU A 72 15.27 -0.62 -14.64
N LYS A 73 15.03 -1.94 -14.78
CA LYS A 73 15.16 -2.58 -16.08
C LYS A 73 14.20 -1.97 -17.09
N ALA A 74 12.95 -1.75 -16.68
CA ALA A 74 11.95 -1.17 -17.59
C ALA A 74 12.36 0.22 -18.06
N VAL A 75 12.75 1.09 -17.12
CA VAL A 75 13.11 2.46 -17.48
C VAL A 75 14.31 2.48 -18.41
N ALA A 76 15.32 1.66 -18.13
CA ALA A 76 16.48 1.56 -19.01
C ALA A 76 16.07 1.25 -20.44
N ALA A 77 15.15 0.29 -20.61
CA ALA A 77 14.69 -0.06 -21.96
C ALA A 77 13.97 1.10 -22.62
N LEU A 78 13.09 1.79 -21.89
CA LEU A 78 12.39 2.93 -22.48
C LEU A 78 13.36 4.03 -22.88
N ASP A 79 14.48 4.15 -22.16
CA ASP A 79 15.54 5.08 -22.51
C ASP A 79 16.54 4.46 -23.48
N GLY A 80 16.37 3.20 -23.85
CA GLY A 80 17.39 2.52 -24.63
C GLY A 80 18.71 2.37 -23.91
N ALA A 81 18.70 2.37 -22.58
CA ALA A 81 19.91 2.33 -21.78
C ALA A 81 20.25 0.91 -21.37
N LYS A 82 21.50 0.72 -20.93
CA LYS A 82 21.91 -0.55 -20.35
C LYS A 82 21.57 -0.63 -18.87
N TYR A 83 21.56 0.50 -18.17
CA TYR A 83 21.37 0.51 -16.72
C TYR A 83 20.47 1.67 -16.33
N CYS A 84 19.81 1.51 -15.19
CA CYS A 84 19.00 2.57 -14.61
C CYS A 84 19.05 2.45 -13.09
N LEU A 85 18.93 3.59 -12.42
CA LEU A 85 18.94 3.64 -10.96
C LEU A 85 17.78 4.50 -10.50
N ALA A 86 17.04 4.01 -9.51
CA ALA A 86 15.91 4.74 -8.95
C ALA A 86 16.33 5.38 -7.63
N PHE A 87 15.70 6.51 -7.31
CA PHE A 87 16.06 7.29 -6.14
C PHE A 87 14.81 7.84 -5.49
N ALA A 88 14.97 8.35 -4.26
CA ALA A 88 13.84 8.80 -3.47
C ALA A 88 13.14 10.00 -4.08
N SER A 89 13.81 10.77 -4.94
CA SER A 89 13.23 11.95 -5.55
C SER A 89 14.12 12.37 -6.72
N GLY A 90 13.61 13.33 -7.50
CA GLY A 90 14.42 13.88 -8.58
C GLY A 90 15.65 14.60 -8.05
N LEU A 91 15.47 15.40 -6.98
CA LEU A 91 16.61 16.05 -6.35
C LEU A 91 17.59 15.03 -5.80
N ALA A 92 17.07 13.96 -5.19
CA ALA A 92 17.95 12.91 -4.66
C ALA A 92 18.80 12.29 -5.76
N ALA A 93 18.26 12.21 -6.98
CA ALA A 93 19.07 11.75 -8.11
C ALA A 93 20.11 12.80 -8.51
N THR A 94 19.72 14.07 -8.47
CA THR A 94 20.67 15.15 -8.76
C THR A 94 21.80 15.17 -7.75
N VAL A 95 21.48 15.02 -6.45
CA VAL A 95 22.51 15.00 -5.42
C VAL A 95 23.45 13.84 -5.63
N THR A 96 22.90 12.64 -5.88
CA THR A 96 23.73 11.46 -6.08
C THR A 96 24.65 11.63 -7.28
N ILE A 97 24.15 12.23 -8.37
CA ILE A 97 24.99 12.48 -9.54
C ILE A 97 26.10 13.46 -9.20
N THR A 98 25.79 14.50 -8.42
CA THR A 98 26.81 15.48 -8.04
C THR A 98 27.92 14.82 -7.22
N HIS A 99 27.58 13.84 -6.39
CA HIS A 99 28.57 13.14 -5.59
C HIS A 99 29.54 12.32 -6.42
N LEU A 100 29.32 12.22 -7.75
CA LEU A 100 30.30 11.60 -8.62
C LEU A 100 31.60 12.40 -8.69
N LEU A 101 31.56 13.68 -8.34
CA LEU A 101 32.71 14.56 -8.51
C LEU A 101 33.53 14.63 -7.23
N LYS A 102 34.49 15.56 -7.21
CA LYS A 102 35.45 15.72 -6.14
C LYS A 102 35.59 17.20 -5.84
N ALA A 103 36.07 17.52 -4.64
CA ALA A 103 36.41 18.89 -4.34
C ALA A 103 37.40 19.41 -5.37
N GLY A 104 37.15 20.62 -5.85
CA GLY A 104 37.95 21.20 -6.92
C GLY A 104 37.33 21.09 -8.29
N ASP A 105 36.39 20.17 -8.49
CA ASP A 105 35.73 20.02 -9.78
C ASP A 105 34.77 21.18 -10.03
N GLN A 106 34.38 21.34 -11.29
CA GLN A 106 33.46 22.39 -11.70
C GLN A 106 32.22 21.79 -12.32
N ILE A 107 31.09 22.45 -12.11
CA ILE A 107 29.80 22.06 -12.68
C ILE A 107 29.28 23.21 -13.52
N ILE A 108 28.91 22.92 -14.76
CA ILE A 108 28.19 23.86 -15.61
C ILE A 108 26.74 23.43 -15.64
N CYS A 109 25.84 24.33 -15.22
CA CYS A 109 24.41 24.05 -15.18
C CYS A 109 23.69 24.99 -16.13
N MET A 110 22.66 24.48 -16.79
CA MET A 110 21.82 25.32 -17.64
C MET A 110 21.30 26.50 -16.83
N ASP A 111 21.28 27.67 -17.45
CA ASP A 111 20.91 28.89 -16.74
C ASP A 111 19.47 28.82 -16.25
N ASP A 112 18.55 28.32 -17.09
CA ASP A 112 17.16 28.15 -16.69
C ASP A 112 16.96 26.68 -16.33
N VAL A 113 16.72 26.43 -15.04
CA VAL A 113 16.63 25.08 -14.51
C VAL A 113 15.58 25.10 -13.40
N TYR A 114 15.10 23.91 -13.01
CA TYR A 114 14.13 23.84 -11.93
C TYR A 114 14.68 24.51 -10.69
N GLY A 115 13.82 25.30 -10.03
CA GLY A 115 14.25 26.07 -8.87
C GLY A 115 15.05 25.28 -7.85
N GLY A 116 14.55 24.09 -7.50
CA GLY A 116 15.26 23.28 -6.52
C GLY A 116 16.63 22.84 -7.00
N THR A 117 16.76 22.54 -8.29
CA THR A 117 18.07 22.21 -8.85
C THR A 117 19.02 23.40 -8.76
N ASN A 118 18.51 24.60 -9.07
CA ASN A 118 19.30 25.81 -8.89
C ASN A 118 19.69 25.99 -7.43
N ARG A 119 18.73 25.79 -6.52
CA ARG A 119 19.00 25.98 -5.09
C ARG A 119 20.09 25.02 -4.61
N TYR A 120 20.03 23.75 -5.03
CA TYR A 120 21.02 22.78 -4.57
C TYR A 120 22.43 23.16 -5.00
N PHE A 121 22.63 23.35 -6.31
CA PHE A 121 23.96 23.69 -6.81
C PHE A 121 24.49 24.97 -6.18
N ARG A 122 23.66 26.01 -6.14
CA ARG A 122 24.14 27.33 -5.72
C ARG A 122 24.37 27.40 -4.21
N GLN A 123 23.46 26.82 -3.42
CA GLN A 123 23.47 27.02 -1.99
C GLN A 123 24.04 25.83 -1.21
N VAL A 124 24.23 24.67 -1.83
CA VAL A 124 24.66 23.49 -1.10
C VAL A 124 25.96 22.96 -1.68
N ALA A 125 25.92 22.50 -2.94
CA ALA A 125 27.09 21.91 -3.57
C ALA A 125 28.27 22.86 -3.58
N SER A 126 28.02 24.17 -3.76
CA SER A 126 29.10 25.14 -3.80
C SER A 126 29.84 25.23 -2.47
N GLU A 127 29.22 24.82 -1.37
CA GLU A 127 29.85 24.88 -0.07
C GLU A 127 30.77 23.69 0.21
N PHE A 128 30.91 22.76 -0.74
CA PHE A 128 31.72 21.57 -0.54
C PHE A 128 32.76 21.43 -1.66
N GLY A 129 33.46 22.52 -1.94
CA GLY A 129 34.58 22.48 -2.87
C GLY A 129 34.21 22.33 -4.34
N LEU A 130 33.01 22.74 -4.74
CA LEU A 130 32.56 22.66 -6.12
C LEU A 130 32.23 24.05 -6.64
N LYS A 131 32.70 24.39 -7.83
CA LYS A 131 32.38 25.65 -8.46
C LYS A 131 31.25 25.44 -9.46
N ILE A 132 30.21 26.26 -9.32
CA ILE A 132 29.01 26.18 -10.14
C ILE A 132 28.97 27.36 -11.08
N SER A 133 28.70 27.09 -12.37
CA SER A 133 28.59 28.13 -13.38
C SER A 133 27.29 27.92 -14.14
N PHE A 134 26.43 28.94 -14.15
CA PHE A 134 25.17 28.89 -14.88
C PHE A 134 25.39 29.53 -16.25
N VAL A 135 25.12 28.77 -17.31
CA VAL A 135 25.40 29.19 -18.68
C VAL A 135 24.19 28.89 -19.55
N ASP A 136 23.91 29.81 -20.48
CA ASP A 136 22.83 29.65 -21.43
C ASP A 136 23.32 28.69 -22.50
N CYS A 137 23.16 27.39 -22.25
CA CYS A 137 23.62 26.39 -23.19
C CYS A 137 22.75 26.33 -24.43
N SER A 138 21.69 27.13 -24.51
CA SER A 138 20.96 27.25 -25.76
C SER A 138 21.79 27.97 -26.83
N LYS A 139 22.72 28.86 -26.42
CA LYS A 139 23.75 29.32 -27.36
C LYS A 139 24.98 28.43 -27.11
N ILE A 140 25.26 27.55 -28.07
CA ILE A 140 26.20 26.45 -27.88
C ILE A 140 27.62 26.97 -27.70
N LYS A 141 27.93 28.15 -28.24
CA LYS A 141 29.23 28.76 -28.03
C LYS A 141 29.44 29.21 -26.60
N LEU A 142 28.38 29.60 -25.89
CA LEU A 142 28.52 29.98 -24.49
C LEU A 142 28.95 28.81 -23.65
N LEU A 143 28.49 27.60 -24.01
CA LEU A 143 28.95 26.39 -23.31
C LEU A 143 30.42 26.12 -23.59
N GLU A 144 30.82 26.20 -24.87
CA GLU A 144 32.22 25.99 -25.22
C GLU A 144 33.12 27.01 -24.54
N ALA A 145 32.67 28.25 -24.40
CA ALA A 145 33.48 29.28 -23.76
C ALA A 145 33.59 29.02 -22.26
N ALA A 146 32.56 28.45 -21.64
CA ALA A 146 32.53 28.26 -20.20
C ALA A 146 33.25 26.99 -19.73
N ILE A 147 33.57 26.07 -20.65
CA ILE A 147 34.24 24.84 -20.26
C ILE A 147 35.63 25.16 -19.73
N THR A 148 36.04 24.45 -18.70
CA THR A 148 37.26 24.80 -18.01
C THR A 148 37.99 23.47 -17.77
N PRO A 149 39.32 23.50 -17.54
CA PRO A 149 40.00 22.22 -17.26
C PRO A 149 39.46 21.47 -16.07
N GLU A 150 38.78 22.15 -15.15
CA GLU A 150 38.17 21.52 -13.98
C GLU A 150 36.74 21.06 -14.24
N THR A 151 36.17 21.39 -15.40
CA THR A 151 34.81 20.98 -15.72
C THR A 151 34.69 19.47 -15.79
N LYS A 152 33.83 18.92 -14.95
CA LYS A 152 33.56 17.48 -14.93
C LYS A 152 32.10 17.14 -15.19
N LEU A 153 31.19 18.11 -15.10
CA LEU A 153 29.76 17.83 -15.23
C LEU A 153 29.05 18.99 -15.90
N VAL A 154 28.26 18.68 -16.92
CA VAL A 154 27.37 19.65 -17.56
C VAL A 154 25.95 19.15 -17.37
N TRP A 155 25.11 19.97 -16.73
CA TRP A 155 23.73 19.60 -16.39
C TRP A 155 22.79 20.45 -17.22
N ILE A 156 21.98 19.79 -18.05
CA ILE A 156 21.10 20.47 -18.98
C ILE A 156 19.66 19.98 -18.78
N GLU A 157 18.71 20.91 -18.91
CA GLU A 157 17.30 20.60 -19.07
C GLU A 157 16.88 21.03 -20.47
N THR A 158 16.05 20.21 -21.12
CA THR A 158 15.49 20.64 -22.40
C THR A 158 14.18 19.91 -22.68
N PRO A 159 13.06 20.63 -22.84
CA PRO A 159 12.94 22.08 -22.63
C PRO A 159 13.15 22.48 -21.17
N THR A 160 13.68 23.68 -20.96
CA THR A 160 13.98 24.13 -19.62
C THR A 160 12.70 24.46 -18.84
N ASN A 161 12.82 24.41 -17.52
CA ASN A 161 11.69 24.71 -16.64
C ASN A 161 11.93 26.07 -16.00
N PRO A 162 11.05 27.07 -16.21
CA PRO A 162 9.80 27.02 -16.97
C PRO A 162 9.83 27.68 -18.34
N THR A 163 10.90 28.39 -18.69
CA THR A 163 10.92 29.16 -19.93
C THR A 163 10.95 28.27 -21.18
N GLN A 164 11.28 26.99 -21.02
CA GLN A 164 11.24 26.01 -22.11
C GLN A 164 12.14 26.41 -23.27
N LYS A 165 13.37 26.83 -22.95
CA LYS A 165 14.41 26.91 -23.96
C LYS A 165 14.88 25.50 -24.32
N VAL A 166 15.19 25.29 -25.59
CA VAL A 166 15.54 23.97 -26.11
C VAL A 166 17.02 23.96 -26.44
N ILE A 167 17.68 22.82 -26.17
CA ILE A 167 19.12 22.68 -26.29
C ILE A 167 19.42 21.60 -27.31
N ASP A 168 20.33 21.90 -28.23
CA ASP A 168 20.83 20.90 -29.18
C ASP A 168 21.68 19.90 -28.41
N ILE A 169 21.10 18.74 -28.10
CA ILE A 169 21.82 17.73 -27.32
C ILE A 169 23.03 17.22 -28.08
N GLU A 170 22.86 16.95 -29.39
CA GLU A 170 23.99 16.48 -30.19
C GLU A 170 25.08 17.54 -30.27
N GLY A 171 24.69 18.81 -30.35
CA GLY A 171 25.69 19.88 -30.34
C GLY A 171 26.48 19.93 -29.05
N CYS A 172 25.77 19.89 -27.92
CA CYS A 172 26.45 19.95 -26.62
C CYS A 172 27.33 18.73 -26.42
N ALA A 173 26.89 17.55 -26.89
CA ALA A 173 27.70 16.35 -26.76
C ALA A 173 28.99 16.47 -27.57
N HIS A 174 28.89 16.99 -28.80
CA HIS A 174 30.08 17.26 -29.60
C HIS A 174 31.06 18.14 -28.84
N ILE A 175 30.59 19.30 -28.36
CA ILE A 175 31.45 20.22 -27.62
C ILE A 175 32.02 19.54 -26.38
N VAL A 176 31.13 19.02 -25.53
CA VAL A 176 31.53 18.52 -24.22
C VAL A 176 32.53 17.37 -24.33
N HIS A 177 32.35 16.49 -25.32
CA HIS A 177 33.18 15.29 -25.41
C HIS A 177 34.51 15.52 -26.13
N LYS A 178 34.74 16.73 -26.64
CA LYS A 178 36.07 17.02 -27.18
C LYS A 178 37.11 17.14 -26.08
N HIS A 179 36.70 17.49 -24.87
CA HIS A 179 37.62 17.77 -23.77
C HIS A 179 37.84 16.55 -22.88
N GLY A 180 37.42 15.37 -23.32
CA GLY A 180 37.75 14.13 -22.60
C GLY A 180 36.71 13.77 -21.53
N ASP A 181 37.09 14.00 -20.28
CA ASP A 181 36.43 13.51 -19.09
C ASP A 181 35.38 14.48 -18.49
N ILE A 182 34.34 14.72 -19.30
CA ILE A 182 33.20 15.53 -18.90
C ILE A 182 31.92 14.70 -19.06
N ILE A 183 31.09 14.68 -18.02
CA ILE A 183 29.82 13.96 -18.04
C ILE A 183 28.73 14.90 -18.51
N LEU A 184 27.92 14.46 -19.47
CA LEU A 184 26.80 15.23 -19.98
C LEU A 184 25.50 14.64 -19.47
N VAL A 185 24.77 15.40 -18.66
CA VAL A 185 23.48 15.01 -18.12
C VAL A 185 22.39 15.80 -18.82
N VAL A 186 21.32 15.11 -19.21
CA VAL A 186 20.12 15.74 -19.73
C VAL A 186 18.95 15.35 -18.83
N ASP A 187 18.38 16.35 -18.15
CA ASP A 187 17.18 16.13 -17.34
C ASP A 187 15.99 16.04 -18.30
N ASN A 188 15.56 14.81 -18.59
CA ASN A 188 14.50 14.55 -19.56
C ASN A 188 13.12 14.50 -18.93
N THR A 189 12.92 15.23 -17.83
CA THR A 189 11.65 15.18 -17.11
C THR A 189 10.50 15.69 -17.97
N PHE A 190 10.69 16.82 -18.63
CA PHE A 190 9.59 17.47 -19.35
C PHE A 190 9.12 16.65 -20.54
N MET A 191 10.01 15.88 -21.17
CA MET A 191 9.68 15.22 -22.42
C MET A 191 9.30 13.75 -22.28
N SER A 192 9.88 13.04 -21.30
CA SER A 192 9.70 11.60 -21.08
C SER A 192 10.40 10.82 -22.19
N PRO A 193 10.78 9.56 -21.95
CA PRO A 193 11.50 8.81 -22.99
C PRO A 193 10.65 8.50 -24.22
N TYR A 194 9.33 8.64 -24.14
CA TYR A 194 8.49 8.42 -25.31
C TYR A 194 8.69 9.48 -26.37
N PHE A 195 9.19 10.67 -25.99
CA PHE A 195 9.36 11.77 -26.92
C PHE A 195 10.79 12.21 -27.13
N GLN A 196 11.72 11.82 -26.25
CA GLN A 196 13.10 12.28 -26.37
C GLN A 196 14.02 11.27 -25.68
N ARG A 197 15.08 10.86 -26.39
CA ARG A 197 16.07 9.92 -25.88
C ARG A 197 17.44 10.60 -25.85
N PRO A 198 17.75 11.31 -24.76
CA PRO A 198 19.07 11.98 -24.67
C PRO A 198 20.26 11.06 -24.93
N LEU A 199 20.19 9.79 -24.51
CA LEU A 199 21.32 8.90 -24.68
C LEU A 199 21.62 8.65 -26.15
N ALA A 200 20.58 8.48 -26.97
CA ALA A 200 20.76 8.33 -28.41
C ALA A 200 21.23 9.61 -29.09
N LEU A 201 21.20 10.74 -28.39
CA LEU A 201 21.60 12.03 -28.95
C LEU A 201 22.96 12.50 -28.43
N GLY A 202 23.69 11.65 -27.73
CA GLY A 202 25.04 11.95 -27.30
C GLY A 202 25.20 12.12 -25.80
N ALA A 203 24.10 12.35 -25.07
CA ALA A 203 24.18 12.54 -23.63
C ALA A 203 24.76 11.30 -22.95
N ASP A 204 25.41 11.52 -21.82
CA ASP A 204 25.98 10.44 -21.02
C ASP A 204 25.00 9.92 -19.98
N ILE A 205 24.07 10.76 -19.52
CA ILE A 205 23.12 10.40 -18.49
C ILE A 205 21.75 10.96 -18.88
N SER A 206 20.73 10.11 -18.86
CA SER A 206 19.35 10.52 -19.01
C SER A 206 18.69 10.45 -17.64
N MET A 207 18.29 11.60 -17.12
CA MET A 207 17.78 11.73 -15.75
C MET A 207 16.34 12.21 -15.77
N TYR A 208 15.56 11.73 -14.80
CA TYR A 208 14.15 12.10 -14.70
C TYR A 208 13.79 12.41 -13.26
N SER A 209 12.90 13.38 -13.09
CA SER A 209 12.05 13.45 -11.91
C SER A 209 10.84 12.59 -12.22
N ALA A 210 10.84 11.35 -11.75
CA ALA A 210 9.76 10.43 -12.08
C ALA A 210 8.44 10.87 -11.48
N THR A 211 8.48 11.80 -10.53
CA THR A 211 7.28 12.39 -9.94
C THR A 211 6.33 12.97 -10.99
N LYS A 212 6.84 13.33 -12.17
CA LYS A 212 6.03 14.05 -13.14
C LYS A 212 5.32 13.15 -14.14
N TYR A 213 5.97 12.84 -15.26
CA TYR A 213 5.32 12.08 -16.33
C TYR A 213 5.54 10.57 -16.22
N MET A 214 6.74 10.15 -15.79
CA MET A 214 7.06 8.74 -15.69
C MET A 214 5.99 7.98 -14.91
N ASN A 215 5.79 8.36 -13.65
CA ASN A 215 4.69 7.81 -12.88
C ASN A 215 3.36 8.34 -13.40
N GLY A 216 3.26 9.66 -13.58
CA GLY A 216 2.13 10.28 -14.24
C GLY A 216 0.83 10.28 -13.47
N HIS A 217 0.85 9.91 -12.19
CA HIS A 217 -0.39 9.86 -11.41
C HIS A 217 -0.32 10.70 -10.14
N SER A 218 0.68 11.57 -10.01
CA SER A 218 0.73 12.57 -8.95
C SER A 218 0.65 11.94 -7.56
N ASP A 219 1.29 10.78 -7.40
CA ASP A 219 1.23 10.08 -6.13
C ASP A 219 2.53 9.36 -5.78
N VAL A 220 3.63 9.67 -6.45
CA VAL A 220 4.92 9.04 -6.19
C VAL A 220 6.00 10.09 -6.38
N VAL A 221 6.83 10.29 -5.35
CA VAL A 221 8.02 11.12 -5.44
C VAL A 221 9.21 10.19 -5.71
N MET A 222 9.89 10.41 -6.83
CA MET A 222 10.93 9.47 -7.24
C MET A 222 11.81 10.11 -8.31
N GLY A 223 13.06 9.67 -8.37
CA GLY A 223 13.98 10.06 -9.41
C GLY A 223 14.53 8.84 -10.12
N LEU A 224 14.93 9.02 -11.38
CA LEU A 224 15.45 7.94 -12.20
C LEU A 224 16.67 8.43 -12.96
N VAL A 225 17.65 7.55 -13.13
CA VAL A 225 18.90 7.86 -13.82
C VAL A 225 19.26 6.69 -14.73
N SER A 226 19.36 6.95 -16.03
CA SER A 226 19.72 5.94 -17.01
C SER A 226 21.10 6.24 -17.58
N VAL A 227 21.88 5.18 -17.86
CA VAL A 227 23.28 5.34 -18.21
C VAL A 227 23.70 4.14 -19.06
N ASN A 228 24.74 4.35 -19.88
CA ASN A 228 25.33 3.31 -20.71
C ASN A 228 26.75 2.95 -20.31
N CYS A 229 27.55 3.93 -19.90
CA CYS A 229 28.95 3.71 -19.58
C CYS A 229 29.09 2.79 -18.37
N GLU A 230 29.95 1.76 -18.50
CA GLU A 230 30.14 0.81 -17.40
C GLU A 230 30.77 1.48 -16.19
N SER A 231 31.88 2.19 -16.42
CA SER A 231 32.54 2.92 -15.33
C SER A 231 31.58 3.89 -14.65
N LEU A 232 30.80 4.63 -15.45
CA LEU A 232 29.88 5.61 -14.89
C LEU A 232 28.75 4.93 -14.13
N HIS A 233 28.33 3.74 -14.56
CA HIS A 233 27.27 3.03 -13.87
C HIS A 233 27.75 2.49 -12.53
N ASN A 234 28.94 1.88 -12.51
CA ASN A 234 29.48 1.34 -11.26
C ASN A 234 29.66 2.42 -10.21
N ARG A 235 30.07 3.63 -10.63
CA ARG A 235 30.23 4.72 -9.69
C ARG A 235 28.88 5.18 -9.16
N LEU A 236 27.87 5.27 -10.03
CA LEU A 236 26.53 5.64 -9.59
C LEU A 236 25.90 4.58 -8.70
N ARG A 237 26.11 3.30 -9.05
CA ARG A 237 25.54 2.22 -8.24
C ARG A 237 26.12 2.22 -6.84
N PHE A 238 27.43 2.44 -6.72
CA PHE A 238 28.07 2.55 -5.40
C PHE A 238 27.40 3.64 -4.56
N LEU A 239 27.12 4.79 -5.17
CA LEU A 239 26.55 5.91 -4.43
C LEU A 239 25.07 5.70 -4.10
N GLN A 240 24.35 4.96 -4.94
CA GLN A 240 22.95 4.63 -4.62
C GLN A 240 22.87 3.91 -3.28
N ASN A 241 23.72 2.91 -3.07
CA ASN A 241 23.71 2.18 -1.81
C ASN A 241 24.41 2.94 -0.68
N SER A 242 25.45 3.72 -1.01
CA SER A 242 26.23 4.38 0.03
C SER A 242 25.56 5.64 0.55
N LEU A 243 24.88 6.39 -0.32
CA LEU A 243 24.13 7.57 0.14
C LEU A 243 22.74 7.22 0.60
N GLY A 244 22.17 6.11 0.14
CA GLY A 244 20.92 5.61 0.68
C GLY A 244 19.70 6.42 0.37
N ALA A 245 19.74 7.27 -0.65
CA ALA A 245 18.55 8.03 -1.08
C ALA A 245 17.70 7.18 -2.03
N VAL A 246 17.23 6.05 -1.49
CA VAL A 246 16.56 5.03 -2.28
C VAL A 246 15.05 5.16 -2.13
N PRO A 247 14.27 4.73 -3.11
CA PRO A 247 12.80 4.81 -3.00
C PRO A 247 12.22 3.58 -2.33
N SER A 248 11.00 3.76 -1.82
CA SER A 248 10.26 2.63 -1.26
C SER A 248 9.91 1.63 -2.37
N PRO A 249 9.93 0.33 -2.08
CA PRO A 249 9.50 -0.65 -3.07
C PRO A 249 8.06 -0.47 -3.52
N ILE A 250 7.20 0.11 -2.67
CA ILE A 250 5.83 0.37 -3.09
C ILE A 250 5.77 1.46 -4.14
N ASP A 251 6.45 2.59 -3.88
CA ASP A 251 6.58 3.64 -4.87
C ASP A 251 7.11 3.10 -6.19
N CYS A 252 8.09 2.19 -6.13
CA CYS A 252 8.60 1.56 -7.34
C CYS A 252 7.50 0.82 -8.09
N TYR A 253 6.70 0.04 -7.37
CA TYR A 253 5.56 -0.64 -7.98
C TYR A 253 4.60 0.37 -8.60
N LEU A 254 4.24 1.41 -7.86
CA LEU A 254 3.30 2.40 -8.37
C LEU A 254 3.84 3.09 -9.62
N CYS A 255 5.13 3.42 -9.62
CA CYS A 255 5.73 4.04 -10.80
C CYS A 255 5.74 3.08 -11.98
N ASN A 256 6.14 1.83 -11.74
CA ASN A 256 6.11 0.82 -12.80
C ASN A 256 4.68 0.62 -13.33
N ARG A 257 3.67 0.78 -12.47
CA ARG A 257 2.30 0.69 -12.94
C ARG A 257 1.95 1.84 -13.87
N GLY A 258 2.39 3.05 -13.53
CA GLY A 258 2.13 4.20 -14.39
C GLY A 258 2.86 4.12 -15.72
N LEU A 259 4.04 3.51 -15.74
CA LEU A 259 4.78 3.35 -16.99
C LEU A 259 3.97 2.55 -18.02
N LYS A 260 3.13 1.64 -17.57
CA LYS A 260 2.38 0.77 -18.48
C LYS A 260 1.48 1.56 -19.42
N THR A 261 1.06 2.76 -19.03
CA THR A 261 0.21 3.61 -19.84
C THR A 261 0.92 4.87 -20.30
N LEU A 262 2.25 4.93 -20.19
CA LEU A 262 2.98 6.14 -20.56
C LEU A 262 2.72 6.52 -22.02
N HIS A 263 2.77 5.54 -22.93
CA HIS A 263 2.63 5.84 -24.35
C HIS A 263 1.26 6.43 -24.66
N VAL A 264 0.20 5.83 -24.12
CA VAL A 264 -1.14 6.35 -24.40
C VAL A 264 -1.38 7.65 -23.64
N ARG A 265 -0.73 7.83 -22.49
CA ARG A 265 -0.87 9.09 -21.76
C ARG A 265 -0.16 10.23 -22.49
N MET A 266 1.08 9.99 -22.93
CA MET A 266 1.86 11.04 -23.58
C MET A 266 1.22 11.50 -24.88
N GLU A 267 0.63 10.56 -25.64
CA GLU A 267 -0.04 10.93 -26.87
C GLU A 267 -1.20 11.88 -26.61
N LYS A 268 -1.94 11.66 -25.52
CA LYS A 268 -3.05 12.56 -25.19
C LYS A 268 -2.53 13.88 -24.64
N HIS A 269 -1.43 13.84 -23.87
CA HIS A 269 -0.79 15.09 -23.45
C HIS A 269 -0.38 15.92 -24.64
N PHE A 270 0.14 15.28 -25.69
CA PHE A 270 0.50 15.97 -26.92
C PHE A 270 -0.72 16.67 -27.53
N LYS A 271 -1.81 15.92 -27.71
CA LYS A 271 -2.99 16.48 -28.37
C LYS A 271 -3.60 17.61 -27.54
N ASN A 272 -3.78 17.40 -26.24
CA ASN A 272 -4.34 18.43 -25.38
C ASN A 272 -3.40 19.63 -25.25
N GLY A 273 -2.09 19.36 -25.14
CA GLY A 273 -1.13 20.45 -25.03
C GLY A 273 -1.12 21.34 -26.25
N MET A 274 -1.07 20.72 -27.44
CA MET A 274 -1.10 21.49 -28.68
C MET A 274 -2.36 22.34 -28.79
N ALA A 275 -3.52 21.75 -28.47
CA ALA A 275 -4.78 22.49 -28.57
C ALA A 275 -4.81 23.66 -27.60
N VAL A 276 -4.26 23.48 -26.40
CA VAL A 276 -4.23 24.57 -25.42
C VAL A 276 -3.24 25.65 -25.85
N ALA A 277 -2.08 25.25 -26.37
CA ALA A 277 -1.08 26.22 -26.79
C ALA A 277 -1.58 27.09 -27.94
N GLN A 278 -2.25 26.47 -28.93
CA GLN A 278 -2.78 27.23 -30.06
C GLN A 278 -3.88 28.19 -29.63
N PHE A 279 -4.75 27.75 -28.71
CA PHE A 279 -5.81 28.61 -28.22
C PHE A 279 -5.25 29.85 -27.52
N LEU A 280 -4.20 29.67 -26.71
CA LEU A 280 -3.66 30.80 -25.95
C LEU A 280 -2.95 31.79 -26.86
N GLU A 281 -2.29 31.31 -27.92
CA GLU A 281 -1.58 32.20 -28.82
C GLU A 281 -2.53 33.11 -29.59
N SER A 282 -3.72 32.62 -29.91
CA SER A 282 -4.75 33.41 -30.58
C SER A 282 -5.64 34.17 -29.60
N ASN A 283 -5.28 34.23 -28.32
CA ASN A 283 -6.13 34.87 -27.32
C ASN A 283 -5.71 36.33 -27.15
N PRO A 284 -6.66 37.28 -27.12
CA PRO A 284 -6.28 38.69 -27.05
C PRO A 284 -5.68 39.12 -25.72
N TRP A 285 -5.78 38.30 -24.68
CA TRP A 285 -5.25 38.64 -23.37
C TRP A 285 -4.03 37.80 -23.01
N VAL A 286 -3.32 37.29 -24.01
CA VAL A 286 -2.06 36.58 -23.84
C VAL A 286 -1.01 37.28 -24.67
N GLU A 287 0.06 37.74 -24.02
CA GLU A 287 1.11 38.45 -24.74
C GLU A 287 2.01 37.50 -25.53
N LYS A 288 2.33 36.34 -24.96
CA LYS A 288 3.25 35.42 -25.61
C LYS A 288 3.00 34.01 -25.09
N VAL A 289 3.25 33.02 -25.94
CA VAL A 289 3.07 31.61 -25.64
C VAL A 289 4.34 30.87 -26.01
N ILE A 290 4.86 30.09 -25.06
CA ILE A 290 6.05 29.28 -25.28
C ILE A 290 5.64 27.82 -25.26
N TYR A 291 5.65 27.18 -26.44
CA TYR A 291 5.34 25.76 -26.56
C TYR A 291 6.19 25.15 -27.66
N PRO A 292 7.02 24.14 -27.34
CA PRO A 292 7.91 23.54 -28.35
C PRO A 292 7.19 23.05 -29.59
N GLY A 293 5.89 22.76 -29.47
CA GLY A 293 5.13 22.28 -30.61
C GLY A 293 4.62 23.35 -31.55
N LEU A 294 4.68 24.61 -31.12
CA LEU A 294 4.22 25.68 -32.01
C LEU A 294 5.37 26.14 -32.90
N PRO A 295 5.08 26.51 -34.15
CA PRO A 295 6.13 27.09 -35.01
C PRO A 295 6.73 28.37 -34.45
N SER A 296 6.00 29.07 -33.58
CA SER A 296 6.50 30.30 -32.98
C SER A 296 7.63 30.06 -31.98
N HIS A 297 7.86 28.82 -31.58
CA HIS A 297 8.94 28.54 -30.63
C HIS A 297 10.28 28.72 -31.33
N PRO A 298 11.22 29.48 -30.74
CA PRO A 298 12.49 29.75 -31.43
C PRO A 298 13.25 28.50 -31.85
N GLN A 299 13.05 27.38 -31.16
CA GLN A 299 13.75 26.14 -31.47
C GLN A 299 12.80 25.06 -31.99
N HIS A 300 11.69 25.48 -32.61
CA HIS A 300 10.71 24.53 -33.14
C HIS A 300 11.38 23.50 -34.06
N GLU A 301 12.21 23.97 -34.99
CA GLU A 301 12.84 23.06 -35.94
C GLU A 301 13.83 22.13 -35.27
N LEU A 302 14.47 22.56 -34.18
CA LEU A 302 15.32 21.66 -33.42
C LEU A 302 14.50 20.61 -32.70
N VAL A 303 13.32 21.00 -32.18
CA VAL A 303 12.44 20.05 -31.51
C VAL A 303 12.07 18.90 -32.46
N LYS A 304 11.60 19.25 -33.66
CA LYS A 304 11.18 18.23 -34.60
C LYS A 304 12.34 17.34 -35.04
N ARG A 305 13.57 17.85 -34.97
CA ARG A 305 14.75 17.06 -35.29
C ARG A 305 15.18 16.18 -34.13
N GLN A 306 14.80 16.55 -32.90
CA GLN A 306 15.30 15.93 -31.70
C GLN A 306 14.21 15.23 -30.88
N CYS A 307 12.95 15.31 -31.30
CA CYS A 307 11.87 14.73 -30.54
C CYS A 307 10.86 14.06 -31.47
N THR A 308 10.19 13.04 -30.95
CA THR A 308 9.10 12.38 -31.67
C THR A 308 7.76 13.05 -31.40
N GLY A 309 7.74 14.06 -30.55
CA GLY A 309 6.50 14.75 -30.23
C GLY A 309 6.72 15.73 -29.10
N CYS A 310 5.62 16.26 -28.59
CA CYS A 310 5.65 17.22 -27.49
C CYS A 310 4.66 16.80 -26.41
N THR A 311 4.74 17.49 -25.28
CA THR A 311 3.99 17.14 -24.08
C THR A 311 2.96 18.24 -23.79
N GLY A 312 2.32 18.15 -22.62
CA GLY A 312 1.32 19.11 -22.19
C GLY A 312 1.83 20.31 -21.43
N MET A 313 3.15 20.51 -21.34
CA MET A 313 3.70 21.65 -20.63
C MET A 313 3.62 22.88 -21.54
N VAL A 314 2.78 23.84 -21.16
CA VAL A 314 2.57 25.06 -21.94
C VAL A 314 2.83 26.26 -21.02
N THR A 315 3.74 27.12 -21.42
CA THR A 315 4.07 28.34 -20.70
C THR A 315 3.59 29.55 -21.49
N PHE A 316 3.10 30.57 -20.80
CA PHE A 316 2.65 31.77 -21.48
C PHE A 316 2.69 32.96 -20.54
N TYR A 317 2.73 34.16 -21.14
CA TYR A 317 2.68 35.41 -20.42
C TYR A 317 1.29 36.01 -20.57
N ILE A 318 0.63 36.27 -19.44
CA ILE A 318 -0.66 36.96 -19.48
C ILE A 318 -0.40 38.45 -19.66
N LYS A 319 -1.34 39.13 -20.32
CA LYS A 319 -1.21 40.57 -20.51
C LYS A 319 -1.66 41.29 -19.24
N GLY A 320 -0.91 42.32 -18.87
CA GLY A 320 -1.21 43.05 -17.66
C GLY A 320 -0.13 42.98 -16.59
N THR A 321 -0.53 42.64 -15.37
CA THR A 321 0.33 42.71 -14.19
C THR A 321 0.19 41.44 -13.35
N LEU A 322 0.85 41.45 -12.21
CA LEU A 322 0.71 40.36 -11.24
C LEU A 322 -0.75 40.11 -10.89
N GLN A 323 -1.55 41.18 -10.77
CA GLN A 323 -2.93 41.04 -10.35
C GLN A 323 -3.77 40.28 -11.37
N HIS A 324 -3.43 40.38 -12.65
CA HIS A 324 -4.18 39.67 -13.66
C HIS A 324 -3.83 38.19 -13.66
N ALA A 325 -2.56 37.87 -13.43
CA ALA A 325 -2.17 36.46 -13.30
C ALA A 325 -2.85 35.83 -12.09
N GLU A 326 -2.85 36.52 -10.95
CA GLU A 326 -3.50 35.99 -9.75
C GLU A 326 -4.98 35.76 -9.97
N ILE A 327 -5.67 36.75 -10.53
CA ILE A 327 -7.12 36.62 -10.74
C ILE A 327 -7.41 35.50 -11.71
N PHE A 328 -6.64 35.41 -12.79
CA PHE A 328 -6.78 34.31 -13.75
C PHE A 328 -6.62 32.96 -13.06
N LEU A 329 -5.57 32.82 -12.24
CA LEU A 329 -5.29 31.53 -11.61
C LEU A 329 -6.37 31.12 -10.62
N LYS A 330 -7.03 32.07 -9.96
CA LYS A 330 -8.05 31.70 -8.99
C LYS A 330 -9.40 31.44 -9.63
N ASN A 331 -9.66 32.01 -10.80
CA ASN A 331 -10.91 31.80 -11.51
C ASN A 331 -10.91 30.53 -12.34
N LEU A 332 -9.80 29.78 -12.36
CA LEU A 332 -9.77 28.48 -13.00
C LEU A 332 -10.60 27.48 -12.20
N LYS A 333 -11.48 26.76 -12.89
CA LYS A 333 -12.40 25.83 -12.24
C LYS A 333 -12.10 24.37 -12.53
N LEU A 334 -11.28 24.08 -13.54
CA LEU A 334 -10.87 22.73 -13.88
C LEU A 334 -9.37 22.54 -13.69
N PHE A 335 -8.56 23.47 -14.23
CA PHE A 335 -7.16 23.55 -13.83
C PHE A 335 -7.06 23.77 -12.33
N THR A 336 -6.05 23.16 -11.70
CA THR A 336 -5.83 23.28 -10.27
C THR A 336 -4.55 24.07 -10.03
N LEU A 337 -4.65 25.13 -9.21
CA LEU A 337 -3.48 25.91 -8.83
C LEU A 337 -2.63 25.11 -7.85
N ALA A 338 -1.47 24.64 -8.29
CA ALA A 338 -0.62 23.78 -7.48
C ALA A 338 0.74 23.66 -8.16
N GLU A 339 1.71 23.16 -7.40
CA GLU A 339 3.03 22.85 -7.93
C GLU A 339 2.99 21.49 -8.61
N SER A 340 4.15 21.08 -9.16
CA SER A 340 4.35 19.81 -9.83
C SER A 340 3.73 19.83 -11.22
N LEU A 341 3.79 18.71 -11.93
CA LEU A 341 3.37 18.63 -13.33
C LEU A 341 3.37 17.17 -13.75
N GLY A 342 2.88 16.94 -14.97
CA GLY A 342 2.97 15.63 -15.59
C GLY A 342 1.90 14.63 -15.20
N GLY A 343 0.87 15.05 -14.46
CA GLY A 343 -0.17 14.15 -14.04
C GLY A 343 -1.37 14.14 -14.96
N PHE A 344 -2.31 13.23 -14.67
CA PHE A 344 -3.52 13.14 -15.47
C PHE A 344 -4.41 14.36 -15.30
N GLU A 345 -4.23 15.13 -14.23
CA GLU A 345 -5.03 16.31 -13.97
C GLU A 345 -4.28 17.56 -14.44
N SER A 346 -5.04 18.53 -14.91
CA SER A 346 -4.44 19.77 -15.41
C SER A 346 -4.04 20.67 -14.26
N LEU A 347 -2.87 21.31 -14.39
CA LEU A 347 -2.28 22.08 -13.32
C LEU A 347 -1.83 23.44 -13.82
N ALA A 348 -1.96 24.45 -12.97
CA ALA A 348 -1.54 25.81 -13.25
C ALA A 348 -0.74 26.35 -12.07
N GLU A 349 0.21 27.24 -12.36
CA GLU A 349 1.05 27.78 -11.30
C GLU A 349 1.71 29.07 -11.76
N LEU A 350 2.23 29.82 -10.79
CA LEU A 350 2.95 31.07 -11.02
C LEU A 350 4.39 30.87 -10.55
N PRO A 351 5.29 30.44 -11.44
CA PRO A 351 6.63 30.00 -10.99
C PRO A 351 7.41 31.01 -10.17
N ALA A 352 7.37 32.30 -10.51
CA ALA A 352 8.16 33.29 -9.79
C ALA A 352 7.88 33.25 -8.29
N ILE A 353 6.67 32.87 -7.90
CA ILE A 353 6.27 32.84 -6.50
C ILE A 353 6.20 31.42 -5.92
N MET A 354 6.10 30.39 -6.76
CA MET A 354 5.82 29.06 -6.26
C MET A 354 7.02 28.16 -6.52
N THR A 355 7.14 27.52 -7.69
CA THR A 355 8.19 26.54 -7.87
C THR A 355 9.57 27.17 -7.98
N HIS A 356 9.64 28.39 -8.50
CA HIS A 356 10.91 29.06 -8.76
C HIS A 356 11.14 30.25 -7.83
N ALA A 357 10.51 30.24 -6.65
CA ALA A 357 10.83 31.26 -5.66
C ALA A 357 12.21 31.07 -5.08
N SER A 358 12.79 29.87 -5.23
CA SER A 358 14.15 29.60 -4.76
C SER A 358 15.21 30.20 -5.67
N VAL A 359 14.85 30.69 -6.85
CA VAL A 359 15.79 31.38 -7.73
C VAL A 359 15.81 32.85 -7.34
N LEU A 360 17.00 33.45 -7.35
CA LEU A 360 17.12 34.85 -6.98
C LEU A 360 16.33 35.72 -7.94
N LYS A 361 15.66 36.74 -7.39
CA LYS A 361 14.84 37.63 -8.20
C LYS A 361 15.63 38.22 -9.35
N ASN A 362 16.89 38.62 -9.08
CA ASN A 362 17.76 39.12 -10.14
C ASN A 362 17.92 38.08 -11.25
N ASP A 363 18.09 36.81 -10.88
CA ASP A 363 18.22 35.76 -11.89
C ASP A 363 16.91 35.47 -12.59
N ARG A 364 15.78 35.66 -11.90
CA ARG A 364 14.47 35.48 -12.54
C ARG A 364 14.29 36.46 -13.69
N ASP A 365 14.60 37.74 -13.46
CA ASP A 365 14.40 38.76 -14.50
C ASP A 365 15.28 38.46 -15.71
N VAL A 366 16.53 38.05 -15.48
CA VAL A 366 17.41 37.71 -16.60
C VAL A 366 16.86 36.54 -17.40
N LEU A 367 16.21 35.60 -16.72
CA LEU A 367 15.67 34.41 -17.37
C LEU A 367 14.27 34.62 -17.95
N GLY A 368 13.58 35.67 -17.53
CA GLY A 368 12.22 35.91 -17.99
C GLY A 368 11.13 35.39 -17.08
N ILE A 369 11.50 34.80 -15.95
CA ILE A 369 10.51 34.29 -14.99
C ILE A 369 9.91 35.48 -14.26
N SER A 370 8.98 36.17 -14.93
CA SER A 370 8.40 37.40 -14.40
C SER A 370 7.15 37.09 -13.59
N ASP A 371 6.50 38.15 -13.10
CA ASP A 371 5.27 38.00 -12.35
C ASP A 371 4.07 37.70 -13.25
N THR A 372 4.25 37.73 -14.57
CA THR A 372 3.17 37.43 -15.51
C THR A 372 3.39 36.12 -16.25
N LEU A 373 4.46 35.39 -15.94
CA LEU A 373 4.71 34.09 -16.58
C LEU A 373 3.90 33.02 -15.86
N ILE A 374 3.01 32.37 -16.59
CA ILE A 374 2.17 31.31 -16.05
C ILE A 374 2.56 30.00 -16.73
N ARG A 375 2.73 28.95 -15.94
CA ARG A 375 3.08 27.62 -16.44
C ARG A 375 1.89 26.69 -16.28
N LEU A 376 1.55 25.97 -17.35
CA LEU A 376 0.44 25.03 -17.35
C LEU A 376 0.95 23.62 -17.62
N SER A 377 0.43 22.66 -16.85
CA SER A 377 0.65 21.24 -17.09
C SER A 377 -0.69 20.67 -17.54
N VAL A 378 -0.90 20.60 -18.86
CA VAL A 378 -2.19 20.21 -19.40
C VAL A 378 -2.38 18.71 -19.20
N GLY A 379 -3.49 18.35 -18.56
CA GLY A 379 -3.79 16.97 -18.23
C GLY A 379 -4.50 16.23 -19.35
N LEU A 380 -5.21 15.18 -18.97
CA LEU A 380 -5.89 14.30 -19.92
C LEU A 380 -7.40 14.51 -19.93
N GLU A 381 -7.90 15.60 -19.37
CA GLU A 381 -9.33 15.88 -19.39
C GLU A 381 -9.80 16.13 -20.82
N ASP A 382 -11.11 16.26 -20.98
CA ASP A 382 -11.69 16.52 -22.29
C ASP A 382 -11.22 17.88 -22.80
N GLU A 383 -10.86 17.91 -24.08
CA GLU A 383 -10.24 19.11 -24.67
C GLU A 383 -11.12 20.34 -24.51
N GLU A 384 -12.40 20.25 -24.88
CA GLU A 384 -13.26 21.42 -24.87
C GLU A 384 -13.44 21.97 -23.46
N ASP A 385 -13.44 21.09 -22.45
CA ASP A 385 -13.57 21.56 -21.07
C ASP A 385 -12.34 22.34 -20.63
N LEU A 386 -11.16 21.92 -21.09
CA LEU A 386 -9.94 22.63 -20.73
C LEU A 386 -9.88 24.00 -21.39
N LEU A 387 -10.28 24.10 -22.65
CA LEU A 387 -10.25 25.39 -23.34
C LEU A 387 -11.33 26.31 -22.81
N GLU A 388 -12.48 25.77 -22.40
CA GLU A 388 -13.53 26.59 -21.83
C GLU A 388 -13.17 27.11 -20.45
N ASP A 389 -12.35 26.36 -19.71
CA ASP A 389 -11.89 26.84 -18.41
C ASP A 389 -10.88 27.97 -18.56
N LEU A 390 -10.00 27.87 -19.54
CA LEU A 390 -9.04 28.95 -19.79
C LEU A 390 -9.74 30.20 -20.32
N ASP A 391 -10.69 30.02 -21.24
CA ASP A 391 -11.42 31.15 -21.79
C ASP A 391 -12.12 31.95 -20.71
N GLN A 392 -12.93 31.29 -19.87
CA GLN A 392 -13.68 32.00 -18.83
C GLN A 392 -12.75 32.64 -17.82
N ALA A 393 -11.59 32.04 -17.56
CA ALA A 393 -10.67 32.58 -16.57
C ALA A 393 -9.91 33.80 -17.09
N LEU A 394 -9.61 33.84 -18.39
CA LEU A 394 -8.94 35.00 -18.95
C LEU A 394 -9.86 36.21 -18.99
N LYS A 395 -11.13 36.01 -19.38
CA LYS A 395 -12.11 37.08 -19.29
C LYS A 395 -12.25 37.59 -17.87
N ALA A 396 -12.18 36.69 -16.89
CA ALA A 396 -12.27 37.08 -15.49
C ALA A 396 -11.18 38.07 -15.11
N ALA A 397 -10.01 37.94 -15.74
CA ALA A 397 -8.89 38.83 -15.47
C ALA A 397 -8.94 40.09 -16.31
N HIS A 398 -9.90 40.22 -17.21
CA HIS A 398 -9.99 41.35 -18.11
C HIS A 398 -11.43 41.58 -18.56
N GLY B 10 17.57 -2.31 38.49
CA GLY B 10 18.20 -1.08 38.96
C GLY B 10 18.50 -0.09 37.85
N PHE B 11 17.77 -0.20 36.76
CA PHE B 11 17.94 0.69 35.61
C PHE B 11 17.25 2.03 35.85
N LEU B 12 17.48 2.96 34.93
CA LEU B 12 16.76 4.22 34.94
C LEU B 12 15.26 3.96 34.90
N PRO B 13 14.44 4.72 35.62
CA PRO B 13 12.99 4.54 35.52
C PRO B 13 12.50 4.75 34.09
N HIS B 14 11.50 3.97 33.70
CA HIS B 14 11.01 4.03 32.34
C HIS B 14 10.45 5.41 32.04
N PHE B 15 10.52 5.80 30.77
CA PHE B 15 10.08 7.13 30.38
C PHE B 15 8.57 7.25 30.51
N GLN B 16 8.14 8.36 31.11
CA GLN B 16 6.73 8.55 31.47
C GLN B 16 5.89 8.85 30.24
N HIS B 17 4.69 8.25 30.20
CA HIS B 17 3.72 8.44 29.14
C HIS B 17 4.20 7.97 27.77
N PHE B 18 5.22 7.10 27.72
CA PHE B 18 5.78 6.69 26.44
C PHE B 18 4.72 6.04 25.55
N ALA B 19 4.04 5.02 26.07
CA ALA B 19 3.07 4.27 25.27
C ALA B 19 1.93 5.16 24.80
N THR B 20 1.38 5.98 25.70
CA THR B 20 0.29 6.88 25.32
C THR B 20 0.71 7.81 24.19
N GLN B 21 1.95 8.32 24.24
CA GLN B 21 2.41 9.22 23.19
C GLN B 21 2.67 8.47 21.88
N ALA B 22 3.23 7.26 21.97
CA ALA B 22 3.49 6.49 20.76
C ALA B 22 2.21 6.15 20.01
N ILE B 23 1.08 6.11 20.72
CA ILE B 23 -0.18 5.74 20.09
C ILE B 23 -0.99 6.96 19.63
N HIS B 24 -0.80 8.12 20.27
CA HIS B 24 -1.70 9.24 20.07
C HIS B 24 -1.04 10.49 19.51
N VAL B 25 0.26 10.71 19.74
CA VAL B 25 0.89 11.93 19.23
C VAL B 25 0.88 11.92 17.72
N GLY B 26 0.42 13.01 17.12
CA GLY B 26 0.28 13.11 15.69
C GLY B 26 -0.86 12.32 15.10
N GLN B 27 -1.61 11.58 15.91
CA GLN B 27 -2.71 10.74 15.43
C GLN B 27 -4.07 11.34 15.78
N ASP B 28 -4.13 12.64 16.06
CA ASP B 28 -5.36 13.28 16.49
C ASP B 28 -6.45 13.13 15.42
N PRO B 29 -7.59 12.51 15.73
CA PRO B 29 -8.63 12.34 14.71
C PRO B 29 -9.17 13.65 14.15
N GLU B 30 -9.17 14.73 14.94
CA GLU B 30 -9.73 15.99 14.47
C GLU B 30 -8.88 16.67 13.40
N GLN B 31 -7.71 16.10 13.06
CA GLN B 31 -6.94 16.62 11.94
C GLN B 31 -7.67 16.41 10.61
N TRP B 32 -8.56 15.43 10.54
CA TRP B 32 -9.16 14.98 9.29
C TRP B 32 -10.66 15.27 9.30
N THR B 33 -11.18 15.62 8.12
CA THR B 33 -12.63 15.84 7.99
C THR B 33 -13.41 14.61 8.38
N SER B 34 -12.88 13.43 8.06
CA SER B 34 -13.54 12.18 8.43
C SER B 34 -13.39 11.87 9.90
N ARG B 35 -12.50 12.58 10.60
CA ARG B 35 -12.22 12.30 12.01
C ARG B 35 -11.77 10.86 12.20
N ALA B 36 -11.02 10.32 11.24
CA ALA B 36 -10.53 8.96 11.31
C ALA B 36 -9.61 8.78 12.51
N VAL B 37 -9.65 7.57 13.10
CA VAL B 37 -8.84 7.30 14.28
C VAL B 37 -7.40 6.99 13.90
N VAL B 38 -7.17 6.50 12.69
CA VAL B 38 -5.84 6.24 12.16
C VAL B 38 -5.59 7.22 11.02
N PRO B 39 -4.45 7.91 11.00
CA PRO B 39 -4.18 8.88 9.93
C PRO B 39 -4.20 8.21 8.56
N PRO B 40 -4.83 8.85 7.57
CA PRO B 40 -4.83 8.29 6.22
C PRO B 40 -3.46 8.38 5.58
N ILE B 41 -3.29 7.58 4.52
CA ILE B 41 -2.08 7.61 3.72
C ILE B 41 -2.31 8.58 2.56
N SER B 42 -1.69 9.75 2.64
CA SER B 42 -1.82 10.78 1.61
C SER B 42 -0.66 10.64 0.64
N LEU B 43 -0.95 10.11 -0.55
CA LEU B 43 0.07 9.92 -1.58
C LEU B 43 0.24 11.14 -2.48
N SER B 44 -0.70 12.08 -2.44
CA SER B 44 -0.69 13.22 -3.35
C SER B 44 0.63 13.97 -3.32
N THR B 45 1.22 14.16 -4.50
CA THR B 45 2.48 14.87 -4.59
C THR B 45 2.30 16.37 -4.40
N THR B 46 1.13 16.91 -4.74
CA THR B 46 0.90 18.34 -4.68
C THR B 46 -0.47 18.61 -4.08
N PHE B 47 -0.72 19.89 -3.77
CA PHE B 47 -1.91 20.30 -3.03
C PHE B 47 -2.45 21.59 -3.62
N LYS B 48 -3.77 21.74 -3.56
CA LYS B 48 -4.40 22.94 -4.08
C LYS B 48 -4.11 24.14 -3.18
N GLN B 49 -3.87 25.29 -3.80
CA GLN B 49 -3.59 26.52 -3.09
C GLN B 49 -4.68 27.53 -3.41
N GLY B 50 -5.17 28.23 -2.38
CA GLY B 50 -6.20 29.24 -2.59
C GLY B 50 -5.72 30.47 -3.32
N ALA B 51 -4.41 30.71 -3.34
CA ALA B 51 -3.81 31.81 -4.06
C ALA B 51 -2.35 31.48 -4.32
N PRO B 52 -1.71 32.11 -5.32
CA PRO B 52 -0.30 31.80 -5.60
C PRO B 52 0.59 31.96 -4.39
N GLY B 53 1.16 30.86 -3.91
CA GLY B 53 2.00 30.89 -2.74
C GLY B 53 1.27 30.88 -1.42
N GLN B 54 -0.06 30.71 -1.43
CA GLN B 54 -0.86 30.71 -0.22
C GLN B 54 -1.44 29.31 -0.04
N HIS B 55 -0.68 28.46 0.62
CA HIS B 55 -1.09 27.09 0.86
C HIS B 55 -1.83 27.00 2.20
N SER B 56 -2.37 25.81 2.48
CA SER B 56 -3.01 25.52 3.75
C SER B 56 -2.15 24.62 4.62
N GLY B 57 -0.83 24.71 4.47
CA GLY B 57 0.11 23.89 5.22
C GLY B 57 0.94 22.99 4.35
N PHE B 58 0.50 22.68 3.13
CA PHE B 58 1.22 21.79 2.24
C PHE B 58 1.24 22.37 0.84
N GLU B 59 2.44 22.40 0.23
CA GLU B 59 2.63 22.84 -1.14
C GLU B 59 3.11 21.71 -2.05
N TYR B 60 4.03 20.89 -1.58
CA TYR B 60 4.64 19.84 -2.39
C TYR B 60 5.12 18.74 -1.47
N SER B 61 4.94 17.48 -1.89
CA SER B 61 5.14 16.35 -1.02
C SER B 61 6.55 16.31 -0.43
N ARG B 62 7.56 16.69 -1.24
CA ARG B 62 8.94 16.64 -0.76
C ARG B 62 9.14 17.58 0.43
N SER B 63 8.53 18.77 0.38
CA SER B 63 8.66 19.71 1.48
C SER B 63 7.94 19.20 2.73
N GLY B 64 6.78 18.57 2.53
CA GLY B 64 6.02 18.03 3.65
C GLY B 64 4.71 17.41 3.19
N ASN B 65 4.20 16.46 3.96
CA ASN B 65 2.94 15.80 3.64
C ASN B 65 2.34 15.26 4.93
N PRO B 66 1.02 15.09 4.99
CA PRO B 66 0.39 14.73 6.28
C PRO B 66 0.94 13.47 6.92
N THR B 67 1.04 12.37 6.16
CA THR B 67 1.42 11.10 6.76
C THR B 67 2.84 11.16 7.33
N ARG B 68 3.75 11.86 6.65
CA ARG B 68 5.12 11.98 7.15
C ARG B 68 5.18 12.89 8.37
N ASN B 69 4.46 14.01 8.34
CA ASN B 69 4.47 14.94 9.46
C ASN B 69 3.87 14.32 10.71
N CYS B 70 2.84 13.46 10.55
CA CYS B 70 2.28 12.74 11.68
C CYS B 70 3.34 11.84 12.31
N LEU B 71 4.09 11.11 11.48
CA LEU B 71 5.16 10.26 11.99
C LEU B 71 6.23 11.08 12.70
N GLU B 72 6.62 12.21 12.11
CA GLU B 72 7.67 13.04 12.71
C GLU B 72 7.26 13.55 14.07
N LYS B 73 6.00 13.96 14.23
CA LYS B 73 5.52 14.40 15.54
C LYS B 73 5.64 13.28 16.58
N ALA B 74 5.20 12.07 16.21
CA ALA B 74 5.23 10.95 17.14
C ALA B 74 6.66 10.64 17.60
N VAL B 75 7.59 10.51 16.66
CA VAL B 75 8.97 10.20 17.01
C VAL B 75 9.58 11.30 17.86
N ALA B 76 9.32 12.56 17.50
CA ALA B 76 9.81 13.69 18.29
C ALA B 76 9.38 13.57 19.75
N ALA B 77 8.11 13.23 19.99
CA ALA B 77 7.63 13.06 21.35
C ALA B 77 8.33 11.90 22.05
N LEU B 78 8.50 10.78 21.34
CA LEU B 78 9.16 9.63 21.94
C LEU B 78 10.61 9.93 22.27
N ASP B 79 11.25 10.84 21.54
CA ASP B 79 12.61 11.27 21.79
C ASP B 79 12.69 12.40 22.81
N GLY B 80 11.55 12.89 23.31
CA GLY B 80 11.58 14.10 24.11
C GLY B 80 12.06 15.31 23.35
N ALA B 81 11.95 15.28 22.03
CA ALA B 81 12.43 16.33 21.15
C ALA B 81 11.31 17.30 20.77
N LYS B 82 11.72 18.46 20.27
CA LYS B 82 10.79 19.42 19.70
C LYS B 82 10.48 19.14 18.25
N TYR B 83 11.44 18.58 17.52
CA TYR B 83 11.31 18.38 16.09
C TYR B 83 11.88 17.01 15.70
N CYS B 84 11.39 16.50 14.58
CA CYS B 84 11.92 15.27 14.00
C CYS B 84 11.79 15.34 12.48
N LEU B 85 12.73 14.70 11.80
CA LEU B 85 12.75 14.67 10.34
C LEU B 85 12.94 13.23 9.88
N ALA B 86 12.13 12.81 8.91
CA ALA B 86 12.22 11.48 8.34
C ALA B 86 12.96 11.51 7.01
N PHE B 87 13.64 10.40 6.71
CA PHE B 87 14.47 10.32 5.52
C PHE B 87 14.31 8.93 4.90
N ALA B 88 14.81 8.80 3.66
CA ALA B 88 14.63 7.56 2.91
C ALA B 88 15.35 6.39 3.55
N SER B 89 16.38 6.63 4.35
CA SER B 89 17.13 5.56 4.98
C SER B 89 17.99 6.16 6.09
N GLY B 90 18.59 5.28 6.89
CA GLY B 90 19.51 5.75 7.92
C GLY B 90 20.72 6.44 7.33
N LEU B 91 21.30 5.86 6.28
CA LEU B 91 22.41 6.51 5.59
C LEU B 91 22.00 7.86 5.02
N ALA B 92 20.80 7.94 4.43
CA ALA B 92 20.32 9.20 3.90
C ALA B 92 20.20 10.25 4.99
N ALA B 93 19.88 9.83 6.22
CA ALA B 93 19.88 10.76 7.35
C ALA B 93 21.30 11.15 7.72
N THR B 94 22.24 10.21 7.68
CA THR B 94 23.64 10.52 7.95
C THR B 94 24.19 11.51 6.93
N VAL B 95 23.88 11.29 5.64
CA VAL B 95 24.33 12.19 4.59
C VAL B 95 23.76 13.59 4.81
N THR B 96 22.47 13.69 5.09
CA THR B 96 21.83 14.98 5.29
C THR B 96 22.45 15.73 6.46
N ILE B 97 22.76 15.01 7.55
CA ILE B 97 23.40 15.64 8.69
C ILE B 97 24.80 16.13 8.32
N THR B 98 25.53 15.36 7.52
CA THR B 98 26.87 15.77 7.11
C THR B 98 26.81 17.04 6.26
N HIS B 99 25.78 17.18 5.43
CA HIS B 99 25.62 18.38 4.60
C HIS B 99 25.33 19.63 5.43
N LEU B 100 25.15 19.49 6.75
CA LEU B 100 25.04 20.65 7.63
C LEU B 100 26.34 21.44 7.69
N LEU B 101 27.46 20.83 7.34
CA LEU B 101 28.77 21.45 7.48
C LEU B 101 29.18 22.11 6.16
N LYS B 102 30.44 22.52 6.08
CA LYS B 102 30.99 23.15 4.88
C LYS B 102 32.42 22.69 4.71
N ALA B 103 32.93 22.84 3.49
CA ALA B 103 34.32 22.49 3.20
C ALA B 103 35.27 23.16 4.18
N GLY B 104 36.25 22.39 4.65
CA GLY B 104 37.19 22.83 5.66
C GLY B 104 36.86 22.34 7.06
N ASP B 105 35.61 21.95 7.31
CA ASP B 105 35.22 21.47 8.62
C ASP B 105 35.76 20.06 8.86
N GLN B 106 35.74 19.66 10.13
CA GLN B 106 36.23 18.36 10.55
C GLN B 106 35.12 17.56 11.20
N ILE B 107 35.15 16.24 11.02
CA ILE B 107 34.20 15.31 11.61
C ILE B 107 34.96 14.30 12.46
N ILE B 108 34.53 14.15 13.70
CA ILE B 108 35.02 13.08 14.58
C ILE B 108 33.95 12.00 14.63
N CYS B 109 34.33 10.78 14.25
CA CYS B 109 33.41 9.65 14.23
C CYS B 109 33.89 8.59 15.21
N MET B 110 32.94 7.94 15.88
CA MET B 110 33.26 6.83 16.76
C MET B 110 34.05 5.77 16.00
N ASP B 111 35.06 5.20 16.66
CA ASP B 111 35.95 4.27 15.97
C ASP B 111 35.19 3.03 15.50
N ASP B 112 34.30 2.50 16.33
CA ASP B 112 33.46 1.36 15.97
C ASP B 112 32.08 1.88 15.61
N VAL B 113 31.71 1.77 14.33
CA VAL B 113 30.46 2.33 13.83
C VAL B 113 29.97 1.39 12.73
N TYR B 114 28.68 1.54 12.37
CA TYR B 114 28.12 0.72 11.31
C TYR B 114 28.92 0.86 10.04
N GLY B 115 29.15 -0.27 9.36
CA GLY B 115 30.00 -0.28 8.18
C GLY B 115 29.66 0.80 7.17
N GLY B 116 28.38 0.97 6.86
CA GLY B 116 27.99 1.98 5.91
C GLY B 116 28.30 3.39 6.38
N THR B 117 28.14 3.65 7.67
CA THR B 117 28.47 4.96 8.22
C THR B 117 29.97 5.26 8.11
N ASN B 118 30.81 4.28 8.45
CA ASN B 118 32.24 4.45 8.26
C ASN B 118 32.57 4.62 6.78
N ARG B 119 31.98 3.80 5.92
CA ARG B 119 32.26 3.87 4.49
C ARG B 119 31.92 5.24 3.92
N TYR B 120 30.78 5.80 4.32
CA TYR B 120 30.38 7.10 3.79
C TYR B 120 31.39 8.19 4.17
N PHE B 121 31.66 8.33 5.47
CA PHE B 121 32.63 9.33 5.92
C PHE B 121 33.98 9.10 5.27
N ARG B 122 34.44 7.84 5.23
CA ARG B 122 35.80 7.54 4.82
C ARG B 122 35.98 7.73 3.31
N GLN B 123 35.04 7.24 2.50
CA GLN B 123 35.22 7.18 1.07
C GLN B 123 34.46 8.25 0.29
N VAL B 124 33.52 8.95 0.92
CA VAL B 124 32.68 9.89 0.19
C VAL B 124 32.82 11.29 0.78
N ALA B 125 32.42 11.45 2.05
CA ALA B 125 32.45 12.78 2.68
C ALA B 125 33.85 13.37 2.67
N SER B 126 34.87 12.53 2.82
CA SER B 126 36.25 13.02 2.83
C SER B 126 36.66 13.63 1.50
N GLU B 127 36.00 13.27 0.41
CA GLU B 127 36.36 13.79 -0.92
C GLU B 127 35.79 15.17 -1.19
N PHE B 128 35.07 15.77 -0.26
CA PHE B 128 34.40 17.05 -0.47
C PHE B 128 34.81 18.06 0.59
N GLY B 129 36.10 18.16 0.86
CA GLY B 129 36.61 19.18 1.75
C GLY B 129 36.31 18.97 3.22
N LEU B 130 36.06 17.73 3.64
CA LEU B 130 35.79 17.41 5.04
C LEU B 130 36.83 16.40 5.50
N LYS B 131 37.42 16.65 6.68
CA LYS B 131 38.39 15.75 7.26
C LYS B 131 37.71 14.85 8.28
N ILE B 132 37.94 13.54 8.17
CA ILE B 132 37.30 12.55 9.02
C ILE B 132 38.36 12.00 9.97
N SER B 133 38.02 11.96 11.26
CA SER B 133 38.91 11.43 12.28
C SER B 133 38.14 10.41 13.10
N PHE B 134 38.65 9.17 13.14
CA PHE B 134 38.05 8.10 13.92
C PHE B 134 38.74 8.02 15.28
N VAL B 135 37.96 8.16 16.35
CA VAL B 135 38.47 8.18 17.71
C VAL B 135 37.60 7.28 18.57
N ASP B 136 38.23 6.56 19.51
CA ASP B 136 37.52 5.70 20.45
C ASP B 136 36.94 6.60 21.54
N CYS B 137 35.76 7.15 21.28
CA CYS B 137 35.12 8.06 22.22
C CYS B 137 34.52 7.34 23.43
N SER B 138 34.58 6.01 23.47
CA SER B 138 34.19 5.31 24.69
C SER B 138 35.18 5.57 25.82
N LYS B 139 36.44 5.82 25.48
CA LYS B 139 37.41 6.33 26.43
C LYS B 139 37.42 7.84 26.27
N ILE B 140 36.74 8.56 27.19
CA ILE B 140 36.34 9.95 26.93
C ILE B 140 37.54 10.90 26.84
N LYS B 141 38.70 10.58 27.43
CA LYS B 141 39.83 11.49 27.32
C LYS B 141 40.33 11.62 25.89
N LEU B 142 40.21 10.57 25.08
CA LEU B 142 40.66 10.63 23.70
C LEU B 142 39.80 11.59 22.86
N LEU B 143 38.52 11.72 23.17
CA LEU B 143 37.67 12.67 22.45
C LEU B 143 38.11 14.11 22.73
N GLU B 144 38.34 14.44 24.00
CA GLU B 144 38.78 15.79 24.36
C GLU B 144 40.10 16.14 23.68
N ALA B 145 41.00 15.17 23.58
CA ALA B 145 42.30 15.42 22.95
C ALA B 145 42.18 15.61 21.45
N ALA B 146 41.24 14.91 20.80
CA ALA B 146 41.12 14.93 19.35
C ALA B 146 40.38 16.14 18.81
N ILE B 147 39.68 16.89 19.65
CA ILE B 147 38.92 18.05 19.18
C ILE B 147 39.87 19.12 18.68
N THR B 148 39.45 19.80 17.61
CA THR B 148 40.23 20.80 16.90
C THR B 148 39.33 22.01 16.67
N PRO B 149 39.91 23.19 16.44
CA PRO B 149 39.05 24.36 16.11
C PRO B 149 38.19 24.16 14.88
N GLU B 150 38.55 23.23 14.00
CA GLU B 150 37.72 22.94 12.83
C GLU B 150 36.67 21.87 13.09
N THR B 151 36.70 21.23 14.26
CA THR B 151 35.69 20.23 14.58
C THR B 151 34.32 20.89 14.68
N LYS B 152 33.39 20.44 13.85
CA LYS B 152 32.02 20.95 13.90
C LYS B 152 31.00 19.87 14.23
N LEU B 153 31.36 18.60 14.13
CA LEU B 153 30.40 17.52 14.33
C LEU B 153 31.09 16.32 14.94
N VAL B 154 30.51 15.77 16.01
CA VAL B 154 30.97 14.53 16.63
C VAL B 154 29.87 13.49 16.50
N TRP B 155 30.19 12.37 15.85
CA TRP B 155 29.23 11.31 15.55
C TRP B 155 29.57 10.05 16.35
N ILE B 156 28.63 9.63 17.19
CA ILE B 156 28.77 8.49 18.09
C ILE B 156 27.61 7.52 17.88
N GLU B 157 27.95 6.24 18.04
CA GLU B 157 27.01 5.14 18.24
C GLU B 157 27.19 4.62 19.65
N THR B 158 26.09 4.31 20.33
CA THR B 158 26.16 3.67 21.63
C THR B 158 24.86 2.94 21.92
N PRO B 159 24.89 1.63 22.13
CA PRO B 159 26.06 0.76 21.97
C PRO B 159 26.53 0.67 20.51
N THR B 160 27.83 0.49 20.32
CA THR B 160 28.39 0.46 18.98
C THR B 160 28.01 -0.84 18.26
N ASN B 161 28.03 -0.77 16.93
CA ASN B 161 27.71 -1.94 16.10
C ASN B 161 29.00 -2.45 15.48
N PRO B 162 29.42 -3.70 15.74
CA PRO B 162 28.76 -4.74 16.54
C PRO B 162 29.36 -4.98 17.92
N THR B 163 30.49 -4.36 18.23
CA THR B 163 31.17 -4.65 19.50
C THR B 163 30.40 -4.15 20.70
N GLN B 164 29.45 -3.23 20.50
CA GLN B 164 28.56 -2.73 21.56
C GLN B 164 29.35 -2.14 22.74
N LYS B 165 30.35 -1.33 22.40
CA LYS B 165 30.95 -0.45 23.40
C LYS B 165 29.97 0.68 23.71
N VAL B 166 29.95 1.11 24.97
CA VAL B 166 28.99 2.09 25.46
C VAL B 166 29.73 3.40 25.71
N ILE B 167 29.06 4.51 25.41
CA ILE B 167 29.66 5.83 25.50
C ILE B 167 28.85 6.65 26.50
N ASP B 168 29.55 7.30 27.43
CA ASP B 168 28.90 8.22 28.35
C ASP B 168 28.44 9.43 27.54
N ILE B 169 27.15 9.45 27.19
CA ILE B 169 26.61 10.51 26.35
C ILE B 169 26.70 11.85 27.08
N GLU B 170 26.31 11.88 28.36
CA GLU B 170 26.36 13.12 29.11
C GLU B 170 27.80 13.61 29.28
N GLY B 171 28.75 12.69 29.45
CA GLY B 171 30.14 13.07 29.53
C GLY B 171 30.65 13.70 28.24
N CYS B 172 30.38 13.04 27.11
CA CYS B 172 30.83 13.56 25.82
C CYS B 172 30.17 14.90 25.50
N ALA B 173 28.89 15.06 25.88
CA ALA B 173 28.22 16.33 25.63
C ALA B 173 28.89 17.47 26.39
N HIS B 174 29.27 17.22 27.64
CA HIS B 174 30.04 18.20 28.41
C HIS B 174 31.28 18.64 27.65
N ILE B 175 32.09 17.68 27.21
CA ILE B 175 33.33 18.00 26.49
C ILE B 175 33.03 18.79 25.22
N VAL B 176 32.21 18.22 24.33
CA VAL B 176 32.02 18.82 23.01
C VAL B 176 31.43 20.21 23.12
N HIS B 177 30.55 20.45 24.10
CA HIS B 177 29.86 21.72 24.18
C HIS B 177 30.68 22.81 24.86
N LYS B 178 31.86 22.47 25.41
CA LYS B 178 32.76 23.51 25.91
C LYS B 178 33.41 24.27 24.76
N HIS B 179 33.52 23.64 23.58
CA HIS B 179 34.21 24.24 22.45
C HIS B 179 33.27 25.01 21.53
N GLY B 180 32.03 25.26 21.96
CA GLY B 180 31.14 26.16 21.24
C GLY B 180 30.25 25.41 20.24
N ASP B 181 30.53 25.64 18.95
CA ASP B 181 29.64 25.22 17.88
C ASP B 181 30.06 23.86 17.32
N ILE B 182 29.88 22.83 18.14
CA ILE B 182 30.12 21.45 17.75
C ILE B 182 28.83 20.66 17.94
N ILE B 183 28.43 19.93 16.90
CA ILE B 183 27.21 19.12 16.94
C ILE B 183 27.54 17.73 17.43
N LEU B 184 26.78 17.25 18.41
CA LEU B 184 26.90 15.90 18.93
C LEU B 184 25.70 15.07 18.48
N VAL B 185 25.95 14.06 17.66
CA VAL B 185 24.92 13.16 17.16
C VAL B 185 25.08 11.82 17.88
N VAL B 186 23.95 11.25 18.31
CA VAL B 186 23.93 9.92 18.88
C VAL B 186 23.01 9.05 18.00
N ASP B 187 23.60 8.05 17.36
CA ASP B 187 22.85 7.06 16.59
C ASP B 187 22.22 6.10 17.59
N ASN B 188 20.95 6.34 17.92
CA ASN B 188 20.25 5.57 18.94
C ASN B 188 19.52 4.36 18.36
N THR B 189 20.03 3.80 17.27
CA THR B 189 19.36 2.70 16.59
C THR B 189 19.28 1.46 17.48
N PHE B 190 20.38 1.09 18.12
CA PHE B 190 20.44 -0.17 18.85
C PHE B 190 19.50 -0.18 20.05
N MET B 191 19.27 0.97 20.68
CA MET B 191 18.52 1.03 21.93
C MET B 191 17.07 1.42 21.77
N SER B 192 16.75 2.27 20.77
CA SER B 192 15.42 2.84 20.55
C SER B 192 15.10 3.84 21.65
N PRO B 193 14.21 4.81 21.41
CA PRO B 193 13.93 5.81 22.46
C PRO B 193 13.24 5.24 23.67
N TYR B 194 12.70 4.02 23.60
CA TYR B 194 12.10 3.41 24.77
C TYR B 194 13.13 3.07 25.84
N PHE B 195 14.39 2.93 25.46
CA PHE B 195 15.45 2.56 26.39
C PHE B 195 16.53 3.61 26.57
N GLN B 196 16.63 4.59 25.69
CA GLN B 196 17.69 5.58 25.78
C GLN B 196 17.26 6.86 25.08
N ARG B 197 17.40 7.99 25.77
CA ARG B 197 17.05 9.30 25.23
C ARG B 197 18.30 10.17 25.21
N PRO B 198 19.11 10.09 24.15
CA PRO B 198 20.33 10.91 24.08
C PRO B 198 20.10 12.40 24.28
N LEU B 199 18.96 12.93 23.81
CA LEU B 199 18.70 14.35 23.92
C LEU B 199 18.57 14.79 25.38
N ALA B 200 17.92 13.97 26.20
CA ALA B 200 17.81 14.26 27.63
C ALA B 200 19.13 14.15 28.35
N LEU B 201 20.16 13.58 27.71
CA LEU B 201 21.48 13.42 28.32
C LEU B 201 22.51 14.37 27.73
N GLY B 202 22.10 15.36 26.94
CA GLY B 202 22.99 16.39 26.43
C GLY B 202 23.22 16.37 24.93
N ALA B 203 22.89 15.26 24.26
CA ALA B 203 23.12 15.18 22.81
C ALA B 203 22.32 16.27 22.09
N ASP B 204 22.85 16.70 20.93
CA ASP B 204 22.16 17.68 20.11
C ASP B 204 21.24 17.05 19.09
N ILE B 205 21.53 15.82 18.67
CA ILE B 205 20.75 15.12 17.66
C ILE B 205 20.59 13.67 18.08
N SER B 206 19.36 13.18 18.07
CA SER B 206 19.07 11.77 18.26
C SER B 206 18.67 11.20 16.91
N MET B 207 19.48 10.29 16.40
CA MET B 207 19.32 9.76 15.05
C MET B 207 19.05 8.27 15.11
N TYR B 208 18.23 7.79 14.17
CA TYR B 208 17.86 6.39 14.10
C TYR B 208 17.93 5.90 12.66
N SER B 209 18.34 4.65 12.52
CA SER B 209 17.98 3.86 11.34
C SER B 209 16.63 3.24 11.68
N ALA B 210 15.55 3.86 11.20
CA ALA B 210 14.21 3.42 11.56
C ALA B 210 13.89 2.03 11.04
N THR B 211 14.70 1.53 10.09
CA THR B 211 14.57 0.18 9.57
C THR B 211 14.64 -0.90 10.65
N LYS B 212 15.25 -0.60 11.80
CA LYS B 212 15.55 -1.66 12.78
C LYS B 212 14.45 -1.89 13.82
N TYR B 213 14.50 -1.18 14.95
CA TYR B 213 13.53 -1.40 16.02
C TYR B 213 12.34 -0.46 15.93
N MET B 214 12.59 0.77 15.49
CA MET B 214 11.56 1.79 15.38
C MET B 214 10.34 1.27 14.64
N ASN B 215 10.53 0.88 13.37
CA ASN B 215 9.47 0.22 12.63
C ASN B 215 9.26 -1.20 13.16
N GLY B 216 10.34 -1.96 13.28
CA GLY B 216 10.32 -3.27 13.93
C GLY B 216 9.64 -4.38 13.18
N HIS B 217 9.28 -4.19 11.91
CA HIS B 217 8.59 -5.23 11.15
C HIS B 217 9.32 -5.60 9.87
N SER B 218 10.58 -5.19 9.70
CA SER B 218 11.45 -5.65 8.62
C SER B 218 10.82 -5.41 7.25
N ASP B 219 10.13 -4.26 7.10
CA ASP B 219 9.49 -3.97 5.83
C ASP B 219 9.49 -2.50 5.47
N VAL B 220 10.32 -1.69 6.12
CA VAL B 220 10.43 -0.26 5.84
C VAL B 220 11.88 0.15 6.01
N VAL B 221 12.46 0.74 4.97
CA VAL B 221 13.78 1.34 5.03
C VAL B 221 13.60 2.83 5.25
N MET B 222 14.14 3.34 6.36
CA MET B 222 13.86 4.72 6.75
C MET B 222 14.87 5.17 7.80
N GLY B 223 15.14 6.48 7.79
CA GLY B 223 15.97 7.09 8.82
C GLY B 223 15.22 8.23 9.48
N LEU B 224 15.57 8.50 10.74
CA LEU B 224 14.93 9.54 11.53
C LEU B 224 15.98 10.31 12.31
N VAL B 225 15.74 11.61 12.47
CA VAL B 225 16.64 12.52 13.21
C VAL B 225 15.77 13.45 14.05
N SER B 226 16.00 13.46 15.37
CA SER B 226 15.25 14.30 16.29
C SER B 226 16.18 15.36 16.87
N VAL B 227 15.67 16.58 17.10
CA VAL B 227 16.55 17.67 17.48
C VAL B 227 15.73 18.62 18.35
N ASN B 228 16.41 19.41 19.16
CA ASN B 228 15.74 20.44 19.94
C ASN B 228 16.09 21.85 19.51
N CYS B 229 17.33 22.07 19.06
CA CYS B 229 17.78 23.41 18.72
C CYS B 229 17.00 23.97 17.52
N GLU B 230 16.51 25.20 17.67
CA GLU B 230 15.71 25.82 16.61
C GLU B 230 16.54 26.08 15.36
N SER B 231 17.70 26.72 15.53
CA SER B 231 18.60 26.95 14.40
C SER B 231 18.98 25.65 13.72
N LEU B 232 19.30 24.61 14.50
CA LEU B 232 19.73 23.34 13.93
C LEU B 232 18.58 22.65 13.20
N HIS B 233 17.34 22.83 13.66
CA HIS B 233 16.21 22.21 12.99
C HIS B 233 15.93 22.87 11.65
N ASN B 234 15.97 24.22 11.59
CA ASN B 234 15.73 24.92 10.34
C ASN B 234 16.78 24.53 9.29
N ARG B 235 18.03 24.34 9.72
CA ARG B 235 19.06 23.92 8.78
C ARG B 235 18.82 22.50 8.29
N LEU B 236 18.41 21.60 9.18
CA LEU B 236 18.10 20.24 8.77
C LEU B 236 16.85 20.19 7.89
N ARG B 237 15.84 20.99 8.24
CA ARG B 237 14.62 21.02 7.44
C ARG B 237 14.89 21.54 6.04
N PHE B 238 15.72 22.57 5.91
CA PHE B 238 16.11 23.06 4.60
C PHE B 238 16.75 21.95 3.77
N LEU B 239 17.62 21.15 4.39
CA LEU B 239 18.32 20.10 3.66
C LEU B 239 17.42 18.90 3.36
N GLN B 240 16.42 18.65 4.20
CA GLN B 240 15.45 17.59 3.91
C GLN B 240 14.77 17.84 2.57
N ASN B 241 14.31 19.08 2.35
CA ASN B 241 13.66 19.43 1.10
C ASN B 241 14.64 19.66 -0.04
N SER B 242 15.84 20.18 0.27
CA SER B 242 16.78 20.55 -0.79
C SER B 242 17.54 19.35 -1.33
N LEU B 243 17.86 18.38 -0.47
CA LEU B 243 18.51 17.16 -0.92
C LEU B 243 17.51 16.09 -1.37
N GLY B 244 16.28 16.15 -0.89
CA GLY B 244 15.23 15.29 -1.38
C GLY B 244 15.35 13.83 -1.05
N ALA B 245 16.14 13.47 -0.04
CA ALA B 245 16.24 12.08 0.40
C ALA B 245 15.10 11.77 1.38
N VAL B 246 13.88 11.90 0.86
CA VAL B 246 12.67 11.84 1.67
C VAL B 246 12.05 10.44 1.57
N PRO B 247 11.32 9.99 2.59
CA PRO B 247 10.69 8.67 2.53
C PRO B 247 9.32 8.72 1.88
N SER B 248 8.88 7.55 1.42
CA SER B 248 7.54 7.42 0.89
C SER B 248 6.50 7.64 1.98
N PRO B 249 5.37 8.28 1.67
CA PRO B 249 4.32 8.43 2.68
C PRO B 249 3.75 7.11 3.18
N ILE B 250 3.78 6.05 2.36
CA ILE B 250 3.30 4.75 2.82
C ILE B 250 4.26 4.17 3.85
N ASP B 251 5.57 4.18 3.53
CA ASP B 251 6.57 3.77 4.51
C ASP B 251 6.42 4.54 5.81
N CYS B 252 6.11 5.85 5.72
CA CYS B 252 5.84 6.63 6.91
C CYS B 252 4.66 6.06 7.69
N TYR B 253 3.57 5.75 6.99
CA TYR B 253 2.43 5.12 7.65
C TYR B 253 2.83 3.80 8.30
N LEU B 254 3.54 2.94 7.55
CA LEU B 254 3.94 1.65 8.09
C LEU B 254 4.85 1.81 9.30
N CYS B 255 5.77 2.77 9.25
CA CYS B 255 6.64 3.02 10.40
C CYS B 255 5.85 3.54 11.60
N ASN B 256 4.94 4.49 11.36
CA ASN B 256 4.07 4.96 12.43
C ASN B 256 3.22 3.84 13.00
N ARG B 257 2.85 2.87 12.15
CA ARG B 257 2.10 1.71 12.63
C ARG B 257 2.94 0.85 13.55
N GLY B 258 4.22 0.66 13.22
CA GLY B 258 5.10 -0.11 14.07
C GLY B 258 5.39 0.56 15.40
N LEU B 259 5.40 1.90 15.42
CA LEU B 259 5.63 2.62 16.66
C LEU B 259 4.57 2.29 17.72
N LYS B 260 3.35 1.97 17.29
CA LYS B 260 2.26 1.75 18.23
C LYS B 260 2.53 0.59 19.17
N THR B 261 3.38 -0.35 18.75
CA THR B 261 3.72 -1.51 19.57
C THR B 261 5.18 -1.50 20.02
N LEU B 262 5.88 -0.37 19.88
CA LEU B 262 7.29 -0.31 20.26
C LEU B 262 7.48 -0.71 21.72
N HIS B 263 6.66 -0.16 22.62
CA HIS B 263 6.84 -0.41 24.04
C HIS B 263 6.69 -1.89 24.38
N VAL B 264 5.67 -2.55 23.83
CA VAL B 264 5.47 -3.96 24.13
C VAL B 264 6.50 -4.83 23.41
N ARG B 265 6.97 -4.38 22.24
CA ARG B 265 7.99 -5.14 21.53
C ARG B 265 9.34 -5.06 22.23
N MET B 266 9.75 -3.86 22.65
CA MET B 266 11.05 -3.68 23.27
C MET B 266 11.15 -4.45 24.58
N GLU B 267 10.06 -4.48 25.35
CA GLU B 267 10.08 -5.20 26.61
C GLU B 267 10.33 -6.69 26.40
N LYS B 268 9.76 -7.26 25.32
CA LYS B 268 9.99 -8.67 25.04
C LYS B 268 11.39 -8.91 24.49
N HIS B 269 11.90 -7.97 23.70
CA HIS B 269 13.30 -8.05 23.25
C HIS B 269 14.25 -8.09 24.44
N PHE B 270 13.97 -7.27 25.46
CA PHE B 270 14.78 -7.27 26.67
C PHE B 270 14.79 -8.65 27.33
N LYS B 271 13.60 -9.21 27.59
CA LYS B 271 13.51 -10.47 28.31
C LYS B 271 14.18 -11.60 27.54
N ASN B 272 13.86 -11.71 26.24
CA ASN B 272 14.46 -12.76 25.43
C ASN B 272 15.96 -12.54 25.25
N GLY B 273 16.36 -11.28 25.07
CA GLY B 273 17.78 -10.98 24.93
C GLY B 273 18.58 -11.33 26.15
N MET B 274 18.09 -10.94 27.33
CA MET B 274 18.76 -11.29 28.58
C MET B 274 18.89 -12.80 28.75
N ALA B 275 17.80 -13.54 28.48
CA ALA B 275 17.85 -14.99 28.63
C ALA B 275 18.86 -15.60 27.67
N VAL B 276 18.97 -15.05 26.46
CA VAL B 276 19.95 -15.56 25.50
C VAL B 276 21.35 -15.17 25.93
N ALA B 277 21.54 -13.94 26.43
CA ALA B 277 22.86 -13.50 26.85
C ALA B 277 23.35 -14.30 28.04
N GLN B 278 22.47 -14.57 29.02
CA GLN B 278 22.87 -15.39 30.16
C GLN B 278 23.16 -16.82 29.74
N PHE B 279 22.35 -17.37 28.83
CA PHE B 279 22.58 -18.72 28.34
C PHE B 279 23.92 -18.86 27.62
N LEU B 280 24.23 -17.90 26.75
CA LEU B 280 25.46 -18.00 25.97
C LEU B 280 26.69 -17.77 26.83
N GLU B 281 26.59 -16.88 27.82
CA GLU B 281 27.74 -16.63 28.69
C GLU B 281 28.07 -17.86 29.51
N SER B 282 27.06 -18.64 29.88
CA SER B 282 27.24 -19.90 30.60
C SER B 282 27.44 -21.10 29.67
N ASN B 283 27.66 -20.86 28.36
CA ASN B 283 27.80 -21.95 27.39
C ASN B 283 29.28 -22.32 27.24
N PRO B 284 29.62 -23.61 27.24
CA PRO B 284 31.04 -23.99 27.22
C PRO B 284 31.77 -23.67 25.92
N TRP B 285 31.04 -23.39 24.84
CA TRP B 285 31.67 -23.09 23.55
C TRP B 285 31.47 -21.65 23.11
N VAL B 286 31.35 -20.73 24.07
CA VAL B 286 31.26 -19.29 23.78
C VAL B 286 32.41 -18.58 24.51
N GLU B 287 33.27 -17.90 23.73
CA GLU B 287 34.46 -17.26 24.30
C GLU B 287 34.12 -16.00 25.10
N LYS B 288 33.22 -15.15 24.59
CA LYS B 288 32.76 -13.96 25.34
C LYS B 288 31.37 -13.63 24.84
N VAL B 289 30.64 -12.95 25.71
CA VAL B 289 29.32 -12.44 25.45
C VAL B 289 29.38 -10.97 25.82
N ILE B 290 29.01 -10.12 24.86
CA ILE B 290 28.93 -8.68 25.05
C ILE B 290 27.44 -8.35 25.04
N TYR B 291 26.91 -8.04 26.21
CA TYR B 291 25.53 -7.63 26.31
C TYR B 291 25.43 -6.58 27.41
N PRO B 292 24.96 -5.36 27.08
CA PRO B 292 24.92 -4.29 28.09
C PRO B 292 24.16 -4.64 29.36
N GLY B 293 23.26 -5.62 29.28
CA GLY B 293 22.47 -6.02 30.44
C GLY B 293 23.16 -6.99 31.38
N LEU B 294 24.25 -7.61 30.96
CA LEU B 294 24.95 -8.56 31.82
C LEU B 294 25.96 -7.84 32.71
N PRO B 295 26.16 -8.33 33.93
CA PRO B 295 27.21 -7.74 34.79
C PRO B 295 28.61 -7.84 34.20
N SER B 296 28.83 -8.78 33.27
CA SER B 296 30.14 -8.93 32.64
C SER B 296 30.48 -7.81 31.67
N HIS B 297 29.52 -6.98 31.29
CA HIS B 297 29.81 -5.90 30.35
C HIS B 297 30.69 -4.86 31.04
N PRO B 298 31.80 -4.45 30.42
CA PRO B 298 32.71 -3.51 31.09
C PRO B 298 32.05 -2.22 31.54
N GLN B 299 30.98 -1.79 30.88
CA GLN B 299 30.27 -0.57 31.23
C GLN B 299 28.85 -0.85 31.68
N HIS B 300 28.62 -2.04 32.25
CA HIS B 300 27.30 -2.42 32.73
C HIS B 300 26.70 -1.35 33.64
N GLU B 301 27.49 -0.85 34.59
CA GLU B 301 26.99 0.17 35.50
C GLU B 301 26.72 1.48 34.79
N LEU B 302 27.45 1.76 33.70
CA LEU B 302 27.17 2.95 32.89
C LEU B 302 25.85 2.79 32.13
N VAL B 303 25.54 1.59 31.66
CA VAL B 303 24.28 1.35 30.97
C VAL B 303 23.11 1.73 31.88
N LYS B 304 23.12 1.21 33.11
CA LYS B 304 22.08 1.52 34.08
C LYS B 304 22.04 3.01 34.42
N ARG B 305 23.12 3.73 34.15
CA ARG B 305 23.16 5.16 34.41
C ARG B 305 22.41 5.99 33.37
N GLN B 306 22.37 5.53 32.12
CA GLN B 306 21.78 6.30 31.03
C GLN B 306 20.66 5.59 30.29
N CYS B 307 20.29 4.37 30.70
CA CYS B 307 19.29 3.61 29.96
C CYS B 307 18.27 3.01 30.93
N THR B 308 17.05 2.85 30.42
CA THR B 308 15.96 2.22 31.16
C THR B 308 15.91 0.71 30.96
N GLY B 309 16.76 0.16 30.09
CA GLY B 309 16.75 -1.26 29.84
C GLY B 309 17.70 -1.60 28.70
N CYS B 310 17.59 -2.83 28.24
CA CYS B 310 18.42 -3.33 27.14
C CYS B 310 17.54 -4.02 26.10
N THR B 311 18.15 -4.33 24.98
CA THR B 311 17.46 -4.85 23.81
C THR B 311 17.89 -6.29 23.54
N GLY B 312 17.47 -6.83 22.39
CA GLY B 312 17.77 -8.18 21.95
C GLY B 312 19.03 -8.29 21.13
N MET B 313 19.81 -7.23 21.04
CA MET B 313 21.08 -7.28 20.32
C MET B 313 22.09 -7.93 21.24
N VAL B 314 22.52 -9.14 20.89
CA VAL B 314 23.48 -9.89 21.69
C VAL B 314 24.67 -10.24 20.80
N THR B 315 25.84 -9.81 21.22
CA THR B 315 27.08 -10.10 20.51
C THR B 315 27.91 -11.07 21.34
N PHE B 316 28.56 -12.01 20.67
CA PHE B 316 29.39 -12.97 21.37
C PHE B 316 30.44 -13.53 20.43
N TYR B 317 31.50 -14.07 21.03
CA TYR B 317 32.57 -14.71 20.29
C TYR B 317 32.40 -16.21 20.38
N ILE B 318 32.34 -16.87 19.23
CA ILE B 318 32.29 -18.32 19.18
C ILE B 318 33.65 -18.87 19.53
N LYS B 319 33.67 -20.03 20.21
CA LYS B 319 34.93 -20.57 20.65
C LYS B 319 35.53 -21.44 19.54
N GLY B 320 36.83 -21.23 19.29
CA GLY B 320 37.43 -21.84 18.12
C GLY B 320 37.91 -20.94 16.98
N THR B 321 37.45 -21.18 15.75
CA THR B 321 37.92 -20.51 14.51
C THR B 321 36.75 -19.98 13.67
N LEU B 322 37.08 -19.33 12.55
CA LEU B 322 36.08 -18.84 11.60
C LEU B 322 35.15 -19.97 11.17
N GLN B 323 35.73 -21.15 10.93
CA GLN B 323 34.96 -22.26 10.37
C GLN B 323 33.90 -22.74 11.35
N HIS B 324 34.13 -22.58 12.66
CA HIS B 324 33.09 -22.94 13.62
C HIS B 324 31.97 -21.92 13.62
N ALA B 325 32.31 -20.64 13.45
CA ALA B 325 31.28 -19.60 13.34
C ALA B 325 30.39 -19.85 12.13
N GLU B 326 30.99 -20.17 10.98
CA GLU B 326 30.20 -20.43 9.78
C GLU B 326 29.24 -21.59 10.00
N ILE B 327 29.74 -22.70 10.55
CA ILE B 327 28.89 -23.87 10.77
C ILE B 327 27.79 -23.54 11.77
N PHE B 328 28.13 -22.80 12.84
CA PHE B 328 27.12 -22.41 13.82
C PHE B 328 25.98 -21.66 13.16
N LEU B 329 26.30 -20.68 12.32
CA LEU B 329 25.26 -19.89 11.67
C LEU B 329 24.40 -20.75 10.79
N LYS B 330 24.94 -21.85 10.34
CA LYS B 330 24.27 -22.56 9.27
C LYS B 330 23.30 -23.61 9.78
N ASN B 331 23.58 -24.14 10.95
CA ASN B 331 22.77 -25.15 11.60
C ASN B 331 21.62 -24.55 12.41
N LEU B 332 21.51 -23.22 12.44
CA LEU B 332 20.36 -22.60 13.08
C LEU B 332 19.09 -22.92 12.29
N LYS B 333 18.03 -23.34 12.99
CA LYS B 333 16.80 -23.74 12.35
C LYS B 333 15.66 -22.77 12.60
N LEU B 334 15.79 -21.87 13.57
CA LEU B 334 14.80 -20.84 13.82
C LEU B 334 15.36 -19.45 13.63
N PHE B 335 16.54 -19.15 14.17
CA PHE B 335 17.27 -17.95 13.78
C PHE B 335 17.52 -17.98 12.27
N THR B 336 17.46 -16.81 11.64
CA THR B 336 17.66 -16.69 10.20
C THR B 336 18.95 -15.95 9.91
N LEU B 337 19.81 -16.56 9.10
CA LEU B 337 21.06 -15.93 8.67
C LEU B 337 20.74 -14.84 7.65
N ALA B 338 20.94 -13.58 8.04
CA ALA B 338 20.61 -12.45 7.20
C ALA B 338 21.20 -11.19 7.82
N GLU B 339 21.25 -10.12 7.02
CA GLU B 339 21.67 -8.82 7.53
C GLU B 339 20.49 -8.14 8.21
N SER B 340 20.74 -6.94 8.75
CA SER B 340 19.75 -6.10 9.43
C SER B 340 19.49 -6.64 10.84
N LEU B 341 18.56 -6.01 11.54
CA LEU B 341 18.29 -6.32 12.95
C LEU B 341 17.04 -5.58 13.38
N GLY B 342 16.60 -5.88 14.60
CA GLY B 342 15.51 -5.14 15.22
C GLY B 342 14.11 -5.59 14.87
N GLY B 343 13.95 -6.70 14.17
CA GLY B 343 12.64 -7.18 13.80
C GLY B 343 12.09 -8.19 14.79
N PHE B 344 10.82 -8.55 14.58
CA PHE B 344 10.19 -9.54 15.44
C PHE B 344 10.80 -10.92 15.27
N GLU B 345 11.50 -11.17 14.16
CA GLU B 345 12.14 -12.44 13.90
C GLU B 345 13.61 -12.39 14.31
N SER B 346 14.12 -13.51 14.80
CA SER B 346 15.49 -13.58 15.26
C SER B 346 16.46 -13.71 14.09
N LEU B 347 17.58 -13.01 14.18
CA LEU B 347 18.54 -12.91 13.09
C LEU B 347 19.95 -13.20 13.59
N ALA B 348 20.74 -13.84 12.74
CA ALA B 348 22.14 -14.13 13.04
C ALA B 348 23.00 -13.73 11.84
N GLU B 349 24.23 -13.31 12.13
CA GLU B 349 25.12 -12.86 11.07
C GLU B 349 26.55 -12.84 11.59
N LEU B 350 27.50 -12.75 10.65
CA LEU B 350 28.93 -12.63 10.94
C LEU B 350 29.39 -11.29 10.40
N PRO B 351 29.40 -10.24 11.22
CA PRO B 351 29.61 -8.88 10.71
C PRO B 351 30.89 -8.68 9.91
N ALA B 352 32.01 -9.30 10.31
CA ALA B 352 33.29 -9.05 9.64
C ALA B 352 33.20 -9.25 8.13
N ILE B 353 32.34 -10.18 7.68
CA ILE B 353 32.19 -10.45 6.26
C ILE B 353 30.87 -9.94 5.68
N MET B 354 29.90 -9.58 6.52
CA MET B 354 28.56 -9.25 6.03
C MET B 354 28.32 -7.78 6.23
N THR B 355 27.81 -7.33 7.39
CA THR B 355 27.42 -5.94 7.52
C THR B 355 28.62 -5.00 7.61
N HIS B 356 29.73 -5.48 8.15
CA HIS B 356 30.92 -4.66 8.36
C HIS B 356 32.08 -5.05 7.45
N ALA B 357 31.77 -5.65 6.30
CA ALA B 357 32.82 -5.92 5.32
C ALA B 357 33.32 -4.64 4.68
N SER B 358 32.55 -3.55 4.75
CA SER B 358 32.96 -2.27 4.21
C SER B 358 34.00 -1.56 5.09
N VAL B 359 34.27 -2.07 6.28
CA VAL B 359 35.31 -1.51 7.15
C VAL B 359 36.64 -2.18 6.82
N LEU B 360 37.71 -1.38 6.81
CA LEU B 360 39.03 -1.91 6.52
C LEU B 360 39.44 -2.93 7.55
N LYS B 361 40.08 -4.02 7.09
CA LYS B 361 40.47 -5.10 7.98
C LYS B 361 41.31 -4.60 9.14
N ASN B 362 42.28 -3.73 8.88
CA ASN B 362 43.09 -3.18 9.96
C ASN B 362 42.21 -2.53 11.01
N ASP B 363 41.20 -1.78 10.58
CA ASP B 363 40.29 -1.19 11.54
C ASP B 363 39.40 -2.23 12.19
N ARG B 364 39.03 -3.29 11.45
CA ARG B 364 38.28 -4.39 12.03
C ARG B 364 39.06 -5.08 13.14
N ASP B 365 40.32 -5.42 12.84
CA ASP B 365 41.16 -6.13 13.82
C ASP B 365 41.38 -5.30 15.07
N VAL B 366 41.68 -4.01 14.90
CA VAL B 366 41.90 -3.15 16.07
C VAL B 366 40.61 -3.04 16.89
N LEU B 367 39.46 -3.08 16.23
CA LEU B 367 38.18 -2.93 16.92
C LEU B 367 37.69 -4.23 17.54
N GLY B 368 38.24 -5.37 17.13
CA GLY B 368 37.79 -6.65 17.64
C GLY B 368 36.77 -7.37 16.78
N ILE B 369 36.38 -6.78 15.65
CA ILE B 369 35.41 -7.43 14.76
C ILE B 369 36.14 -8.58 14.06
N SER B 370 36.32 -9.68 14.79
CA SER B 370 37.12 -10.80 14.30
C SER B 370 36.24 -11.79 13.56
N ASP B 371 36.85 -12.90 13.13
CA ASP B 371 36.13 -13.95 12.43
C ASP B 371 35.26 -14.80 13.35
N THR B 372 35.34 -14.61 14.66
CA THR B 372 34.54 -15.36 15.61
C THR B 372 33.45 -14.55 16.29
N LEU B 373 33.31 -13.26 15.92
CA LEU B 373 32.27 -12.42 16.50
C LEU B 373 30.95 -12.67 15.77
N ILE B 374 29.93 -13.12 16.52
CA ILE B 374 28.61 -13.36 15.98
C ILE B 374 27.65 -12.37 16.62
N ARG B 375 26.81 -11.73 15.81
CA ARG B 375 25.82 -10.78 16.27
C ARG B 375 24.43 -11.39 16.11
N LEU B 376 23.65 -11.35 17.18
CA LEU B 376 22.30 -11.88 17.19
C LEU B 376 21.31 -10.74 17.47
N SER B 377 20.22 -10.73 16.71
CA SER B 377 19.10 -9.83 16.95
C SER B 377 17.94 -10.71 17.42
N VAL B 378 17.80 -10.82 18.75
CA VAL B 378 16.82 -11.73 19.32
C VAL B 378 15.42 -11.16 19.11
N GLY B 379 14.55 -11.95 18.50
CA GLY B 379 13.21 -11.53 18.18
C GLY B 379 12.23 -11.76 19.30
N LEU B 380 10.96 -11.88 18.93
CA LEU B 380 9.85 -12.01 19.88
C LEU B 380 9.32 -13.43 19.95
N GLU B 381 10.06 -14.41 19.41
CA GLU B 381 9.63 -15.80 19.48
C GLU B 381 9.63 -16.29 20.93
N ASP B 382 9.11 -17.50 21.12
CA ASP B 382 9.10 -18.11 22.45
C ASP B 382 10.52 -18.35 22.92
N GLU B 383 10.78 -18.02 24.19
CA GLU B 383 12.13 -18.08 24.73
C GLU B 383 12.74 -19.46 24.60
N GLU B 384 11.99 -20.50 24.98
CA GLU B 384 12.55 -21.86 25.00
C GLU B 384 12.98 -22.30 23.61
N ASP B 385 12.24 -21.90 22.57
CA ASP B 385 12.60 -22.27 21.21
C ASP B 385 13.87 -21.55 20.75
N LEU B 386 14.04 -20.30 21.17
CA LEU B 386 15.24 -19.56 20.79
C LEU B 386 16.46 -20.17 21.46
N LEU B 387 16.31 -20.61 22.71
CA LEU B 387 17.43 -21.21 23.39
C LEU B 387 17.79 -22.60 22.84
N GLU B 388 16.86 -23.41 22.35
CA GLU B 388 17.35 -24.65 21.72
C GLU B 388 17.95 -24.39 20.36
N ASP B 389 17.52 -23.31 19.70
CA ASP B 389 18.12 -23.07 18.41
C ASP B 389 19.58 -22.72 18.59
N LEU B 390 19.88 -21.96 19.63
CA LEU B 390 21.27 -21.67 19.96
C LEU B 390 21.98 -22.92 20.47
N ASP B 391 21.30 -23.69 21.33
CA ASP B 391 21.89 -24.92 21.85
C ASP B 391 22.26 -25.88 20.72
N GLN B 392 21.29 -26.20 19.86
CA GLN B 392 21.54 -27.18 18.81
C GLN B 392 22.61 -26.72 17.82
N ALA B 393 22.70 -25.42 17.56
CA ALA B 393 23.67 -24.93 16.58
C ALA B 393 25.08 -24.88 17.15
N LEU B 394 25.23 -24.58 18.42
CA LEU B 394 26.55 -24.58 19.05
C LEU B 394 27.07 -26.00 19.19
N LYS B 395 26.18 -26.94 19.54
CA LYS B 395 26.55 -28.36 19.59
C LYS B 395 27.11 -28.83 18.25
N ALA B 396 26.48 -28.43 17.16
CA ALA B 396 26.91 -28.87 15.84
C ALA B 396 28.32 -28.37 15.50
N ALA B 397 28.64 -27.13 15.87
CA ALA B 397 29.95 -26.59 15.59
C ALA B 397 30.96 -26.82 16.70
N HIS B 398 30.52 -27.31 17.85
CA HIS B 398 31.36 -27.48 19.03
C HIS B 398 32.24 -26.26 19.31
N GLY C 10 -4.98 -18.95 38.00
CA GLY C 10 -5.55 -20.28 37.83
C GLY C 10 -6.12 -20.51 36.45
N PHE C 11 -5.63 -19.76 35.47
CA PHE C 11 -6.10 -19.89 34.10
C PHE C 11 -5.44 -21.09 33.42
N LEU C 12 -5.92 -21.40 32.23
CA LEU C 12 -5.27 -22.42 31.41
C LEU C 12 -3.83 -22.04 31.13
N PRO C 13 -2.90 -22.99 31.13
CA PRO C 13 -1.53 -22.67 30.73
C PRO C 13 -1.52 -22.16 29.30
N HIS C 14 -0.62 -21.21 29.02
CA HIS C 14 -0.58 -20.60 27.70
C HIS C 14 -0.22 -21.64 26.65
N PHE C 15 -0.73 -21.43 25.44
CA PHE C 15 -0.51 -22.38 24.35
C PHE C 15 0.95 -22.34 23.91
N GLN C 16 1.55 -23.53 23.76
CA GLN C 16 2.97 -23.62 23.49
C GLN C 16 3.26 -23.24 22.05
N HIS C 17 4.43 -22.62 21.85
CA HIS C 17 4.93 -22.19 20.54
C HIS C 17 4.06 -21.13 19.88
N PHE C 18 3.17 -20.46 20.62
CA PHE C 18 2.25 -19.51 19.99
C PHE C 18 3.01 -18.40 19.28
N ALA C 19 3.90 -17.71 20.00
CA ALA C 19 4.61 -16.57 19.42
C ALA C 19 5.47 -16.99 18.24
N THR C 20 6.22 -18.08 18.40
CA THR C 20 7.07 -18.58 17.31
C THR C 20 6.25 -18.87 16.06
N GLN C 21 5.06 -19.48 16.22
CA GLN C 21 4.24 -19.81 15.07
C GLN C 21 3.65 -18.56 14.44
N ALA C 22 3.21 -17.60 15.26
CA ALA C 22 2.65 -16.36 14.73
C ALA C 22 3.67 -15.58 13.91
N ILE C 23 4.96 -15.79 14.15
CA ILE C 23 6.00 -15.04 13.47
C ILE C 23 6.51 -15.77 12.23
N HIS C 24 6.44 -17.10 12.20
CA HIS C 24 7.13 -17.88 11.17
C HIS C 24 6.22 -18.74 10.31
N VAL C 25 5.05 -19.16 10.81
CA VAL C 25 4.17 -20.00 9.99
C VAL C 25 3.69 -19.23 8.78
N GLY C 26 3.82 -19.84 7.60
CA GLY C 26 3.48 -19.18 6.37
C GLY C 26 4.46 -18.13 5.92
N GLN C 27 5.51 -17.87 6.70
CA GLN C 27 6.51 -16.85 6.41
C GLN C 27 7.82 -17.45 5.93
N ASP C 28 7.77 -18.67 5.39
CA ASP C 28 8.96 -19.40 4.97
C ASP C 28 9.73 -18.59 3.94
N PRO C 29 10.98 -18.19 4.21
CA PRO C 29 11.74 -17.43 3.22
C PRO C 29 11.99 -18.19 1.93
N GLU C 30 12.09 -19.51 1.98
CA GLU C 30 12.39 -20.29 0.78
C GLU C 30 11.23 -20.32 -0.22
N GLN C 31 10.07 -19.77 0.13
CA GLN C 31 8.96 -19.70 -0.81
C GLN C 31 9.24 -18.77 -2.00
N TRP C 32 10.14 -17.82 -1.84
CA TRP C 32 10.33 -16.73 -2.79
C TRP C 32 11.70 -16.82 -3.44
N THR C 33 11.78 -16.46 -4.72
CA THR C 33 13.06 -16.44 -5.41
C THR C 33 14.06 -15.52 -4.71
N SER C 34 13.58 -14.39 -4.18
CA SER C 34 14.45 -13.48 -3.46
C SER C 34 14.83 -14.02 -2.09
N ARG C 35 14.15 -15.08 -1.65
CA ARG C 35 14.37 -15.66 -0.33
C ARG C 35 14.20 -14.64 0.78
N ALA C 36 13.28 -13.70 0.56
CA ALA C 36 12.98 -12.66 1.53
C ALA C 36 12.39 -13.24 2.82
N VAL C 37 12.68 -12.56 3.94
CA VAL C 37 12.20 -13.01 5.23
C VAL C 37 10.75 -12.60 5.48
N VAL C 38 10.26 -11.57 4.80
CA VAL C 38 8.86 -11.15 4.89
C VAL C 38 8.20 -11.46 3.55
N PRO C 39 7.03 -12.10 3.53
CA PRO C 39 6.37 -12.42 2.26
C PRO C 39 6.04 -11.16 1.47
N PRO C 40 6.26 -11.17 0.17
CA PRO C 40 5.88 -10.02 -0.66
C PRO C 40 4.37 -9.91 -0.78
N ILE C 41 3.94 -8.72 -1.20
CA ILE C 41 2.52 -8.45 -1.45
C ILE C 41 2.26 -8.70 -2.93
N SER C 42 1.57 -9.80 -3.22
CA SER C 42 1.27 -10.18 -4.61
C SER C 42 -0.11 -9.65 -4.97
N LEU C 43 -0.14 -8.58 -5.77
CA LEU C 43 -1.38 -7.98 -6.24
C LEU C 43 -1.89 -8.60 -7.52
N SER C 44 -1.06 -9.36 -8.23
CA SER C 44 -1.43 -9.89 -9.55
C SER C 44 -2.75 -10.66 -9.49
N THR C 45 -3.67 -10.28 -10.36
CA THR C 45 -4.97 -10.95 -10.41
C THR C 45 -4.88 -12.33 -11.05
N THR C 46 -3.93 -12.53 -11.95
CA THR C 46 -3.83 -13.79 -12.68
C THR C 46 -2.37 -14.21 -12.76
N PHE C 47 -2.15 -15.44 -13.21
CA PHE C 47 -0.82 -16.05 -13.21
C PHE C 47 -0.62 -16.82 -14.50
N LYS C 48 0.62 -16.82 -15.00
CA LYS C 48 0.93 -17.51 -16.24
C LYS C 48 0.92 -19.02 -16.02
N GLN C 49 0.39 -19.75 -17.00
CA GLN C 49 0.30 -21.20 -16.95
C GLN C 49 1.14 -21.81 -18.06
N GLY C 50 1.87 -22.88 -17.73
CA GLY C 50 2.67 -23.57 -18.73
C GLY C 50 1.83 -24.35 -19.74
N ALA C 51 0.59 -24.66 -19.39
CA ALA C 51 -0.33 -25.35 -20.28
C ALA C 51 -1.75 -25.06 -19.80
N PRO C 52 -2.76 -25.23 -20.68
CA PRO C 52 -4.14 -24.96 -20.25
C PRO C 52 -4.54 -25.77 -19.04
N GLY C 53 -4.77 -25.07 -17.92
CA GLY C 53 -5.17 -25.72 -16.69
C GLY C 53 -4.04 -26.29 -15.86
N GLN C 54 -2.80 -26.08 -16.27
CA GLN C 54 -1.64 -26.61 -15.52
C GLN C 54 -0.88 -25.39 -15.00
N HIS C 55 -1.31 -24.97 -13.83
CA HIS C 55 -0.73 -23.83 -13.14
C HIS C 55 0.45 -24.28 -12.28
N SER C 56 1.00 -23.26 -11.63
CA SER C 56 2.13 -23.28 -10.71
C SER C 56 1.69 -23.13 -9.27
N GLY C 57 0.43 -23.44 -8.96
CA GLY C 57 -0.13 -23.29 -7.62
C GLY C 57 -1.26 -22.30 -7.55
N PHE C 58 -1.35 -21.38 -8.51
CA PHE C 58 -2.33 -20.30 -8.52
C PHE C 58 -2.91 -20.14 -9.92
N GLU C 59 -4.23 -19.99 -9.98
CA GLU C 59 -4.96 -19.78 -11.23
C GLU C 59 -5.53 -18.38 -11.35
N TYR C 60 -6.14 -17.89 -10.28
CA TYR C 60 -6.82 -16.61 -10.29
C TYR C 60 -6.88 -16.10 -8.86
N SER C 61 -6.69 -14.79 -8.67
CA SER C 61 -6.51 -14.24 -7.34
C SER C 61 -7.67 -14.60 -6.41
N ARG C 62 -8.90 -14.60 -6.94
CA ARG C 62 -10.05 -14.91 -6.11
C ARG C 62 -9.97 -16.34 -5.57
N SER C 63 -9.54 -17.29 -6.41
CA SER C 63 -9.43 -18.67 -5.95
C SER C 63 -8.30 -18.83 -4.93
N GLY C 64 -7.20 -18.11 -5.12
CA GLY C 64 -6.08 -18.16 -4.20
C GLY C 64 -4.93 -17.31 -4.68
N ASN C 65 -4.11 -16.83 -3.75
CA ASN C 65 -2.96 -16.01 -4.09
C ASN C 65 -1.93 -16.15 -2.97
N PRO C 66 -0.64 -15.92 -3.26
CA PRO C 66 0.40 -16.19 -2.26
C PRO C 66 0.19 -15.48 -0.93
N THR C 67 -0.05 -14.17 -0.95
CA THR C 67 -0.10 -13.40 0.29
C THR C 67 -1.27 -13.85 1.17
N ARG C 68 -2.41 -14.20 0.55
CA ARG C 68 -3.55 -14.64 1.34
C ARG C 68 -3.30 -16.03 1.91
N ASN C 69 -2.70 -16.92 1.12
CA ASN C 69 -2.41 -18.27 1.61
C ASN C 69 -1.43 -18.25 2.77
N CYS C 70 -0.47 -17.32 2.73
CA CYS C 70 0.47 -17.18 3.86
C CYS C 70 -0.27 -16.81 5.14
N LEU C 71 -1.20 -15.86 5.04
CA LEU C 71 -1.98 -15.43 6.21
C LEU C 71 -2.83 -16.57 6.76
N GLU C 72 -3.52 -17.29 5.88
CA GLU C 72 -4.43 -18.34 6.35
C GLU C 72 -3.69 -19.43 7.12
N LYS C 73 -2.51 -19.84 6.62
CA LYS C 73 -1.72 -20.84 7.31
C LYS C 73 -1.34 -20.38 8.73
N ALA C 74 -0.90 -19.13 8.85
CA ALA C 74 -0.50 -18.61 10.17
C ALA C 74 -1.66 -18.71 11.15
N VAL C 75 -2.83 -18.23 10.75
CA VAL C 75 -4.01 -18.26 11.61
C VAL C 75 -4.37 -19.70 11.97
N ALA C 76 -4.32 -20.60 10.98
CA ALA C 76 -4.59 -22.01 11.23
C ALA C 76 -3.72 -22.55 12.36
N ALA C 77 -2.42 -22.24 12.32
CA ALA C 77 -1.52 -22.69 13.38
C ALA C 77 -1.90 -22.09 14.73
N LEU C 78 -2.22 -20.79 14.75
CA LEU C 78 -2.60 -20.14 16.00
C LEU C 78 -3.89 -20.72 16.58
N ASP C 79 -4.80 -21.18 15.73
CA ASP C 79 -6.04 -21.80 16.17
C ASP C 79 -5.90 -23.30 16.39
N GLY C 80 -4.71 -23.88 16.15
CA GLY C 80 -4.61 -25.33 16.16
C GLY C 80 -5.43 -26.00 15.08
N ALA C 81 -5.73 -25.29 14.00
CA ALA C 81 -6.55 -25.77 12.91
C ALA C 81 -5.70 -26.35 11.80
N LYS C 82 -6.34 -27.12 10.93
CA LYS C 82 -5.68 -27.59 9.73
C LYS C 82 -5.79 -26.58 8.59
N TYR C 83 -6.88 -25.82 8.53
CA TYR C 83 -7.13 -24.91 7.43
C TYR C 83 -7.74 -23.61 7.95
N CYS C 84 -7.59 -22.55 7.16
CA CYS C 84 -8.19 -21.27 7.47
C CYS C 84 -8.57 -20.56 6.17
N LEU C 85 -9.61 -19.74 6.23
CA LEU C 85 -10.10 -18.99 5.09
C LEU C 85 -10.27 -17.53 5.47
N ALA C 86 -9.77 -16.64 4.62
CA ALA C 86 -9.88 -15.20 4.83
C ALA C 86 -11.00 -14.62 3.98
N PHE C 87 -11.61 -13.55 4.49
CA PHE C 87 -12.76 -12.95 3.85
C PHE C 87 -12.70 -11.43 3.96
N ALA C 88 -13.57 -10.76 3.18
CA ALA C 88 -13.56 -9.30 3.11
C ALA C 88 -13.93 -8.64 4.43
N SER C 89 -14.65 -9.34 5.31
CA SER C 89 -15.07 -8.78 6.58
C SER C 89 -15.54 -9.94 7.47
N GLY C 90 -15.77 -9.61 8.74
CA GLY C 90 -16.33 -10.61 9.65
C GLY C 90 -17.72 -11.05 9.25
N LEU C 91 -18.58 -10.09 8.88
CA LEU C 91 -19.91 -10.43 8.40
C LEU C 91 -19.83 -11.28 7.13
N ALA C 92 -18.92 -10.95 6.22
CA ALA C 92 -18.76 -11.75 5.01
C ALA C 92 -18.39 -13.19 5.32
N ALA C 93 -17.66 -13.42 6.41
CA ALA C 93 -17.40 -14.79 6.85
C ALA C 93 -18.66 -15.42 7.41
N THR C 94 -19.47 -14.65 8.14
CA THR C 94 -20.74 -15.16 8.64
C THR C 94 -21.67 -15.53 7.50
N VAL C 95 -21.75 -14.67 6.48
CA VAL C 95 -22.58 -14.96 5.32
C VAL C 95 -22.11 -16.22 4.61
N THR C 96 -20.79 -16.33 4.40
CA THR C 96 -20.25 -17.50 3.72
C THR C 96 -20.53 -18.79 4.50
N ILE C 97 -20.44 -18.72 5.83
CA ILE C 97 -20.75 -19.89 6.65
C ILE C 97 -22.22 -20.26 6.52
N THR C 98 -23.11 -19.26 6.46
CA THR C 98 -24.53 -19.53 6.29
C THR C 98 -24.82 -20.22 4.96
N HIS C 99 -24.08 -19.85 3.90
CA HIS C 99 -24.27 -20.48 2.60
C HIS C 99 -23.88 -21.94 2.58
N LEU C 100 -23.32 -22.48 3.67
CA LEU C 100 -23.11 -23.91 3.79
C LEU C 100 -24.42 -24.68 3.85
N LEU C 101 -25.51 -24.00 4.19
CA LEU C 101 -26.80 -24.65 4.42
C LEU C 101 -27.65 -24.66 3.16
N LYS C 102 -28.92 -25.00 3.33
CA LYS C 102 -29.89 -25.09 2.25
C LYS C 102 -31.22 -24.57 2.76
N ALA C 103 -32.09 -24.18 1.83
CA ALA C 103 -33.45 -23.79 2.19
C ALA C 103 -34.12 -24.89 3.00
N GLY C 104 -34.82 -24.49 4.06
CA GLY C 104 -35.43 -25.42 4.97
C GLY C 104 -34.65 -25.67 6.24
N ASP C 105 -33.35 -25.38 6.24
CA ASP C 105 -32.54 -25.59 7.44
C ASP C 105 -32.86 -24.53 8.49
N GLN C 106 -32.44 -24.81 9.73
CA GLN C 106 -32.66 -23.92 10.85
C GLN C 106 -31.32 -23.51 11.44
N ILE C 107 -31.25 -22.28 11.93
CA ILE C 107 -30.07 -21.74 12.59
C ILE C 107 -30.46 -21.30 13.99
N ILE C 108 -29.70 -21.77 14.98
CA ILE C 108 -29.82 -21.29 16.36
C ILE C 108 -28.66 -20.36 16.62
N CYS C 109 -28.96 -19.11 16.98
CA CYS C 109 -27.96 -18.09 17.24
C CYS C 109 -28.05 -17.64 18.69
N MET C 110 -26.89 -17.37 19.30
CA MET C 110 -26.85 -16.84 20.65
C MET C 110 -27.71 -15.60 20.78
N ASP C 111 -28.43 -15.49 21.90
CA ASP C 111 -29.36 -14.39 22.08
C ASP C 111 -28.63 -13.05 22.10
N ASP C 112 -27.48 -12.99 22.76
CA ASP C 112 -26.67 -11.77 22.80
C ASP C 112 -25.50 -11.93 21.84
N VAL C 113 -25.52 -11.19 20.74
CA VAL C 113 -24.52 -11.27 19.68
C VAL C 113 -24.35 -9.87 19.09
N TYR C 114 -23.28 -9.70 18.31
CA TYR C 114 -23.04 -8.42 17.65
C TYR C 114 -24.25 -8.04 16.79
N GLY C 115 -24.61 -6.76 16.84
CA GLY C 115 -25.79 -6.27 16.14
C GLY C 115 -25.87 -6.73 14.69
N GLY C 116 -24.75 -6.63 13.97
CA GLY C 116 -24.76 -7.03 12.57
C GLY C 116 -25.06 -8.50 12.37
N THR C 117 -24.57 -9.35 13.28
CA THR C 117 -24.89 -10.78 13.19
C THR C 117 -26.38 -11.00 13.42
N ASN C 118 -26.96 -10.33 14.41
CA ASN C 118 -28.41 -10.39 14.62
C ASN C 118 -29.15 -9.86 13.40
N ARG C 119 -28.70 -8.72 12.86
CA ARG C 119 -29.36 -8.11 11.72
C ARG C 119 -29.36 -9.03 10.50
N TYR C 120 -28.22 -9.66 10.22
CA TYR C 120 -28.11 -10.53 9.05
C TYR C 120 -29.05 -11.72 9.16
N PHE C 121 -28.94 -12.48 10.26
CA PHE C 121 -29.79 -13.65 10.46
C PHE C 121 -31.27 -13.27 10.42
N ARG C 122 -31.64 -12.20 11.12
CA ARG C 122 -33.06 -11.89 11.29
C ARG C 122 -33.67 -11.33 10.00
N GLN C 123 -32.96 -10.44 9.32
CA GLN C 123 -33.54 -9.69 8.20
C GLN C 123 -33.11 -10.18 6.82
N VAL C 124 -32.09 -11.03 6.73
CA VAL C 124 -31.59 -11.42 5.42
C VAL C 124 -31.69 -12.93 5.23
N ALA C 125 -30.95 -13.70 6.05
CA ALA C 125 -30.94 -15.15 5.90
C ALA C 125 -32.34 -15.73 6.06
N SER C 126 -33.16 -15.16 6.94
CA SER C 126 -34.50 -15.67 7.17
C SER C 126 -35.39 -15.55 5.93
N GLU C 127 -35.07 -14.65 5.01
CA GLU C 127 -35.88 -14.45 3.81
C GLU C 127 -35.55 -15.45 2.70
N PHE C 128 -34.64 -16.39 2.94
CA PHE C 128 -34.21 -17.35 1.93
C PHE C 128 -34.38 -18.77 2.43
N GLY C 129 -35.56 -19.05 2.99
CA GLY C 129 -35.88 -20.39 3.42
C GLY C 129 -35.15 -20.87 4.65
N LEU C 130 -34.71 -19.95 5.51
CA LEU C 130 -33.98 -20.32 6.71
C LEU C 130 -34.73 -19.84 7.93
N LYS C 131 -34.91 -20.69 8.92
CA LYS C 131 -35.52 -20.20 10.15
C LYS C 131 -34.50 -19.99 11.23
N ILE C 132 -34.57 -18.81 11.84
CA ILE C 132 -33.63 -18.33 12.83
C ILE C 132 -34.28 -18.33 14.21
N SER C 133 -33.57 -18.87 15.20
CA SER C 133 -34.03 -18.89 16.58
C SER C 133 -32.92 -18.36 17.48
N PHE C 134 -33.21 -17.31 18.23
CA PHE C 134 -32.25 -16.75 19.19
C PHE C 134 -32.53 -17.36 20.56
N VAL C 135 -31.53 -18.04 21.11
CA VAL C 135 -31.68 -18.75 22.38
C VAL C 135 -30.45 -18.47 23.23
N ASP C 136 -30.66 -18.38 24.54
CA ASP C 136 -29.60 -18.14 25.52
C ASP C 136 -28.83 -19.44 25.75
N CYS C 137 -27.82 -19.68 24.91
CA CYS C 137 -27.02 -20.90 25.04
C CYS C 137 -26.04 -20.82 26.21
N SER C 138 -25.99 -19.72 26.94
CA SER C 138 -25.20 -19.70 28.16
C SER C 138 -25.80 -20.63 29.21
N LYS C 139 -27.11 -20.83 29.15
CA LYS C 139 -27.75 -21.90 29.90
C LYS C 139 -27.86 -23.07 28.92
N ILE C 140 -26.98 -24.04 29.12
CA ILE C 140 -26.67 -25.04 28.10
C ILE C 140 -27.85 -25.97 27.83
N LYS C 141 -28.74 -26.15 28.81
CA LYS C 141 -29.94 -26.93 28.59
C LYS C 141 -30.99 -26.19 27.74
N LEU C 142 -31.03 -24.85 27.77
CA LEU C 142 -31.98 -24.13 26.92
C LEU C 142 -31.67 -24.36 25.46
N LEU C 143 -30.39 -24.56 25.14
CA LEU C 143 -30.00 -24.90 23.77
C LEU C 143 -30.50 -26.28 23.37
N GLU C 144 -30.35 -27.27 24.26
CA GLU C 144 -30.80 -28.63 23.96
C GLU C 144 -32.29 -28.66 23.62
N ALA C 145 -33.08 -27.82 24.28
CA ALA C 145 -34.51 -27.79 24.00
C ALA C 145 -34.83 -27.22 22.62
N ALA C 146 -34.02 -26.28 22.14
CA ALA C 146 -34.31 -25.61 20.88
C ALA C 146 -33.84 -26.38 19.66
N ILE C 147 -32.99 -27.40 19.83
CA ILE C 147 -32.50 -28.16 18.69
C ILE C 147 -33.63 -28.97 18.08
N THR C 148 -33.64 -29.04 16.75
CA THR C 148 -34.68 -29.69 15.96
C THR C 148 -33.98 -30.51 14.87
N PRO C 149 -34.69 -31.46 14.27
CA PRO C 149 -34.08 -32.21 13.15
C PRO C 149 -33.62 -31.31 12.01
N GLU C 150 -34.16 -30.09 11.91
CA GLU C 150 -33.74 -29.13 10.89
C GLU C 150 -32.57 -28.27 11.34
N THR C 151 -32.16 -28.36 12.60
CA THR C 151 -31.01 -27.60 13.08
C THR C 151 -29.75 -28.06 12.37
N LYS C 152 -29.10 -27.14 11.67
CA LYS C 152 -27.84 -27.42 10.99
C LYS C 152 -26.69 -26.54 11.46
N LEU C 153 -26.97 -25.45 12.17
CA LEU C 153 -25.93 -24.50 12.55
C LEU C 153 -26.28 -23.87 13.89
N VAL C 154 -25.32 -23.88 14.80
CA VAL C 154 -25.42 -23.16 16.07
C VAL C 154 -24.32 -22.11 16.10
N TRP C 155 -24.71 -20.84 16.21
CA TRP C 155 -23.77 -19.72 16.17
C TRP C 155 -23.74 -19.06 17.55
N ILE C 156 -22.57 -19.11 18.20
CA ILE C 156 -22.41 -18.58 19.55
C ILE C 156 -21.24 -17.61 19.58
N GLU C 157 -21.36 -16.59 20.44
CA GLU C 157 -20.27 -15.72 20.82
C GLU C 157 -19.92 -15.97 22.29
N THR C 158 -18.62 -15.98 22.60
CA THR C 158 -18.23 -16.05 24.00
C THR C 158 -16.84 -15.45 24.20
N PRO C 159 -16.71 -14.38 25.01
CA PRO C 159 -17.81 -13.65 25.64
C PRO C 159 -18.68 -12.93 24.61
N THR C 160 -19.97 -12.80 24.93
CA THR C 160 -20.90 -12.19 23.99
C THR C 160 -20.66 -10.68 23.91
N ASN C 161 -21.08 -10.11 22.79
CA ASN C 161 -20.93 -8.68 22.54
C ASN C 161 -22.28 -8.01 22.70
N PRO C 162 -22.47 -7.07 23.64
CA PRO C 162 -21.50 -6.51 24.58
C PRO C 162 -21.66 -7.01 26.01
N THR C 163 -22.70 -7.81 26.27
CA THR C 163 -22.99 -8.23 27.65
C THR C 163 -21.93 -9.16 28.22
N GLN C 164 -21.10 -9.76 27.38
CA GLN C 164 -20.00 -10.62 27.82
C GLN C 164 -20.48 -11.78 28.69
N LYS C 165 -21.56 -12.43 28.26
CA LYS C 165 -21.91 -13.72 28.82
C LYS C 165 -20.95 -14.79 28.31
N VAL C 166 -20.62 -15.74 29.17
CA VAL C 166 -19.64 -16.77 28.86
C VAL C 166 -20.36 -18.10 28.70
N ILE C 167 -19.94 -18.88 27.72
CA ILE C 167 -20.59 -20.13 27.35
C ILE C 167 -19.58 -21.26 27.47
N ASP C 168 -19.98 -22.36 28.11
CA ASP C 168 -19.16 -23.57 28.15
C ASP C 168 -19.12 -24.14 26.74
N ILE C 169 -18.01 -23.87 26.04
CA ILE C 169 -17.91 -24.29 24.64
C ILE C 169 -17.93 -25.82 24.54
N GLU C 170 -17.15 -26.50 25.39
CA GLU C 170 -17.15 -27.96 25.34
C GLU C 170 -18.50 -28.53 25.75
N GLY C 171 -19.20 -27.86 26.66
CA GLY C 171 -20.55 -28.30 27.01
C GLY C 171 -21.49 -28.23 25.83
N CYS C 172 -21.48 -27.10 25.12
CA CYS C 172 -22.35 -26.96 23.95
C CYS C 172 -21.94 -27.93 22.86
N ALA C 173 -20.63 -28.17 22.70
CA ALA C 173 -20.16 -29.12 21.70
C ALA C 173 -20.66 -30.53 21.99
N HIS C 174 -20.62 -30.94 23.26
CA HIS C 174 -21.18 -32.22 23.66
C HIS C 174 -22.62 -32.38 23.17
N ILE C 175 -23.48 -31.44 23.54
CA ILE C 175 -24.89 -31.48 23.12
C ILE C 175 -24.99 -31.44 21.61
N VAL C 176 -24.35 -30.46 20.97
CA VAL C 176 -24.58 -30.21 19.55
C VAL C 176 -24.22 -31.43 18.70
N HIS C 177 -23.13 -32.12 19.03
CA HIS C 177 -22.63 -33.24 18.23
C HIS C 177 -23.33 -34.53 18.54
N LYS C 178 -24.20 -34.46 19.52
CA LYS C 178 -25.00 -35.58 19.95
C LYS C 178 -26.10 -35.88 18.93
N HIS C 179 -26.53 -34.87 18.16
CA HIS C 179 -27.58 -34.93 17.13
C HIS C 179 -27.05 -35.08 15.69
N GLY C 180 -25.79 -35.42 15.51
CA GLY C 180 -25.23 -35.78 14.20
C GLY C 180 -24.60 -34.58 13.48
N ASP C 181 -25.20 -34.17 12.36
CA ASP C 181 -24.57 -33.23 11.43
C ASP C 181 -25.02 -31.79 11.72
N ILE C 182 -24.56 -31.28 12.86
CA ILE C 182 -24.81 -29.90 13.25
C ILE C 182 -23.46 -29.22 13.44
N ILE C 183 -23.29 -28.07 12.80
CA ILE C 183 -22.05 -27.30 12.86
C ILE C 183 -22.12 -26.33 14.04
N LEU C 184 -21.08 -26.32 14.85
CA LEU C 184 -20.96 -25.39 15.97
C LEU C 184 -19.90 -24.35 15.63
N VAL C 185 -20.32 -23.10 15.53
CA VAL C 185 -19.42 -21.98 15.26
C VAL C 185 -19.24 -21.19 16.55
N VAL C 186 -18.00 -20.83 16.85
CA VAL C 186 -17.68 -19.94 17.96
C VAL C 186 -17.02 -18.72 17.38
N ASP C 187 -17.67 -17.57 17.51
CA ASP C 187 -17.10 -16.28 17.10
C ASP C 187 -16.10 -15.89 18.18
N ASN C 188 -14.81 -16.15 17.91
CA ASN C 188 -13.75 -15.94 18.88
C ASN C 188 -13.11 -14.56 18.77
N THR C 189 -13.89 -13.56 18.33
CA THR C 189 -13.34 -12.23 18.12
C THR C 189 -12.85 -11.60 19.42
N PHE C 190 -13.68 -11.69 20.48
CA PHE C 190 -13.36 -10.98 21.71
C PHE C 190 -12.11 -11.52 22.40
N MET C 191 -11.81 -12.81 22.26
CA MET C 191 -10.73 -13.42 23.03
C MET C 191 -9.44 -13.59 22.25
N SER C 192 -9.51 -13.84 20.93
CA SER C 192 -8.37 -14.12 20.07
C SER C 192 -7.80 -15.51 20.40
N PRO C 193 -7.10 -16.16 19.46
CA PRO C 193 -6.59 -17.51 19.74
C PRO C 193 -5.52 -17.56 20.81
N TYR C 194 -4.92 -16.43 21.17
CA TYR C 194 -3.93 -16.43 22.25
C TYR C 194 -4.56 -16.72 23.61
N PHE C 195 -5.87 -16.51 23.75
CA PHE C 195 -6.56 -16.70 25.01
C PHE C 195 -7.62 -17.78 24.96
N GLN C 196 -8.07 -18.20 23.78
CA GLN C 196 -9.13 -19.19 23.67
C GLN C 196 -9.03 -19.87 22.32
N ARG C 197 -9.03 -21.21 22.33
CA ARG C 197 -8.98 -22.03 21.11
C ARG C 197 -10.24 -22.87 21.05
N PRO C 198 -11.33 -22.32 20.50
CA PRO C 198 -12.59 -23.09 20.41
C PRO C 198 -12.45 -24.47 19.79
N LEU C 199 -11.55 -24.63 18.81
CA LEU C 199 -11.41 -25.93 18.15
C LEU C 199 -10.93 -27.00 19.13
N ALA C 200 -10.00 -26.64 20.02
CA ALA C 200 -9.56 -27.55 21.05
C ALA C 200 -10.65 -27.82 22.09
N LEU C 201 -11.74 -27.06 22.07
CA LEU C 201 -12.83 -27.21 23.01
C LEU C 201 -14.06 -27.87 22.40
N GLY C 202 -13.95 -28.39 21.18
CA GLY C 202 -15.03 -29.14 20.56
C GLY C 202 -15.69 -28.44 19.39
N ALA C 203 -15.51 -27.13 19.26
CA ALA C 203 -16.14 -26.39 18.18
C ALA C 203 -15.70 -26.92 16.82
N ASP C 204 -16.57 -26.75 15.83
CA ASP C 204 -16.26 -27.15 14.46
C ASP C 204 -15.64 -26.04 13.63
N ILE C 205 -15.94 -24.78 13.96
CA ILE C 205 -15.45 -23.63 13.22
C ILE C 205 -15.05 -22.55 14.21
N SER C 206 -13.84 -22.02 14.06
CA SER C 206 -13.37 -20.85 14.81
C SER C 206 -13.38 -19.66 13.86
N MET C 207 -14.24 -18.69 14.14
CA MET C 207 -14.47 -17.55 13.26
C MET C 207 -14.09 -16.26 13.97
N TYR C 208 -13.56 -15.30 13.19
CA TYR C 208 -13.14 -14.03 13.72
C TYR C 208 -13.61 -12.89 12.83
N SER C 209 -13.91 -11.77 13.47
CA SER C 209 -13.82 -10.48 12.80
C SER C 209 -12.38 -10.03 12.97
N ALA C 210 -11.56 -10.25 11.95
CA ALA C 210 -10.14 -9.94 12.06
C ALA C 210 -9.89 -8.45 12.20
N THR C 211 -10.91 -7.63 11.93
CA THR C 211 -10.83 -6.19 12.10
C THR C 211 -10.42 -5.79 13.52
N LYS C 212 -10.66 -6.64 14.51
CA LYS C 212 -10.48 -6.22 15.90
C LYS C 212 -9.09 -6.53 16.45
N TYR C 213 -8.89 -7.73 17.00
CA TYR C 213 -7.64 -8.06 17.69
C TYR C 213 -6.61 -8.73 16.77
N MET C 214 -7.06 -9.58 15.85
CA MET C 214 -6.14 -10.29 14.97
C MET C 214 -5.17 -9.32 14.28
N ASN C 215 -5.71 -8.37 13.51
CA ASN C 215 -4.89 -7.31 12.96
C ASN C 215 -4.44 -6.36 14.06
N GLY C 216 -5.38 -5.91 14.89
CA GLY C 216 -5.05 -5.14 16.07
C GLY C 216 -4.55 -3.73 15.83
N HIS C 217 -4.64 -3.23 14.60
CA HIS C 217 -4.13 -1.89 14.29
C HIS C 217 -5.19 -0.99 13.66
N SER C 218 -6.47 -1.38 13.73
CA SER C 218 -7.59 -0.51 13.37
C SER C 218 -7.47 0.01 11.94
N ASP C 219 -6.97 -0.84 11.03
CA ASP C 219 -6.77 -0.40 9.65
C ASP C 219 -7.03 -1.49 8.62
N VAL C 220 -7.69 -2.59 9.01
CA VAL C 220 -7.99 -3.69 8.10
C VAL C 220 -9.37 -4.24 8.47
N VAL C 221 -10.27 -4.28 7.49
CA VAL C 221 -11.56 -4.95 7.65
C VAL C 221 -11.43 -6.34 7.05
N MET C 222 -11.65 -7.36 7.87
CA MET C 222 -11.37 -8.72 7.43
C MET C 222 -12.05 -9.71 8.36
N GLY C 223 -12.39 -10.87 7.80
CA GLY C 223 -12.90 -11.99 8.58
C GLY C 223 -12.04 -13.22 8.35
N LEU C 224 -12.02 -14.10 9.35
CA LEU C 224 -11.21 -15.31 9.30
C LEU C 224 -12.03 -16.49 9.80
N VAL C 225 -11.83 -17.65 9.19
CA VAL C 225 -12.56 -18.87 9.54
C VAL C 225 -11.57 -20.03 9.57
N SER C 226 -11.44 -20.67 10.73
CA SER C 226 -10.56 -21.81 10.90
C SER C 226 -11.37 -23.07 11.13
N VAL C 227 -10.89 -24.20 10.58
CA VAL C 227 -11.66 -25.43 10.56
C VAL C 227 -10.68 -26.60 10.51
N ASN C 228 -11.14 -27.76 11.00
CA ASN C 228 -10.38 -29.00 10.95
C ASN C 228 -11.02 -30.06 10.07
N CYS C 229 -12.34 -30.14 10.04
CA CYS C 229 -13.01 -31.17 9.27
C CYS C 229 -12.74 -30.98 7.78
N GLU C 230 -12.30 -32.05 7.12
CA GLU C 230 -11.96 -31.95 5.70
C GLU C 230 -13.18 -31.67 4.84
N SER C 231 -14.28 -32.42 5.06
CA SER C 231 -15.50 -32.15 4.33
C SER C 231 -15.94 -30.69 4.52
N LEU C 232 -15.91 -30.22 5.77
CA LEU C 232 -16.36 -28.85 6.05
C LEU C 232 -15.44 -27.82 5.42
N HIS C 233 -14.14 -28.13 5.30
CA HIS C 233 -13.21 -27.19 4.70
C HIS C 233 -13.42 -27.07 3.20
N ASN C 234 -13.60 -28.21 2.52
CA ASN C 234 -13.81 -28.19 1.08
C ASN C 234 -15.07 -27.41 0.69
N ARG C 235 -16.12 -27.53 1.49
CA ARG C 235 -17.36 -26.80 1.21
C ARG C 235 -17.17 -25.30 1.42
N LEU C 236 -16.44 -24.92 2.48
CA LEU C 236 -16.17 -23.50 2.71
C LEU C 236 -15.25 -22.93 1.64
N ARG C 237 -14.25 -23.70 1.21
CA ARG C 237 -13.33 -23.23 0.17
C ARG C 237 -14.08 -23.01 -1.14
N PHE C 238 -15.00 -23.92 -1.48
CA PHE C 238 -15.84 -23.72 -2.66
C PHE C 238 -16.58 -22.40 -2.60
N LEU C 239 -17.12 -22.06 -1.42
CA LEU C 239 -17.90 -20.84 -1.28
C LEU C 239 -17.01 -19.59 -1.24
N GLN C 240 -15.78 -19.72 -0.73
CA GLN C 240 -14.85 -18.59 -0.77
C GLN C 240 -14.61 -18.14 -2.20
N ASN C 241 -14.37 -19.09 -3.11
CA ASN C 241 -14.15 -18.74 -4.52
C ASN C 241 -15.45 -18.42 -5.24
N SER C 242 -16.55 -19.09 -4.88
CA SER C 242 -17.79 -18.92 -5.63
C SER C 242 -18.55 -17.66 -5.20
N LEU C 243 -18.50 -17.30 -3.93
CA LEU C 243 -19.14 -16.08 -3.46
C LEU C 243 -18.25 -14.85 -3.60
N GLY C 244 -16.93 -15.03 -3.60
CA GLY C 244 -16.02 -13.95 -3.92
C GLY C 244 -15.92 -12.83 -2.91
N ALA C 245 -16.35 -13.06 -1.66
CA ALA C 245 -16.18 -12.06 -0.61
C ALA C 245 -14.78 -12.18 0.01
N VAL C 246 -13.78 -11.99 -0.84
CA VAL C 246 -12.38 -12.26 -0.49
C VAL C 246 -11.69 -10.95 -0.12
N PRO C 247 -10.62 -11.01 0.68
CA PRO C 247 -9.92 -9.78 1.07
C PRO C 247 -8.83 -9.39 0.07
N SER C 248 -8.44 -8.13 0.16
CA SER C 248 -7.32 -7.64 -0.64
C SER C 248 -6.03 -8.33 -0.21
N PRO C 249 -5.13 -8.64 -1.15
CA PRO C 249 -3.82 -9.18 -0.75
C PRO C 249 -3.03 -8.24 0.13
N ILE C 250 -3.24 -6.93 0.01
CA ILE C 250 -2.55 -5.99 0.89
C ILE C 250 -3.09 -6.09 2.31
N ASP C 251 -4.42 -6.07 2.45
CA ASP C 251 -5.04 -6.30 3.75
C ASP C 251 -4.54 -7.58 4.38
N CYS C 252 -4.38 -8.63 3.57
CA CYS C 252 -3.81 -9.89 4.07
C CYS C 252 -2.41 -9.67 4.62
N TYR C 253 -1.58 -8.95 3.87
CA TYR C 253 -0.24 -8.63 4.37
C TYR C 253 -0.31 -7.85 5.66
N LEU C 254 -1.14 -6.80 5.71
CA LEU C 254 -1.25 -5.97 6.91
C LEU C 254 -1.75 -6.78 8.10
N CYS C 255 -2.73 -7.67 7.87
CA CYS C 255 -3.22 -8.50 8.96
C CYS C 255 -2.16 -9.47 9.44
N ASN C 256 -1.45 -10.11 8.52
CA ASN C 256 -0.33 -10.97 8.90
C ASN C 256 0.74 -10.17 9.64
N ARG C 257 0.89 -8.89 9.30
CA ARG C 257 1.83 -8.04 10.02
C ARG C 257 1.38 -7.82 11.46
N GLY C 258 0.08 -7.61 11.67
CA GLY C 258 -0.44 -7.45 13.02
C GLY C 258 -0.35 -8.71 13.85
N LEU C 259 -0.47 -9.87 13.21
CA LEU C 259 -0.33 -11.14 13.92
C LEU C 259 1.02 -11.28 14.60
N LYS C 260 2.07 -10.67 14.03
CA LYS C 260 3.42 -10.83 14.56
C LYS C 260 3.55 -10.32 15.99
N THR C 261 2.70 -9.37 16.38
CA THR C 261 2.73 -8.82 17.73
C THR C 261 1.47 -9.17 18.53
N LEU C 262 0.68 -10.15 18.06
CA LEU C 262 -0.56 -10.49 18.74
C LEU C 262 -0.30 -10.88 20.20
N HIS C 263 0.71 -11.72 20.44
CA HIS C 263 0.97 -12.22 21.79
C HIS C 263 1.33 -11.08 22.75
N VAL C 264 2.23 -10.18 22.33
CA VAL C 264 2.62 -9.09 23.22
C VAL C 264 1.51 -8.06 23.34
N ARG C 265 0.67 -7.92 22.32
CA ARG C 265 -0.44 -6.97 22.40
C ARG C 265 -1.51 -7.47 23.37
N MET C 266 -1.89 -8.74 23.26
CA MET C 266 -2.96 -9.27 24.09
C MET C 266 -2.59 -9.26 25.56
N GLU C 267 -1.32 -9.54 25.88
CA GLU C 267 -0.89 -9.53 27.28
C GLU C 267 -1.05 -8.14 27.89
N LYS C 268 -0.79 -7.08 27.12
CA LYS C 268 -0.98 -5.74 27.63
C LYS C 268 -2.46 -5.38 27.70
N HIS C 269 -3.26 -5.87 26.75
CA HIS C 269 -4.71 -5.71 26.85
C HIS C 269 -5.24 -6.33 28.13
N PHE C 270 -4.71 -7.49 28.52
CA PHE C 270 -5.09 -8.13 29.77
C PHE C 270 -4.81 -7.22 30.97
N LYS C 271 -3.57 -6.74 31.07
CA LYS C 271 -3.18 -5.95 32.24
C LYS C 271 -3.97 -4.65 32.32
N ASN C 272 -4.06 -3.92 31.21
CA ASN C 272 -4.83 -2.68 31.21
C ASN C 272 -6.31 -2.94 31.41
N GLY C 273 -6.84 -4.00 30.78
CA GLY C 273 -8.25 -4.33 30.95
C GLY C 273 -8.59 -4.66 32.39
N MET C 274 -7.77 -5.52 33.02
CA MET C 274 -7.98 -5.86 34.42
C MET C 274 -7.91 -4.62 35.30
N ALA C 275 -6.91 -3.76 35.05
CA ALA C 275 -6.77 -2.55 35.85
C ALA C 275 -7.96 -1.62 35.70
N VAL C 276 -8.51 -1.54 34.49
CA VAL C 276 -9.69 -0.70 34.27
C VAL C 276 -10.91 -1.29 34.95
N ALA C 277 -11.07 -2.62 34.87
CA ALA C 277 -12.22 -3.27 35.50
C ALA C 277 -12.17 -3.12 37.02
N GLN C 278 -10.99 -3.30 37.62
CA GLN C 278 -10.87 -3.14 39.07
C GLN C 278 -11.10 -1.70 39.50
N PHE C 279 -10.58 -0.74 38.74
CA PHE C 279 -10.83 0.67 39.05
C PHE C 279 -12.32 0.98 38.98
N LEU C 280 -13.00 0.47 37.95
CA LEU C 280 -14.43 0.76 37.78
C LEU C 280 -15.25 0.08 38.86
N GLU C 281 -14.87 -1.14 39.25
CA GLU C 281 -15.62 -1.87 40.27
C GLU C 281 -15.49 -1.19 41.63
N SER C 282 -14.34 -0.59 41.92
CA SER C 282 -14.12 0.15 43.15
C SER C 282 -14.53 1.61 43.05
N ASN C 283 -15.21 2.01 41.98
CA ASN C 283 -15.59 3.40 41.77
C ASN C 283 -16.99 3.64 42.30
N PRO C 284 -17.23 4.70 43.07
CA PRO C 284 -18.56 4.90 43.66
C PRO C 284 -19.65 5.24 42.66
N TRP C 285 -19.29 5.59 41.42
CA TRP C 285 -20.25 5.99 40.40
C TRP C 285 -20.38 4.95 39.29
N VAL C 286 -20.08 3.69 39.61
CA VAL C 286 -20.27 2.57 38.69
C VAL C 286 -21.20 1.58 39.38
N GLU C 287 -22.32 1.26 38.73
CA GLU C 287 -23.29 0.37 39.34
C GLU C 287 -22.84 -1.08 39.28
N LYS C 288 -22.24 -1.50 38.17
CA LYS C 288 -21.82 -2.88 38.00
C LYS C 288 -20.75 -2.93 36.92
N VAL C 289 -19.87 -3.92 37.03
CA VAL C 289 -18.76 -4.10 36.11
C VAL C 289 -18.81 -5.54 35.60
N ILE C 290 -18.80 -5.71 34.28
CA ILE C 290 -18.80 -7.02 33.66
C ILE C 290 -17.45 -7.21 33.00
N TYR C 291 -16.62 -8.06 33.59
CA TYR C 291 -15.31 -8.40 33.04
C TYR C 291 -15.00 -9.84 33.36
N PRO C 292 -14.78 -10.68 32.34
CA PRO C 292 -14.51 -12.12 32.59
C PRO C 292 -13.34 -12.36 33.53
N GLY C 293 -12.43 -11.40 33.65
CA GLY C 293 -11.29 -11.56 34.53
C GLY C 293 -11.54 -11.29 35.99
N LEU C 294 -12.67 -10.64 36.30
CA LEU C 294 -12.99 -10.38 37.70
C LEU C 294 -13.75 -11.55 38.30
N PRO C 295 -13.52 -11.86 39.58
CA PRO C 295 -14.32 -12.91 40.23
C PRO C 295 -15.79 -12.59 40.31
N SER C 296 -16.18 -11.31 40.21
CA SER C 296 -17.58 -10.93 40.27
C SER C 296 -18.35 -11.35 39.02
N HIS C 297 -17.66 -11.76 37.97
CA HIS C 297 -18.36 -12.20 36.75
C HIS C 297 -19.03 -13.55 37.03
N PRO C 298 -20.31 -13.70 36.69
CA PRO C 298 -21.03 -14.95 37.04
C PRO C 298 -20.35 -16.22 36.53
N GLN C 299 -19.58 -16.15 35.46
CA GLN C 299 -18.91 -17.32 34.89
C GLN C 299 -17.40 -17.24 35.00
N HIS C 300 -16.88 -16.51 36.00
CA HIS C 300 -15.44 -16.33 36.14
C HIS C 300 -14.68 -17.66 36.17
N GLU C 301 -15.12 -18.60 37.01
CA GLU C 301 -14.41 -19.86 37.12
C GLU C 301 -14.50 -20.67 35.84
N LEU C 302 -15.57 -20.50 35.06
CA LEU C 302 -15.64 -21.12 33.75
C LEU C 302 -14.62 -20.51 32.80
N VAL C 303 -14.42 -19.19 32.90
CA VAL C 303 -13.41 -18.51 32.08
C VAL C 303 -12.03 -19.08 32.34
N LYS C 304 -11.63 -19.14 33.61
CA LYS C 304 -10.30 -19.68 33.94
C LYS C 304 -10.19 -21.14 33.50
N ARG C 305 -11.31 -21.84 33.41
CA ARG C 305 -11.35 -23.23 32.98
C ARG C 305 -11.30 -23.33 31.45
N GLN C 306 -11.69 -22.28 30.75
CA GLN C 306 -11.81 -22.31 29.30
C GLN C 306 -10.90 -21.33 28.57
N CYS C 307 -10.13 -20.51 29.28
CA CYS C 307 -9.29 -19.50 28.67
C CYS C 307 -7.94 -19.43 29.35
N THR C 308 -6.93 -19.01 28.61
CA THR C 308 -5.60 -18.78 29.18
C THR C 308 -5.43 -17.37 29.73
N GLY C 309 -6.45 -16.52 29.59
CA GLY C 309 -6.37 -15.16 30.06
C GLY C 309 -7.61 -14.40 29.65
N CYS C 310 -7.55 -13.08 29.81
CA CYS C 310 -8.69 -12.23 29.49
C CYS C 310 -8.24 -11.07 28.60
N THR C 311 -9.24 -10.33 28.13
CA THR C 311 -9.11 -9.37 27.05
C THR C 311 -9.23 -7.94 27.62
N GLY C 312 -9.13 -6.94 26.76
CA GLY C 312 -9.29 -5.55 27.12
C GLY C 312 -10.71 -5.03 27.00
N MET C 313 -11.67 -5.90 26.69
CA MET C 313 -13.07 -5.52 26.58
C MET C 313 -13.68 -5.45 27.98
N VAL C 314 -14.08 -4.26 28.39
CA VAL C 314 -14.67 -4.04 29.71
C VAL C 314 -16.04 -3.40 29.52
N THR C 315 -17.06 -4.05 30.05
CA THR C 315 -18.43 -3.54 30.03
C THR C 315 -18.83 -3.16 31.45
N PHE C 316 -19.57 -2.05 31.59
CA PHE C 316 -20.02 -1.64 32.90
C PHE C 316 -21.26 -0.75 32.77
N TYR C 317 -22.00 -0.67 33.86
CA TYR C 317 -23.17 0.21 33.97
C TYR C 317 -22.81 1.42 34.81
N ILE C 318 -22.97 2.61 34.24
CA ILE C 318 -22.79 3.84 34.98
C ILE C 318 -24.04 4.11 35.81
N LYS C 319 -23.86 4.77 36.94
CA LYS C 319 -24.98 5.09 37.82
C LYS C 319 -25.70 6.31 37.28
N GLY C 320 -27.03 6.24 37.29
CA GLY C 320 -27.88 7.31 36.76
C GLY C 320 -28.66 6.85 35.53
N THR C 321 -28.63 7.71 34.51
CA THR C 321 -29.48 7.59 33.32
C THR C 321 -28.65 7.93 32.06
N LEU C 322 -29.33 7.92 30.90
CA LEU C 322 -28.69 8.25 29.61
C LEU C 322 -27.89 9.54 29.69
N GLN C 323 -28.40 10.45 30.48
CA GLN C 323 -27.92 11.82 30.59
C GLN C 323 -26.54 11.86 31.19
N HIS C 324 -26.29 10.93 32.10
CA HIS C 324 -24.99 10.68 32.71
C HIS C 324 -24.09 9.81 31.83
N ALA C 325 -24.68 8.86 31.11
CA ALA C 325 -23.89 8.07 30.15
C ALA C 325 -23.30 8.98 29.09
N GLU C 326 -24.13 9.89 28.55
CA GLU C 326 -23.64 10.83 27.55
C GLU C 326 -22.52 11.70 28.09
N ILE C 327 -22.74 12.33 29.26
CA ILE C 327 -21.77 13.28 29.81
C ILE C 327 -20.44 12.60 30.07
N PHE C 328 -20.46 11.39 30.63
CA PHE C 328 -19.23 10.63 30.84
C PHE C 328 -18.46 10.48 29.53
N LEU C 329 -19.17 10.06 28.47
CA LEU C 329 -18.51 9.83 27.18
C LEU C 329 -17.97 11.11 26.56
N LYS C 330 -18.58 12.27 26.82
CA LYS C 330 -18.10 13.50 26.18
C LYS C 330 -16.89 14.07 26.92
N ASN C 331 -16.76 13.78 28.21
CA ASN C 331 -15.63 14.28 28.98
C ASN C 331 -14.40 13.40 28.85
N LEU C 332 -14.49 12.29 28.12
CA LEU C 332 -13.32 11.47 27.87
C LEU C 332 -12.32 12.23 26.99
N LYS C 333 -11.06 12.26 27.41
CA LYS C 333 -10.03 12.98 26.70
C LYS C 333 -8.97 12.07 26.09
N LEU C 334 -8.90 10.82 26.52
CA LEU C 334 -7.97 9.84 25.97
C LEU C 334 -8.68 8.67 25.32
N PHE C 335 -9.67 8.09 26.00
CA PHE C 335 -10.60 7.19 25.33
C PHE C 335 -11.29 7.95 24.19
N THR C 336 -11.54 7.25 23.09
CA THR C 336 -12.16 7.85 21.92
C THR C 336 -13.57 7.28 21.75
N LEU C 337 -14.55 8.17 21.65
CA LEU C 337 -15.92 7.75 21.40
C LEU C 337 -16.03 7.31 19.95
N ALA C 338 -16.18 6.01 19.72
CA ALA C 338 -16.18 5.46 18.38
C ALA C 338 -16.62 4.00 18.45
N GLU C 339 -16.98 3.47 17.29
CA GLU C 339 -17.30 2.05 17.16
C GLU C 339 -16.02 1.23 17.02
N SER C 340 -16.19 -0.09 16.90
CA SER C 340 -15.11 -1.07 16.73
C SER C 340 -14.38 -1.31 18.05
N LEU C 341 -13.33 -2.13 18.01
CA LEU C 341 -12.63 -2.56 19.21
C LEU C 341 -11.39 -3.32 18.80
N GLY C 342 -10.57 -3.65 19.79
CA GLY C 342 -9.41 -4.52 19.59
C GLY C 342 -8.16 -3.85 19.08
N GLY C 343 -8.13 -2.52 19.01
CA GLY C 343 -6.97 -1.80 18.52
C GLY C 343 -6.05 -1.35 19.65
N PHE C 344 -4.90 -0.81 19.24
CA PHE C 344 -3.94 -0.30 20.22
C PHE C 344 -4.45 0.92 20.95
N GLU C 345 -5.46 1.62 20.40
CA GLU C 345 -6.02 2.79 21.03
C GLU C 345 -7.26 2.41 21.81
N SER C 346 -7.47 3.11 22.93
CA SER C 346 -8.61 2.81 23.79
C SER C 346 -9.88 3.40 23.21
N LEU C 347 -10.96 2.65 23.30
CA LEU C 347 -12.22 3.00 22.68
C LEU C 347 -13.35 2.85 23.69
N ALA C 348 -14.34 3.74 23.60
CA ALA C 348 -15.50 3.72 24.47
C ALA C 348 -16.76 3.83 23.61
N GLU C 349 -17.84 3.21 24.08
CA GLU C 349 -19.06 3.24 23.30
C GLU C 349 -20.27 2.92 24.18
N LEU C 350 -21.44 3.28 23.65
CA LEU C 350 -22.75 3.04 24.26
C LEU C 350 -23.50 2.14 23.28
N PRO C 351 -23.42 0.81 23.45
CA PRO C 351 -23.94 -0.11 22.41
C PRO C 351 -25.40 0.12 22.03
N ALA C 352 -26.27 0.42 22.99
CA ALA C 352 -27.69 0.57 22.70
C ALA C 352 -27.97 1.57 21.59
N ILE C 353 -27.10 2.57 21.43
CA ILE C 353 -27.31 3.61 20.42
C ILE C 353 -26.39 3.46 19.22
N MET C 354 -25.28 2.74 19.34
CA MET C 354 -24.30 2.71 18.25
C MET C 354 -24.13 1.32 17.63
N THR C 355 -23.26 0.48 18.18
CA THR C 355 -22.95 -0.79 17.51
C THR C 355 -24.13 -1.75 17.55
N HIS C 356 -24.94 -1.70 18.61
CA HIS C 356 -26.06 -2.60 18.78
C HIS C 356 -27.40 -1.88 18.62
N ALA C 357 -27.40 -0.75 17.90
CA ALA C 357 -28.65 -0.09 17.57
C ALA C 357 -29.45 -0.88 16.54
N SER C 358 -28.79 -1.79 15.81
CA SER C 358 -29.49 -2.64 14.86
C SER C 358 -30.30 -3.74 15.54
N VAL C 359 -30.13 -3.92 16.85
CA VAL C 359 -30.94 -4.87 17.60
C VAL C 359 -32.21 -4.16 18.06
N LEU C 360 -33.32 -4.89 17.98
CA LEU C 360 -34.61 -4.32 18.39
C LEU C 360 -34.59 -3.95 19.86
N LYS C 361 -35.23 -2.81 20.18
CA LYS C 361 -35.26 -2.30 21.54
C LYS C 361 -35.75 -3.35 22.54
N ASN C 362 -36.81 -4.08 22.18
CA ASN C 362 -37.33 -5.11 23.07
C ASN C 362 -36.28 -6.16 23.39
N ASP C 363 -35.54 -6.63 22.38
CA ASP C 363 -34.50 -7.61 22.64
C ASP C 363 -33.30 -6.98 23.36
N ARG C 364 -33.03 -5.70 23.09
CA ARG C 364 -32.01 -5.00 23.87
C ARG C 364 -32.38 -4.99 25.34
N ASP C 365 -33.64 -4.64 25.65
CA ASP C 365 -34.09 -4.59 27.03
C ASP C 365 -34.04 -5.97 27.68
N VAL C 366 -34.44 -7.02 26.96
CA VAL C 366 -34.38 -8.36 27.50
C VAL C 366 -32.94 -8.76 27.78
N LEU C 367 -31.99 -8.29 26.96
CA LEU C 367 -30.59 -8.65 27.11
C LEU C 367 -29.86 -7.80 28.13
N GLY C 368 -30.42 -6.66 28.53
CA GLY C 368 -29.77 -5.76 29.45
C GLY C 368 -29.01 -4.63 28.80
N ILE C 369 -29.01 -4.55 27.48
CA ILE C 369 -28.33 -3.48 26.75
C ILE C 369 -29.13 -2.20 26.89
N SER C 370 -29.01 -1.55 28.05
CA SER C 370 -29.79 -0.37 28.38
C SER C 370 -29.06 0.90 27.94
N ASP C 371 -29.65 2.05 28.27
CA ASP C 371 -29.05 3.34 27.95
C ASP C 371 -27.86 3.67 28.85
N THR C 372 -27.59 2.87 29.87
CA THR C 372 -26.47 3.11 30.77
C THR C 372 -25.36 2.07 30.62
N LEU C 373 -25.49 1.13 29.69
CA LEU C 373 -24.45 0.14 29.47
C LEU C 373 -23.38 0.73 28.57
N ILE C 374 -22.14 0.83 29.07
CA ILE C 374 -21.02 1.38 28.32
C ILE C 374 -20.02 0.25 28.07
N ARG C 375 -19.54 0.17 26.84
CA ARG C 375 -18.56 -0.83 26.44
C ARG C 375 -17.22 -0.14 26.19
N LEU C 376 -16.16 -0.67 26.80
CA LEU C 376 -14.82 -0.13 26.66
C LEU C 376 -13.92 -1.16 26.00
N SER C 377 -13.12 -0.70 25.04
CA SER C 377 -12.06 -1.50 24.43
C SER C 377 -10.75 -0.88 24.89
N VAL C 378 -10.18 -1.41 25.97
CA VAL C 378 -9.00 -0.82 26.57
C VAL C 378 -7.79 -1.09 25.67
N GLY C 379 -7.08 -0.03 25.30
CA GLY C 379 -5.95 -0.13 24.40
C GLY C 379 -4.66 -0.43 25.12
N LEU C 380 -3.55 -0.05 24.47
CA LEU C 380 -2.21 -0.32 24.97
C LEU C 380 -1.54 0.90 25.55
N GLU C 381 -2.30 1.97 25.84
CA GLU C 381 -1.71 3.16 26.44
C GLU C 381 -1.21 2.86 27.85
N ASP C 382 -0.53 3.83 28.43
CA ASP C 382 -0.05 3.68 29.79
C ASP C 382 -1.23 3.57 30.75
N GLU C 383 -1.13 2.64 31.70
CA GLU C 383 -2.24 2.37 32.61
C GLU C 383 -2.70 3.62 33.33
N GLU C 384 -1.74 4.39 33.85
CA GLU C 384 -2.09 5.55 34.68
C GLU C 384 -2.90 6.58 33.90
N ASP C 385 -2.61 6.75 32.62
CA ASP C 385 -3.37 7.70 31.81
C ASP C 385 -4.79 7.24 31.55
N LEU C 386 -5.00 5.93 31.38
CA LEU C 386 -6.34 5.43 31.13
C LEU C 386 -7.22 5.55 32.37
N LEU C 387 -6.66 5.27 33.55
CA LEU C 387 -7.45 5.36 34.78
C LEU C 387 -7.79 6.80 35.15
N GLU C 388 -6.88 7.74 34.86
CA GLU C 388 -7.17 9.14 35.15
C GLU C 388 -8.22 9.70 34.21
N ASP C 389 -8.32 9.19 32.98
CA ASP C 389 -9.35 9.64 32.08
C ASP C 389 -10.72 9.13 32.49
N LEU C 390 -10.79 7.89 32.98
CA LEU C 390 -12.06 7.37 33.48
C LEU C 390 -12.47 8.06 34.77
N ASP C 391 -11.51 8.29 35.68
CA ASP C 391 -11.80 8.99 36.92
C ASP C 391 -12.35 10.39 36.63
N GLN C 392 -11.65 11.16 35.79
CA GLN C 392 -12.06 12.52 35.49
C GLN C 392 -13.41 12.55 34.79
N ALA C 393 -13.70 11.54 33.95
CA ALA C 393 -14.96 11.53 33.23
C ALA C 393 -16.13 11.10 34.09
N LEU C 394 -15.89 10.19 35.06
CA LEU C 394 -16.96 9.80 35.97
C LEU C 394 -17.31 10.92 36.93
N LYS C 395 -16.30 11.60 37.48
CA LYS C 395 -16.54 12.78 38.31
C LYS C 395 -17.29 13.85 37.55
N ALA C 396 -16.96 14.05 36.27
CA ALA C 396 -17.63 15.06 35.45
C ALA C 396 -19.12 14.77 35.32
N ALA C 397 -19.50 13.49 35.30
CA ALA C 397 -20.88 13.05 35.13
C ALA C 397 -21.66 12.98 36.44
N HIS C 398 -21.02 13.26 37.57
CA HIS C 398 -21.66 13.10 38.89
C HIS C 398 -21.07 14.12 39.85
N PRO C 399 -21.38 15.41 39.66
CA PRO C 399 -20.93 16.48 40.55
C PRO C 399 -21.94 16.78 41.66
N GLY D 10 -19.47 4.49 -37.63
CA GLY D 10 -20.90 4.64 -37.50
C GLY D 10 -21.42 4.24 -36.14
N PHE D 11 -20.56 4.31 -35.13
CA PHE D 11 -20.94 3.97 -33.77
C PHE D 11 -21.68 5.13 -33.12
N LEU D 12 -22.22 4.87 -31.92
CA LEU D 12 -22.83 5.92 -31.13
C LEU D 12 -21.78 7.00 -30.84
N PRO D 13 -22.15 8.28 -30.85
CA PRO D 13 -21.20 9.32 -30.47
C PRO D 13 -20.70 9.11 -29.04
N HIS D 14 -19.43 9.45 -28.83
CA HIS D 14 -18.80 9.23 -27.55
C HIS D 14 -19.45 10.10 -26.47
N PHE D 15 -19.39 9.62 -25.24
CA PHE D 15 -19.97 10.32 -24.10
C PHE D 15 -19.18 11.61 -23.86
N GLN D 16 -19.90 12.68 -23.53
CA GLN D 16 -19.40 14.04 -23.59
C GLN D 16 -18.25 14.37 -22.64
N HIS D 17 -18.53 14.41 -21.34
CA HIS D 17 -17.55 14.79 -20.34
C HIS D 17 -16.87 13.60 -19.67
N PHE D 18 -16.85 12.44 -20.33
CA PHE D 18 -16.34 11.21 -19.72
C PHE D 18 -14.93 11.40 -19.15
N ALA D 19 -13.99 11.87 -19.98
CA ALA D 19 -12.60 12.00 -19.54
C ALA D 19 -12.48 12.97 -18.37
N THR D 20 -13.10 14.14 -18.48
CA THR D 20 -13.06 15.11 -17.39
C THR D 20 -13.64 14.55 -16.10
N GLN D 21 -14.76 13.81 -16.22
CA GLN D 21 -15.39 13.25 -15.02
C GLN D 21 -14.57 12.12 -14.42
N ALA D 22 -13.97 11.27 -15.25
CA ALA D 22 -13.15 10.18 -14.74
C ALA D 22 -11.96 10.68 -13.93
N ILE D 23 -11.51 11.91 -14.18
CA ILE D 23 -10.34 12.42 -13.50
C ILE D 23 -10.70 13.22 -12.24
N HIS D 24 -11.90 13.80 -12.20
CA HIS D 24 -12.22 14.78 -11.16
C HIS D 24 -13.38 14.40 -10.26
N VAL D 25 -14.33 13.58 -10.71
CA VAL D 25 -15.47 13.23 -9.87
C VAL D 25 -14.98 12.46 -8.66
N GLY D 26 -15.41 12.90 -7.48
CA GLY D 26 -14.94 12.32 -6.23
C GLY D 26 -13.54 12.71 -5.80
N GLN D 27 -12.84 13.51 -6.60
CA GLN D 27 -11.46 13.89 -6.31
C GLN D 27 -11.33 15.33 -5.85
N ASP D 28 -12.42 15.93 -5.38
CA ASP D 28 -12.42 17.34 -4.99
C ASP D 28 -11.40 17.59 -3.89
N PRO D 29 -10.40 18.45 -4.10
CA PRO D 29 -9.42 18.72 -3.03
C PRO D 29 -10.05 19.29 -1.76
N GLU D 30 -11.19 19.98 -1.88
CA GLU D 30 -11.81 20.57 -0.69
C GLU D 30 -12.35 19.53 0.29
N GLN D 31 -12.36 18.26 -0.10
CA GLN D 31 -12.79 17.22 0.84
C GLN D 31 -11.79 17.05 1.99
N TRP D 32 -10.54 17.43 1.78
CA TRP D 32 -9.46 17.15 2.72
C TRP D 32 -8.91 18.46 3.25
N THR D 33 -8.52 18.45 4.53
CA THR D 33 -7.91 19.64 5.14
C THR D 33 -6.66 20.08 4.39
N SER D 34 -5.88 19.11 3.88
CA SER D 34 -4.65 19.40 3.17
C SER D 34 -4.86 19.92 1.75
N ARG D 35 -6.09 19.83 1.23
CA ARG D 35 -6.38 20.19 -0.17
C ARG D 35 -5.57 19.37 -1.16
N ALA D 36 -5.29 18.11 -0.83
CA ALA D 36 -4.56 17.25 -1.75
C ALA D 36 -5.37 17.03 -3.02
N VAL D 37 -4.65 16.93 -4.16
CA VAL D 37 -5.32 16.74 -5.44
C VAL D 37 -5.71 15.28 -5.67
N VAL D 38 -5.05 14.36 -5.01
CA VAL D 38 -5.38 12.93 -5.07
C VAL D 38 -5.97 12.53 -3.73
N PRO D 39 -7.10 11.85 -3.69
CA PRO D 39 -7.69 11.43 -2.42
C PRO D 39 -6.74 10.53 -1.65
N PRO D 40 -6.59 10.76 -0.35
CA PRO D 40 -5.76 9.87 0.46
C PRO D 40 -6.41 8.51 0.63
N ILE D 41 -5.58 7.54 1.03
CA ILE D 41 -6.04 6.20 1.33
C ILE D 41 -6.33 6.14 2.83
N SER D 42 -7.61 6.15 3.18
CA SER D 42 -8.05 6.12 4.58
C SER D 42 -8.31 4.67 4.97
N LEU D 43 -7.40 4.08 5.72
CA LEU D 43 -7.52 2.72 6.19
C LEU D 43 -8.28 2.60 7.51
N SER D 44 -8.48 3.71 8.22
CA SER D 44 -9.07 3.67 9.55
C SER D 44 -10.40 2.93 9.56
N THR D 45 -10.51 1.93 10.44
CA THR D 45 -11.73 1.14 10.52
C THR D 45 -12.85 1.92 11.21
N THR D 46 -12.51 2.85 12.10
CA THR D 46 -13.51 3.58 12.87
C THR D 46 -13.14 5.06 12.89
N PHE D 47 -14.10 5.87 13.35
CA PHE D 47 -13.99 7.32 13.30
C PHE D 47 -14.53 7.91 14.59
N LYS D 48 -13.94 9.04 14.99
CA LYS D 48 -14.38 9.71 16.21
C LYS D 48 -15.76 10.34 16.02
N GLN D 49 -16.60 10.21 17.04
CA GLN D 49 -17.94 10.78 17.05
C GLN D 49 -18.04 11.83 18.16
N GLY D 50 -18.66 12.96 17.84
CA GLY D 50 -18.85 13.99 18.86
C GLY D 50 -19.88 13.61 19.89
N ALA D 51 -20.75 12.65 19.59
CA ALA D 51 -21.77 12.16 20.50
C ALA D 51 -22.17 10.76 20.05
N PRO D 52 -22.74 9.94 20.95
CA PRO D 52 -23.17 8.59 20.55
C PRO D 52 -24.13 8.61 19.38
N GLY D 53 -23.67 8.09 18.26
CA GLY D 53 -24.47 8.05 17.07
C GLY D 53 -24.49 9.32 16.24
N GLN D 54 -23.73 10.34 16.61
CA GLN D 54 -23.72 11.55 15.78
C GLN D 54 -22.31 11.73 15.23
N HIS D 55 -22.08 11.16 14.06
CA HIS D 55 -20.81 11.17 13.35
C HIS D 55 -20.72 12.38 12.45
N SER D 56 -19.57 12.54 11.83
CA SER D 56 -19.34 13.59 10.83
C SER D 56 -19.31 13.01 9.42
N GLY D 57 -20.09 11.96 9.17
CA GLY D 57 -20.17 11.32 7.86
C GLY D 57 -19.73 9.87 7.82
N PHE D 58 -18.92 9.42 8.77
CA PHE D 58 -18.43 8.04 8.77
C PHE D 58 -18.50 7.47 10.18
N GLU D 59 -19.00 6.23 10.28
CA GLU D 59 -19.05 5.52 11.55
C GLU D 59 -18.13 4.31 11.59
N TYR D 60 -18.10 3.52 10.53
CA TYR D 60 -17.35 2.28 10.48
C TYR D 60 -17.04 1.97 9.02
N SER D 61 -15.82 1.48 8.77
CA SER D 61 -15.33 1.37 7.40
C SER D 61 -16.27 0.54 6.52
N ARG D 62 -16.86 -0.52 7.08
CA ARG D 62 -17.73 -1.37 6.28
C ARG D 62 -18.95 -0.61 5.78
N SER D 63 -19.53 0.24 6.63
CA SER D 63 -20.68 1.04 6.20
C SER D 63 -20.27 2.09 5.18
N GLY D 64 -19.09 2.68 5.35
CA GLY D 64 -18.59 3.68 4.43
C GLY D 64 -17.25 4.23 4.88
N ASN D 65 -16.45 4.69 3.93
CA ASN D 65 -15.14 5.25 4.23
C ASN D 65 -14.76 6.19 3.10
N PRO D 66 -13.88 7.18 3.35
CA PRO D 66 -13.62 8.21 2.32
C PRO D 66 -13.16 7.66 0.98
N THR D 67 -12.16 6.78 0.97
CA THR D 67 -11.59 6.34 -0.30
C THR D 67 -12.59 5.56 -1.14
N ARG D 68 -13.45 4.77 -0.51
CA ARG D 68 -14.44 4.01 -1.27
C ARG D 68 -15.54 4.92 -1.81
N ASN D 69 -16.00 5.88 -1.00
CA ASN D 69 -17.04 6.79 -1.46
C ASN D 69 -16.55 7.65 -2.62
N CYS D 70 -15.28 8.04 -2.61
CA CYS D 70 -14.71 8.77 -3.74
C CYS D 70 -14.79 7.93 -5.02
N LEU D 71 -14.43 6.65 -4.93
CA LEU D 71 -14.51 5.76 -6.09
C LEU D 71 -15.93 5.59 -6.59
N GLU D 72 -16.89 5.39 -5.67
CA GLU D 72 -18.28 5.19 -6.06
C GLU D 72 -18.81 6.42 -6.79
N LYS D 73 -18.42 7.61 -6.33
CA LYS D 73 -18.79 8.86 -6.98
C LYS D 73 -18.32 8.87 -8.44
N ALA D 74 -17.04 8.52 -8.71
CA ALA D 74 -16.51 8.48 -10.09
C ALA D 74 -17.23 7.49 -11.00
N VAL D 75 -17.37 6.24 -10.56
CA VAL D 75 -18.00 5.20 -11.39
C VAL D 75 -19.43 5.58 -11.72
N ALA D 76 -20.18 6.09 -10.73
CA ALA D 76 -21.54 6.55 -10.96
C ALA D 76 -21.59 7.57 -12.09
N ALA D 77 -20.67 8.55 -12.07
CA ALA D 77 -20.64 9.55 -13.13
C ALA D 77 -20.33 8.93 -14.49
N LEU D 78 -19.37 8.00 -14.53
CA LEU D 78 -19.02 7.36 -15.79
C LEU D 78 -20.18 6.53 -16.34
N ASP D 79 -21.02 5.98 -15.46
CA ASP D 79 -22.20 5.23 -15.86
C ASP D 79 -23.43 6.11 -16.09
N GLY D 80 -23.32 7.41 -15.89
CA GLY D 80 -24.52 8.24 -15.91
C GLY D 80 -25.50 7.89 -14.81
N ALA D 81 -25.02 7.29 -13.72
CA ALA D 81 -25.84 6.82 -12.62
C ALA D 81 -25.89 7.86 -11.51
N LYS D 82 -26.87 7.69 -10.63
CA LYS D 82 -26.94 8.48 -9.41
C LYS D 82 -26.12 7.88 -8.28
N TYR D 83 -25.99 6.56 -8.25
CA TYR D 83 -25.34 5.88 -7.14
C TYR D 83 -24.47 4.75 -7.67
N CYS D 84 -23.47 4.38 -6.87
CA CYS D 84 -22.63 3.24 -7.17
C CYS D 84 -22.17 2.60 -5.88
N LEU D 85 -21.96 1.29 -5.92
CA LEU D 85 -21.53 0.52 -4.76
C LEU D 85 -20.36 -0.38 -5.17
N ALA D 86 -19.30 -0.37 -4.35
CA ALA D 86 -18.13 -1.20 -4.59
C ALA D 86 -18.17 -2.44 -3.72
N PHE D 87 -17.57 -3.52 -4.22
CA PHE D 87 -17.62 -4.81 -3.55
C PHE D 87 -16.28 -5.52 -3.69
N ALA D 88 -16.11 -6.58 -2.91
CA ALA D 88 -14.84 -7.29 -2.86
C ALA D 88 -14.49 -7.95 -4.18
N SER D 89 -15.46 -8.24 -5.04
CA SER D 89 -15.21 -8.87 -6.32
C SER D 89 -16.46 -8.71 -7.19
N GLY D 90 -16.31 -9.08 -8.46
CA GLY D 90 -17.47 -9.09 -9.34
C GLY D 90 -18.52 -10.10 -8.91
N LEU D 91 -18.08 -11.30 -8.53
CA LEU D 91 -19.00 -12.29 -8.00
C LEU D 91 -19.70 -11.80 -6.74
N ALA D 92 -18.93 -11.14 -5.85
CA ALA D 92 -19.53 -10.59 -4.64
C ALA D 92 -20.61 -9.58 -4.95
N ALA D 93 -20.47 -8.85 -6.07
CA ALA D 93 -21.54 -7.94 -6.48
C ALA D 93 -22.75 -8.72 -6.97
N THR D 94 -22.52 -9.82 -7.70
CA THR D 94 -23.62 -10.66 -8.14
C THR D 94 -24.38 -11.26 -6.95
N VAL D 95 -23.64 -11.75 -5.96
CA VAL D 95 -24.27 -12.32 -4.77
C VAL D 95 -25.09 -11.26 -4.04
N THR D 96 -24.51 -10.08 -3.83
CA THR D 96 -25.23 -9.00 -3.14
C THR D 96 -26.48 -8.60 -3.92
N ILE D 97 -26.40 -8.55 -5.25
CA ILE D 97 -27.57 -8.22 -6.05
C ILE D 97 -28.64 -9.29 -5.91
N THR D 98 -28.23 -10.56 -5.84
CA THR D 98 -29.18 -11.65 -5.68
C THR D 98 -29.93 -11.55 -4.35
N HIS D 99 -29.25 -11.10 -3.30
CA HIS D 99 -29.87 -10.95 -2.00
C HIS D 99 -30.95 -9.87 -1.97
N LEU D 100 -31.15 -9.14 -3.07
CA LEU D 100 -32.30 -8.24 -3.16
C LEU D 100 -33.61 -9.01 -3.18
N LEU D 101 -33.58 -10.29 -3.50
CA LEU D 101 -34.79 -11.08 -3.68
C LEU D 101 -35.15 -11.83 -2.39
N LYS D 102 -36.11 -12.73 -2.49
CA LYS D 102 -36.57 -13.54 -1.37
C LYS D 102 -36.92 -14.92 -1.91
N ALA D 103 -37.01 -15.89 -1.01
CA ALA D 103 -37.43 -17.23 -1.37
C ALA D 103 -38.74 -17.20 -2.15
N GLY D 104 -38.80 -18.01 -3.21
CA GLY D 104 -39.92 -18.03 -4.12
C GLY D 104 -39.72 -17.25 -5.41
N ASP D 105 -38.78 -16.30 -5.42
CA ASP D 105 -38.53 -15.52 -6.62
C ASP D 105 -37.81 -16.36 -7.68
N GLN D 106 -37.86 -15.87 -8.92
CA GLN D 106 -37.22 -16.52 -10.05
C GLN D 106 -36.21 -15.57 -10.68
N ILE D 107 -35.13 -16.15 -11.21
CA ILE D 107 -34.09 -15.41 -11.90
C ILE D 107 -33.96 -15.95 -13.31
N ILE D 108 -34.01 -15.06 -14.30
CA ILE D 108 -33.68 -15.40 -15.67
C ILE D 108 -32.27 -14.90 -15.93
N CYS D 109 -31.39 -15.81 -16.27
CA CYS D 109 -29.99 -15.48 -16.47
C CYS D 109 -29.60 -15.71 -17.90
N MET D 110 -28.73 -14.83 -18.38
CA MET D 110 -28.21 -15.05 -19.70
C MET D 110 -27.57 -16.41 -19.81
N ASP D 111 -27.87 -16.96 -20.96
CA ASP D 111 -27.48 -18.26 -21.50
C ASP D 111 -25.97 -18.45 -21.49
N ASP D 112 -25.22 -17.49 -22.04
CA ASP D 112 -23.75 -17.50 -22.04
C ASP D 112 -23.26 -16.43 -21.05
N VAL D 113 -22.63 -16.85 -19.96
CA VAL D 113 -22.17 -15.94 -18.90
C VAL D 113 -20.88 -16.49 -18.34
N TYR D 114 -20.16 -15.65 -17.59
CA TYR D 114 -18.93 -16.08 -16.96
C TYR D 114 -19.17 -17.32 -16.11
N GLY D 115 -18.23 -18.27 -16.19
CA GLY D 115 -18.40 -19.54 -15.48
C GLY D 115 -18.85 -19.38 -14.05
N GLY D 116 -18.21 -18.46 -13.31
CA GLY D 116 -18.59 -18.25 -11.93
C GLY D 116 -20.02 -17.77 -11.77
N THR D 117 -20.49 -16.94 -12.70
CA THR D 117 -21.88 -16.50 -12.67
C THR D 117 -22.81 -17.68 -12.88
N ASN D 118 -22.48 -18.54 -13.85
CA ASN D 118 -23.25 -19.77 -14.04
C ASN D 118 -23.17 -20.65 -12.80
N ARG D 119 -21.96 -20.83 -12.26
CA ARG D 119 -21.78 -21.68 -11.08
C ARG D 119 -22.57 -21.17 -9.89
N TYR D 120 -22.52 -19.86 -9.62
CA TYR D 120 -23.22 -19.32 -8.47
C TYR D 120 -24.72 -19.53 -8.56
N PHE D 121 -25.34 -19.06 -9.65
CA PHE D 121 -26.78 -19.22 -9.83
C PHE D 121 -27.17 -20.69 -9.81
N ARG D 122 -26.42 -21.53 -10.53
CA ARG D 122 -26.83 -22.91 -10.73
C ARG D 122 -26.64 -23.75 -9.46
N GLN D 123 -25.51 -23.59 -8.78
CA GLN D 123 -25.16 -24.50 -7.70
C GLN D 123 -25.34 -23.92 -6.30
N VAL D 124 -25.56 -22.62 -6.16
CA VAL D 124 -25.63 -22.02 -4.83
C VAL D 124 -26.97 -21.31 -4.63
N ALA D 125 -27.22 -20.27 -5.42
CA ALA D 125 -28.44 -19.48 -5.26
C ALA D 125 -29.70 -20.33 -5.41
N SER D 126 -29.66 -21.34 -6.28
CA SER D 126 -30.81 -22.20 -6.49
C SER D 126 -31.17 -22.99 -5.24
N GLU D 127 -30.23 -23.17 -4.31
CA GLU D 127 -30.46 -23.95 -3.10
C GLU D 127 -31.16 -23.15 -2.00
N PHE D 128 -31.51 -21.90 -2.24
CA PHE D 128 -32.12 -21.04 -1.21
C PHE D 128 -33.43 -20.46 -1.70
N GLY D 129 -34.28 -21.31 -2.27
CA GLY D 129 -35.61 -20.88 -2.67
C GLY D 129 -35.68 -20.01 -3.90
N LEU D 130 -34.69 -20.10 -4.80
CA LEU D 130 -34.61 -19.32 -6.02
C LEU D 130 -34.57 -20.25 -7.22
N LYS D 131 -35.36 -19.94 -8.23
CA LYS D 131 -35.39 -20.72 -9.46
C LYS D 131 -34.57 -20.01 -10.54
N ILE D 132 -33.63 -20.73 -11.14
CA ILE D 132 -32.70 -20.16 -12.11
C ILE D 132 -33.09 -20.73 -13.46
N SER D 133 -33.25 -19.84 -14.45
CA SER D 133 -33.60 -20.23 -15.80
C SER D 133 -32.62 -19.56 -16.73
N PHE D 134 -31.91 -20.35 -17.52
CA PHE D 134 -30.94 -19.83 -18.49
C PHE D 134 -31.63 -19.71 -19.84
N VAL D 135 -31.64 -18.49 -20.39
CA VAL D 135 -32.34 -18.20 -21.63
C VAL D 135 -31.42 -17.40 -22.54
N ASP D 136 -31.47 -17.70 -23.84
CA ASP D 136 -30.73 -16.97 -24.85
C ASP D 136 -31.48 -15.69 -25.17
N CYS D 137 -31.24 -14.65 -24.36
CA CYS D 137 -31.95 -13.39 -24.56
C CYS D 137 -31.43 -12.61 -25.75
N SER D 138 -30.42 -13.11 -26.47
CA SER D 138 -30.03 -12.49 -27.72
C SER D 138 -31.13 -12.63 -28.77
N LYS D 139 -31.95 -13.67 -28.65
CA LYS D 139 -33.20 -13.76 -29.40
C LYS D 139 -34.29 -13.21 -28.47
N ILE D 140 -34.73 -11.96 -28.69
CA ILE D 140 -35.47 -11.27 -27.64
C ILE D 140 -36.82 -11.94 -27.36
N LYS D 141 -37.40 -12.66 -28.33
CA LYS D 141 -38.67 -13.34 -28.03
C LYS D 141 -38.49 -14.46 -27.02
N LEU D 142 -37.31 -15.09 -26.97
CA LEU D 142 -37.08 -16.16 -26.00
C LEU D 142 -37.11 -15.64 -24.57
N LEU D 143 -36.68 -14.40 -24.35
CA LEU D 143 -36.77 -13.81 -23.02
C LEU D 143 -38.22 -13.56 -22.62
N GLU D 144 -39.00 -12.97 -23.53
CA GLU D 144 -40.42 -12.73 -23.26
C GLU D 144 -41.17 -14.01 -22.94
N ALA D 145 -40.82 -15.11 -23.63
CA ALA D 145 -41.50 -16.38 -23.37
C ALA D 145 -41.15 -16.94 -22.01
N ALA D 146 -39.93 -16.71 -21.53
CA ALA D 146 -39.48 -17.31 -20.28
C ALA D 146 -39.92 -16.53 -19.04
N ILE D 147 -40.40 -15.29 -19.21
CA ILE D 147 -40.83 -14.51 -18.06
C ILE D 147 -42.09 -15.12 -17.45
N THR D 148 -42.15 -15.12 -16.13
CA THR D 148 -43.21 -15.72 -15.33
C THR D 148 -43.61 -14.72 -14.26
N PRO D 149 -44.79 -14.88 -13.66
CA PRO D 149 -45.17 -13.97 -12.55
C PRO D 149 -44.19 -13.97 -11.39
N GLU D 150 -43.37 -15.00 -11.24
CA GLU D 150 -42.36 -15.05 -10.19
C GLU D 150 -41.02 -14.45 -10.61
N THR D 151 -40.86 -14.08 -11.87
CA THR D 151 -39.62 -13.45 -12.32
C THR D 151 -39.42 -12.11 -11.63
N LYS D 152 -38.29 -11.98 -10.92
CA LYS D 152 -37.94 -10.74 -10.26
C LYS D 152 -36.61 -10.16 -10.71
N LEU D 153 -35.77 -10.94 -11.39
CA LEU D 153 -34.44 -10.48 -11.77
C LEU D 153 -34.04 -11.11 -13.10
N VAL D 154 -33.59 -10.27 -14.03
CA VAL D 154 -33.03 -10.71 -15.30
C VAL D 154 -31.57 -10.27 -15.34
N TRP D 155 -30.66 -11.23 -15.52
CA TRP D 155 -29.22 -10.99 -15.51
C TRP D 155 -28.67 -11.16 -16.92
N ILE D 156 -28.07 -10.10 -17.45
CA ILE D 156 -27.63 -10.06 -18.84
C ILE D 156 -26.14 -9.75 -18.88
N GLU D 157 -25.43 -10.40 -19.81
CA GLU D 157 -24.11 -9.99 -20.26
C GLU D 157 -24.18 -9.60 -21.72
N THR D 158 -23.51 -8.51 -22.09
CA THR D 158 -23.40 -8.18 -23.50
C THR D 158 -22.18 -7.31 -23.77
N PRO D 159 -21.23 -7.76 -24.61
CA PRO D 159 -21.18 -9.11 -25.20
C PRO D 159 -20.94 -10.20 -24.15
N THR D 160 -21.48 -11.37 -24.41
CA THR D 160 -21.38 -12.47 -23.47
C THR D 160 -19.96 -13.03 -23.43
N ASN D 161 -19.63 -13.67 -22.31
CA ASN D 161 -18.34 -14.28 -22.11
C ASN D 161 -18.48 -15.80 -22.22
N PRO D 162 -17.81 -16.48 -23.16
CA PRO D 162 -16.84 -15.97 -24.15
C PRO D 162 -17.35 -15.88 -25.58
N THR D 163 -18.55 -16.39 -25.87
CA THR D 163 -19.02 -16.44 -27.25
C THR D 163 -19.33 -15.06 -27.80
N GLN D 164 -19.46 -14.05 -26.94
CA GLN D 164 -19.67 -12.66 -27.35
C GLN D 164 -20.93 -12.49 -28.19
N LYS D 165 -22.02 -13.10 -27.73
CA LYS D 165 -23.34 -12.78 -28.25
C LYS D 165 -23.78 -11.42 -27.71
N VAL D 166 -24.49 -10.66 -28.53
CA VAL D 166 -24.88 -9.30 -28.20
C VAL D 166 -26.39 -9.24 -27.99
N ILE D 167 -26.80 -8.45 -27.00
CA ILE D 167 -28.20 -8.36 -26.58
C ILE D 167 -28.66 -6.92 -26.73
N ASP D 168 -29.82 -6.73 -27.35
CA ASP D 168 -30.45 -5.41 -27.43
C ASP D 168 -30.93 -5.03 -26.04
N ILE D 169 -30.16 -4.18 -25.36
CA ILE D 169 -30.49 -3.79 -23.99
C ILE D 169 -31.81 -3.02 -23.96
N GLU D 170 -31.98 -2.07 -24.88
CA GLU D 170 -33.21 -1.29 -24.91
C GLU D 170 -34.41 -2.16 -25.24
N GLY D 171 -34.22 -3.15 -26.11
CA GLY D 171 -35.29 -4.09 -26.39
C GLY D 171 -35.69 -4.90 -25.18
N CYS D 172 -34.71 -5.45 -24.48
CA CYS D 172 -35.00 -6.24 -23.28
C CYS D 172 -35.63 -5.40 -22.17
N ALA D 173 -35.19 -4.15 -22.03
CA ALA D 173 -35.78 -3.26 -21.02
C ALA D 173 -37.25 -2.99 -21.35
N HIS D 174 -37.54 -2.81 -22.65
CA HIS D 174 -38.92 -2.72 -23.11
C HIS D 174 -39.78 -3.81 -22.54
N ILE D 175 -39.40 -5.02 -22.87
CA ILE D 175 -40.11 -6.23 -22.48
C ILE D 175 -40.14 -6.39 -20.97
N VAL D 176 -38.95 -6.36 -20.35
CA VAL D 176 -38.83 -6.69 -18.93
C VAL D 176 -39.69 -5.75 -18.09
N HIS D 177 -39.76 -4.48 -18.47
CA HIS D 177 -40.49 -3.50 -17.67
C HIS D 177 -41.98 -3.48 -17.98
N LYS D 178 -42.45 -4.31 -18.90
CA LYS D 178 -43.90 -4.44 -19.12
C LYS D 178 -44.57 -5.11 -17.93
N HIS D 179 -43.84 -5.95 -17.20
CA HIS D 179 -44.41 -6.75 -16.13
C HIS D 179 -44.24 -6.12 -14.76
N GLY D 180 -43.86 -4.84 -14.69
CA GLY D 180 -43.87 -4.11 -13.44
C GLY D 180 -42.54 -4.18 -12.71
N ASP D 181 -42.52 -4.95 -11.63
CA ASP D 181 -41.39 -5.10 -10.73
C ASP D 181 -40.37 -6.20 -11.11
N ILE D 182 -39.69 -5.98 -12.21
CA ILE D 182 -38.61 -6.88 -12.59
C ILE D 182 -37.35 -6.06 -12.76
N ILE D 183 -36.25 -6.51 -12.13
CA ILE D 183 -34.97 -5.82 -12.20
C ILE D 183 -34.17 -6.34 -13.40
N LEU D 184 -33.65 -5.43 -14.21
CA LEU D 184 -32.79 -5.77 -15.33
C LEU D 184 -31.36 -5.38 -15.01
N VAL D 185 -30.48 -6.37 -14.94
CA VAL D 185 -29.06 -6.17 -14.70
C VAL D 185 -28.30 -6.42 -15.99
N VAL D 186 -27.37 -5.53 -16.32
CA VAL D 186 -26.46 -5.72 -17.44
C VAL D 186 -25.04 -5.74 -16.88
N ASP D 187 -24.38 -6.88 -16.99
CA ASP D 187 -22.97 -7.00 -16.62
C ASP D 187 -22.15 -6.36 -17.72
N ASN D 188 -21.75 -5.11 -17.51
CA ASN D 188 -21.04 -4.34 -18.53
C ASN D 188 -19.53 -4.46 -18.43
N THR D 189 -19.03 -5.60 -17.94
CA THR D 189 -17.59 -5.76 -17.74
C THR D 189 -16.84 -5.69 -19.06
N PHE D 190 -17.34 -6.40 -20.07
CA PHE D 190 -16.60 -6.52 -21.33
C PHE D 190 -16.45 -5.19 -22.05
N MET D 191 -17.42 -4.28 -21.91
CA MET D 191 -17.44 -3.05 -22.70
C MET D 191 -16.90 -1.84 -21.96
N SER D 192 -17.10 -1.77 -20.64
CA SER D 192 -16.75 -0.63 -19.79
C SER D 192 -17.68 0.54 -20.10
N PRO D 193 -17.88 1.48 -19.17
CA PRO D 193 -18.81 2.59 -19.43
C PRO D 193 -18.33 3.55 -20.51
N TYR D 194 -17.06 3.49 -20.89
CA TYR D 194 -16.58 4.35 -21.98
C TYR D 194 -17.19 3.95 -23.32
N PHE D 195 -17.65 2.71 -23.45
CA PHE D 195 -18.20 2.22 -24.71
C PHE D 195 -19.67 1.84 -24.63
N GLN D 196 -20.23 1.66 -23.44
CA GLN D 196 -21.62 1.23 -23.31
C GLN D 196 -22.15 1.65 -21.95
N ARG D 197 -23.32 2.30 -21.95
CA ARG D 197 -23.98 2.76 -20.74
C ARG D 197 -25.34 2.07 -20.64
N PRO D 198 -25.40 0.86 -20.06
CA PRO D 198 -26.68 0.15 -19.95
C PRO D 198 -27.81 0.96 -19.34
N LEU D 199 -27.51 1.84 -18.37
CA LEU D 199 -28.55 2.62 -17.74
C LEU D 199 -29.22 3.57 -18.73
N ALA D 200 -28.43 4.17 -19.63
CA ALA D 200 -28.99 5.00 -20.68
C ALA D 200 -29.78 4.20 -21.70
N LEU D 201 -29.70 2.88 -21.67
CA LEU D 201 -30.41 2.01 -22.60
C LEU D 201 -31.60 1.32 -21.96
N GLY D 202 -31.97 1.69 -20.73
CA GLY D 202 -33.15 1.16 -20.08
C GLY D 202 -32.87 0.26 -18.90
N ALA D 203 -31.65 -0.26 -18.79
CA ALA D 203 -31.31 -1.16 -17.69
C ALA D 203 -31.49 -0.48 -16.35
N ASP D 204 -31.79 -1.28 -15.33
CA ASP D 204 -31.94 -0.77 -13.97
C ASP D 204 -30.64 -0.82 -13.18
N ILE D 205 -29.73 -1.72 -13.53
CA ILE D 205 -28.46 -1.88 -12.81
C ILE D 205 -27.35 -2.07 -13.83
N SER D 206 -26.28 -1.30 -13.71
CA SER D 206 -25.06 -1.48 -14.47
C SER D 206 -23.99 -2.05 -13.54
N MET D 207 -23.56 -3.28 -13.81
CA MET D 207 -22.66 -4.01 -12.93
C MET D 207 -21.36 -4.31 -13.66
N TYR D 208 -20.25 -4.31 -12.92
CA TYR D 208 -18.94 -4.57 -13.47
C TYR D 208 -18.15 -5.52 -12.59
N SER D 209 -17.35 -6.35 -13.22
CA SER D 209 -16.19 -6.94 -12.58
C SER D 209 -15.05 -5.94 -12.79
N ALA D 210 -14.80 -5.11 -11.77
CA ALA D 210 -13.79 -4.06 -11.92
C ALA D 210 -12.39 -4.63 -12.06
N THR D 211 -12.21 -5.91 -11.74
CA THR D 211 -10.94 -6.60 -11.95
C THR D 211 -10.43 -6.48 -13.39
N LYS D 212 -11.33 -6.26 -14.34
CA LYS D 212 -10.96 -6.34 -15.75
C LYS D 212 -10.56 -5.00 -16.37
N TYR D 213 -11.51 -4.23 -16.90
CA TYR D 213 -11.16 -3.01 -17.62
C TYR D 213 -11.16 -1.77 -16.74
N MET D 214 -12.12 -1.66 -15.81
CA MET D 214 -12.20 -0.49 -14.93
C MET D 214 -10.87 -0.19 -14.27
N ASN D 215 -10.36 -1.15 -13.49
CA ASN D 215 -9.02 -1.03 -12.93
C ASN D 215 -7.97 -1.11 -14.04
N GLY D 216 -8.06 -2.13 -14.88
CA GLY D 216 -7.25 -2.21 -16.07
C GLY D 216 -5.78 -2.45 -15.86
N HIS D 217 -5.35 -2.77 -14.64
CA HIS D 217 -3.94 -2.97 -14.35
C HIS D 217 -3.65 -4.34 -13.73
N SER D 218 -4.62 -5.26 -13.77
CA SER D 218 -4.42 -6.65 -13.39
C SER D 218 -3.87 -6.79 -11.97
N ASP D 219 -4.35 -5.93 -11.06
CA ASP D 219 -3.85 -5.97 -9.70
C ASP D 219 -4.90 -5.65 -8.65
N VAL D 220 -6.19 -5.65 -8.99
CA VAL D 220 -7.26 -5.35 -8.06
C VAL D 220 -8.44 -6.25 -8.41
N VAL D 221 -8.93 -7.02 -7.44
CA VAL D 221 -10.15 -7.79 -7.58
C VAL D 221 -11.28 -6.99 -6.96
N MET D 222 -12.29 -6.65 -7.75
CA MET D 222 -13.32 -5.74 -7.28
C MET D 222 -14.53 -5.82 -8.20
N GLY D 223 -15.70 -5.56 -7.63
CA GLY D 223 -16.93 -5.44 -8.40
C GLY D 223 -17.59 -4.11 -8.14
N LEU D 224 -18.37 -3.64 -9.12
CA LEU D 224 -19.02 -2.34 -9.04
C LEU D 224 -20.46 -2.48 -9.51
N VAL D 225 -21.35 -1.73 -8.87
CA VAL D 225 -22.78 -1.77 -9.18
C VAL D 225 -23.30 -0.34 -9.21
N SER D 226 -23.82 0.10 -10.35
CA SER D 226 -24.38 1.44 -10.51
C SER D 226 -25.88 1.35 -10.71
N VAL D 227 -26.61 2.32 -10.14
CA VAL D 227 -28.06 2.28 -10.08
C VAL D 227 -28.60 3.70 -10.02
N ASN D 228 -29.84 3.88 -10.47
CA ASN D 228 -30.53 5.16 -10.43
C ASN D 228 -31.72 5.19 -9.49
N CYS D 229 -32.45 4.09 -9.38
CA CYS D 229 -33.68 4.06 -8.59
C CYS D 229 -33.37 4.27 -7.11
N GLU D 230 -34.12 5.16 -6.47
CA GLU D 230 -33.89 5.46 -5.06
C GLU D 230 -34.18 4.24 -4.19
N SER D 231 -35.35 3.62 -4.38
CA SER D 231 -35.68 2.40 -3.65
C SER D 231 -34.63 1.31 -3.87
N LEU D 232 -34.22 1.12 -5.13
CA LEU D 232 -33.26 0.07 -5.44
C LEU D 232 -31.88 0.34 -4.85
N HIS D 233 -31.50 1.62 -4.75
CA HIS D 233 -30.19 1.94 -4.17
C HIS D 233 -30.19 1.71 -2.67
N ASN D 234 -31.24 2.14 -1.97
CA ASN D 234 -31.30 1.95 -0.52
C ASN D 234 -31.25 0.47 -0.16
N ARG D 235 -31.89 -0.38 -0.97
CA ARG D 235 -31.86 -1.81 -0.70
C ARG D 235 -30.47 -2.38 -0.94
N LEU D 236 -29.79 -1.93 -2.00
CA LEU D 236 -28.43 -2.40 -2.27
C LEU D 236 -27.46 -1.89 -1.21
N ARG D 237 -27.63 -0.64 -0.77
CA ARG D 237 -26.75 -0.08 0.25
C ARG D 237 -26.87 -0.85 1.56
N PHE D 238 -28.10 -1.21 1.94
CA PHE D 238 -28.30 -2.01 3.14
C PHE D 238 -27.52 -3.32 3.08
N LEU D 239 -27.53 -3.97 1.91
CA LEU D 239 -26.86 -5.27 1.80
C LEU D 239 -25.35 -5.11 1.71
N GLN D 240 -24.87 -3.99 1.19
CA GLN D 240 -23.43 -3.72 1.19
C GLN D 240 -22.87 -3.74 2.61
N ASN D 241 -23.57 -3.07 3.54
CA ASN D 241 -23.11 -3.04 4.92
C ASN D 241 -23.47 -4.33 5.68
N SER D 242 -24.60 -4.95 5.35
CA SER D 242 -25.07 -6.11 6.11
C SER D 242 -24.38 -7.40 5.68
N LEU D 243 -24.06 -7.55 4.39
CA LEU D 243 -23.33 -8.72 3.92
C LEU D 243 -21.82 -8.56 4.03
N GLY D 244 -21.32 -7.32 4.04
CA GLY D 244 -19.92 -7.07 4.32
C GLY D 244 -18.94 -7.52 3.26
N ALA D 245 -19.41 -7.74 2.02
CA ALA D 245 -18.51 -8.08 0.92
C ALA D 245 -17.92 -6.80 0.31
N VAL D 246 -17.21 -6.05 1.16
CA VAL D 246 -16.74 -4.71 0.81
C VAL D 246 -15.29 -4.76 0.39
N PRO D 247 -14.82 -3.83 -0.44
CA PRO D 247 -13.42 -3.82 -0.86
C PRO D 247 -12.51 -3.07 0.10
N SER D 248 -11.24 -3.38 0.02
CA SER D 248 -10.23 -2.65 0.78
C SER D 248 -10.14 -1.21 0.29
N PRO D 249 -9.92 -0.24 1.19
CA PRO D 249 -9.74 1.15 0.74
C PRO D 249 -8.54 1.34 -0.19
N ILE D 250 -7.51 0.50 -0.07
CA ILE D 250 -6.38 0.61 -0.98
C ILE D 250 -6.78 0.17 -2.39
N ASP D 251 -7.41 -1.00 -2.49
CA ASP D 251 -7.96 -1.45 -3.77
C ASP D 251 -8.85 -0.38 -4.38
N CYS D 252 -9.66 0.29 -3.55
CA CYS D 252 -10.47 1.40 -4.05
C CYS D 252 -9.60 2.50 -4.63
N TYR D 253 -8.54 2.89 -3.91
CA TYR D 253 -7.60 3.87 -4.44
C TYR D 253 -6.99 3.39 -5.75
N LEU D 254 -6.48 2.16 -5.76
CA LEU D 254 -5.84 1.63 -6.96
C LEU D 254 -6.82 1.56 -8.12
N CYS D 255 -8.06 1.17 -7.85
CA CYS D 255 -9.08 1.13 -8.90
C CYS D 255 -9.40 2.54 -9.39
N ASN D 256 -9.60 3.47 -8.47
CA ASN D 256 -9.81 4.87 -8.86
C ASN D 256 -8.62 5.41 -9.63
N ARG D 257 -7.42 4.92 -9.34
CA ARG D 257 -6.24 5.31 -10.10
C ARG D 257 -6.31 4.81 -11.53
N GLY D 258 -6.78 3.57 -11.73
CA GLY D 258 -6.91 3.04 -13.07
C GLY D 258 -7.97 3.74 -13.90
N LEU D 259 -9.04 4.21 -13.26
CA LEU D 259 -10.08 4.95 -13.98
C LEU D 259 -9.52 6.21 -14.65
N LYS D 260 -8.47 6.80 -14.07
CA LYS D 260 -7.94 8.06 -14.60
C LYS D 260 -7.46 7.92 -16.03
N THR D 261 -7.07 6.72 -16.45
CA THR D 261 -6.59 6.47 -17.81
C THR D 261 -7.52 5.56 -18.59
N LEU D 262 -8.75 5.34 -18.11
CA LEU D 262 -9.66 4.42 -18.80
C LEU D 262 -9.89 4.83 -20.26
N HIS D 263 -10.13 6.11 -20.50
CA HIS D 263 -10.46 6.57 -21.85
C HIS D 263 -9.31 6.31 -22.83
N VAL D 264 -8.08 6.63 -22.43
CA VAL D 264 -6.95 6.42 -23.33
C VAL D 264 -6.63 4.94 -23.46
N ARG D 265 -6.90 4.15 -22.42
CA ARG D 265 -6.66 2.71 -22.49
C ARG D 265 -7.66 2.03 -23.41
N MET D 266 -8.96 2.36 -23.25
CA MET D 266 -9.99 1.69 -24.05
C MET D 266 -9.84 2.01 -25.52
N GLU D 267 -9.46 3.24 -25.86
CA GLU D 267 -9.26 3.60 -27.26
C GLU D 267 -8.17 2.76 -27.90
N LYS D 268 -7.10 2.47 -27.15
CA LYS D 268 -6.03 1.63 -27.68
C LYS D 268 -6.45 0.17 -27.74
N HIS D 269 -7.24 -0.28 -26.76
CA HIS D 269 -7.82 -1.62 -26.84
C HIS D 269 -8.66 -1.80 -28.10
N PHE D 270 -9.41 -0.77 -28.47
CA PHE D 270 -10.22 -0.82 -29.69
C PHE D 270 -9.33 -1.05 -30.92
N LYS D 271 -8.29 -0.23 -31.08
CA LYS D 271 -7.45 -0.32 -32.27
C LYS D 271 -6.73 -1.65 -32.34
N ASN D 272 -6.12 -2.07 -31.22
CA ASN D 272 -5.41 -3.35 -31.22
C ASN D 272 -6.37 -4.53 -31.37
N GLY D 273 -7.54 -4.46 -30.72
CA GLY D 273 -8.51 -5.53 -30.86
C GLY D 273 -9.01 -5.68 -32.28
N MET D 274 -9.38 -4.56 -32.91
CA MET D 274 -9.81 -4.60 -34.30
C MET D 274 -8.72 -5.15 -35.21
N ALA D 275 -7.49 -4.71 -35.01
CA ALA D 275 -6.38 -5.19 -35.84
C ALA D 275 -6.16 -6.68 -35.66
N VAL D 276 -6.33 -7.18 -34.44
CA VAL D 276 -6.17 -8.61 -34.19
C VAL D 276 -7.32 -9.40 -34.82
N ALA D 277 -8.54 -8.88 -34.72
CA ALA D 277 -9.70 -9.58 -35.27
C ALA D 277 -9.61 -9.70 -36.79
N GLN D 278 -9.19 -8.62 -37.47
CA GLN D 278 -9.07 -8.68 -38.92
C GLN D 278 -7.96 -9.65 -39.34
N PHE D 279 -6.84 -9.64 -38.61
CA PHE D 279 -5.74 -10.57 -38.91
C PHE D 279 -6.19 -12.01 -38.75
N LEU D 280 -6.97 -12.31 -37.70
CA LEU D 280 -7.38 -13.68 -37.45
C LEU D 280 -8.36 -14.15 -38.52
N GLU D 281 -9.23 -13.26 -39.00
CA GLU D 281 -10.17 -13.65 -40.06
C GLU D 281 -9.42 -13.92 -41.35
N SER D 282 -8.25 -13.28 -41.53
CA SER D 282 -7.41 -13.47 -42.73
C SER D 282 -6.50 -14.69 -42.58
N ASN D 283 -6.57 -15.39 -41.46
CA ASN D 283 -5.59 -16.45 -41.31
C ASN D 283 -6.13 -17.79 -41.82
N PRO D 284 -5.33 -18.52 -42.61
CA PRO D 284 -5.80 -19.80 -43.14
C PRO D 284 -6.00 -20.84 -42.06
N TRP D 285 -5.50 -20.58 -40.85
CA TRP D 285 -5.59 -21.52 -39.75
C TRP D 285 -6.55 -21.04 -38.67
N VAL D 286 -7.53 -20.22 -39.03
CA VAL D 286 -8.58 -19.77 -38.14
C VAL D 286 -9.93 -20.11 -38.76
N GLU D 287 -10.75 -20.87 -38.03
CA GLU D 287 -12.04 -21.28 -38.57
C GLU D 287 -13.09 -20.17 -38.49
N LYS D 288 -13.11 -19.41 -37.40
CA LYS D 288 -14.12 -18.37 -37.22
C LYS D 288 -13.61 -17.37 -36.20
N VAL D 289 -14.05 -16.12 -36.36
CA VAL D 289 -13.67 -15.03 -35.48
C VAL D 289 -14.93 -14.31 -35.02
N ILE D 290 -15.08 -14.13 -33.71
CA ILE D 290 -16.21 -13.42 -33.13
C ILE D 290 -15.68 -12.14 -32.51
N TYR D 291 -15.98 -11.00 -33.14
CA TYR D 291 -15.60 -9.70 -32.62
C TYR D 291 -16.70 -8.71 -32.95
N PRO D 292 -17.31 -8.06 -31.94
CA PRO D 292 -18.44 -7.15 -32.20
C PRO D 292 -18.13 -6.06 -33.20
N GLY D 293 -16.85 -5.74 -33.38
CA GLY D 293 -16.45 -4.71 -34.32
C GLY D 293 -16.36 -5.14 -35.77
N LEU D 294 -16.38 -6.45 -36.03
CA LEU D 294 -16.30 -6.89 -37.41
C LEU D 294 -17.69 -6.93 -38.04
N PRO D 295 -17.81 -6.60 -39.32
CA PRO D 295 -19.11 -6.73 -40.01
C PRO D 295 -19.65 -8.15 -40.03
N SER D 296 -18.78 -9.15 -39.89
CA SER D 296 -19.22 -10.54 -39.87
C SER D 296 -19.97 -10.93 -38.61
N HIS D 297 -19.95 -10.07 -37.58
CA HIS D 297 -20.65 -10.39 -36.35
C HIS D 297 -22.15 -10.30 -36.56
N PRO D 298 -22.92 -11.30 -36.13
CA PRO D 298 -24.37 -11.28 -36.39
C PRO D 298 -25.08 -10.05 -35.86
N GLN D 299 -24.55 -9.40 -34.83
CA GLN D 299 -25.17 -8.21 -34.24
C GLN D 299 -24.31 -6.96 -34.43
N HIS D 300 -23.49 -6.93 -35.47
CA HIS D 300 -22.61 -5.80 -35.73
C HIS D 300 -23.38 -4.48 -35.73
N GLU D 301 -24.48 -4.41 -36.50
CA GLU D 301 -25.22 -3.16 -36.60
C GLU D 301 -25.90 -2.80 -35.30
N LEU D 302 -26.27 -3.79 -34.48
CA LEU D 302 -26.81 -3.50 -33.15
C LEU D 302 -25.76 -2.90 -32.24
N VAL D 303 -24.52 -3.37 -32.35
CA VAL D 303 -23.43 -2.81 -31.56
C VAL D 303 -23.29 -1.32 -31.80
N LYS D 304 -23.26 -0.92 -33.09
CA LYS D 304 -23.06 0.48 -33.43
C LYS D 304 -24.18 1.40 -32.93
N ARG D 305 -25.41 0.88 -32.77
CA ARG D 305 -26.46 1.76 -32.26
C ARG D 305 -26.47 1.85 -30.73
N GLN D 306 -25.89 0.89 -30.03
CA GLN D 306 -25.93 0.91 -28.56
C GLN D 306 -24.55 1.04 -27.94
N CYS D 307 -23.48 1.15 -28.75
CA CYS D 307 -22.12 1.25 -28.23
C CYS D 307 -21.38 2.32 -29.01
N THR D 308 -20.43 2.97 -28.34
CA THR D 308 -19.55 3.96 -28.95
C THR D 308 -18.27 3.35 -29.51
N GLY D 309 -18.05 2.07 -29.33
CA GLY D 309 -16.85 1.43 -29.81
C GLY D 309 -16.77 0.00 -29.31
N CYS D 310 -15.60 -0.60 -29.51
CA CYS D 310 -15.36 -1.98 -29.09
C CYS D 310 -14.06 -2.06 -28.32
N THR D 311 -13.83 -3.23 -27.71
CA THR D 311 -12.72 -3.45 -26.79
C THR D 311 -11.73 -4.44 -27.41
N GLY D 312 -10.77 -4.87 -26.60
CA GLY D 312 -9.75 -5.80 -27.03
C GLY D 312 -10.09 -7.26 -26.84
N MET D 313 -11.32 -7.59 -26.45
CA MET D 313 -11.72 -8.98 -26.27
C MET D 313 -12.06 -9.58 -27.64
N VAL D 314 -11.23 -10.52 -28.10
CA VAL D 314 -11.41 -11.16 -29.40
C VAL D 314 -11.48 -12.66 -29.18
N THR D 315 -12.56 -13.27 -29.65
CA THR D 315 -12.75 -14.71 -29.57
C THR D 315 -12.66 -15.30 -30.97
N PHE D 316 -12.06 -16.49 -31.09
CA PHE D 316 -11.94 -17.15 -32.37
C PHE D 316 -11.79 -18.65 -32.18
N TYR D 317 -12.12 -19.39 -33.23
CA TYR D 317 -11.96 -20.84 -33.26
C TYR D 317 -10.74 -21.18 -34.12
N ILE D 318 -9.78 -21.89 -33.54
CA ILE D 318 -8.65 -22.39 -34.30
C ILE D 318 -9.09 -23.61 -35.11
N LYS D 319 -8.47 -23.81 -36.26
CA LYS D 319 -8.79 -24.96 -37.08
C LYS D 319 -8.06 -26.19 -36.55
N GLY D 320 -8.75 -27.32 -36.53
CA GLY D 320 -8.15 -28.53 -36.02
C GLY D 320 -8.80 -29.12 -34.77
N THR D 321 -7.98 -29.40 -33.77
CA THR D 321 -8.41 -30.15 -32.60
C THR D 321 -7.92 -29.45 -31.33
N LEU D 322 -8.20 -30.08 -30.19
CA LEU D 322 -7.66 -29.59 -28.93
C LEU D 322 -6.14 -29.47 -28.98
N GLN D 323 -5.44 -30.47 -29.54
CA GLN D 323 -3.96 -30.38 -29.51
C GLN D 323 -3.45 -29.22 -30.40
N HIS D 324 -4.22 -28.77 -31.40
CA HIS D 324 -3.76 -27.59 -32.14
C HIS D 324 -3.94 -26.32 -31.31
N ALA D 325 -5.04 -26.25 -30.55
CA ALA D 325 -5.25 -25.12 -29.65
C ALA D 325 -4.15 -25.04 -28.60
N GLU D 326 -3.81 -26.18 -28.00
CA GLU D 326 -2.76 -26.21 -26.99
C GLU D 326 -1.43 -25.73 -27.56
N ILE D 327 -1.04 -26.25 -28.73
CA ILE D 327 0.25 -25.89 -29.31
C ILE D 327 0.31 -24.40 -29.59
N PHE D 328 -0.77 -23.83 -30.14
CA PHE D 328 -0.81 -22.39 -30.38
C PHE D 328 -0.61 -21.61 -29.09
N LEU D 329 -1.32 -21.98 -28.02
CA LEU D 329 -1.23 -21.25 -26.77
C LEU D 329 0.16 -21.37 -26.14
N LYS D 330 0.85 -22.49 -26.36
CA LYS D 330 2.15 -22.68 -25.73
C LYS D 330 3.27 -22.01 -26.51
N ASN D 331 3.08 -21.81 -27.82
CA ASN D 331 4.08 -21.13 -28.62
C ASN D 331 3.96 -19.62 -28.58
N LEU D 332 2.97 -19.09 -27.88
CA LEU D 332 2.85 -17.66 -27.71
C LEU D 332 3.99 -17.14 -26.84
N LYS D 333 4.64 -16.07 -27.30
CA LYS D 333 5.78 -15.47 -26.61
C LYS D 333 5.49 -14.09 -26.07
N LEU D 334 4.42 -13.43 -26.53
CA LEU D 334 4.03 -12.12 -26.05
C LEU D 334 2.68 -12.15 -25.35
N PHE D 335 1.67 -12.77 -25.98
CA PHE D 335 0.47 -13.15 -25.26
C PHE D 335 0.85 -14.08 -24.12
N THR D 336 0.15 -13.94 -22.99
CA THR D 336 0.41 -14.76 -21.81
C THR D 336 -0.76 -15.71 -21.58
N LEU D 337 -0.46 -16.99 -21.45
CA LEU D 337 -1.49 -17.99 -21.14
C LEU D 337 -1.91 -17.80 -19.69
N ALA D 338 -3.11 -17.28 -19.48
CA ALA D 338 -3.59 -16.97 -18.14
C ALA D 338 -5.08 -16.63 -18.21
N GLU D 339 -5.71 -16.63 -17.04
CA GLU D 339 -7.11 -16.22 -16.90
C GLU D 339 -7.19 -14.70 -16.80
N SER D 340 -8.43 -14.20 -16.67
CA SER D 340 -8.76 -12.79 -16.52
C SER D 340 -8.64 -12.06 -17.85
N LEU D 341 -8.83 -10.74 -17.82
CA LEU D 341 -8.91 -9.94 -19.04
C LEU D 341 -8.91 -8.47 -18.65
N GLY D 342 -8.82 -7.61 -19.66
CA GLY D 342 -8.99 -6.19 -19.46
C GLY D 342 -7.76 -5.44 -19.00
N GLY D 343 -6.59 -6.09 -18.95
CA GLY D 343 -5.39 -5.43 -18.48
C GLY D 343 -4.56 -4.85 -19.63
N PHE D 344 -3.52 -4.11 -19.27
CA PHE D 344 -2.64 -3.53 -20.27
C PHE D 344 -1.84 -4.58 -21.03
N GLU D 345 -1.68 -5.77 -20.47
CA GLU D 345 -0.94 -6.85 -21.12
C GLU D 345 -1.90 -7.79 -21.83
N SER D 346 -1.44 -8.34 -22.95
CA SER D 346 -2.27 -9.24 -23.75
C SER D 346 -2.30 -10.63 -23.14
N LEU D 347 -3.49 -11.22 -23.13
CA LEU D 347 -3.72 -12.50 -22.48
C LEU D 347 -4.47 -13.41 -23.43
N ALA D 348 -4.18 -14.71 -23.37
CA ALA D 348 -4.82 -15.70 -24.20
C ALA D 348 -5.29 -16.85 -23.32
N GLU D 349 -6.40 -17.48 -23.72
CA GLU D 349 -6.95 -18.54 -22.89
C GLU D 349 -7.87 -19.44 -23.70
N LEU D 350 -8.13 -20.62 -23.12
CA LEU D 350 -9.02 -21.65 -23.64
C LEU D 350 -10.15 -21.87 -22.64
N PRO D 351 -11.29 -21.17 -22.80
CA PRO D 351 -12.31 -21.16 -21.76
C PRO D 351 -12.82 -22.54 -21.33
N ALA D 352 -13.03 -23.46 -22.28
CA ALA D 352 -13.59 -24.77 -21.95
C ALA D 352 -12.78 -25.50 -20.89
N ILE D 353 -11.47 -25.25 -20.82
CA ILE D 353 -10.61 -25.96 -19.87
C ILE D 353 -10.26 -25.10 -18.65
N MET D 354 -10.40 -23.78 -18.75
CA MET D 354 -9.95 -22.90 -17.67
C MET D 354 -11.09 -22.12 -17.04
N THR D 355 -11.41 -20.96 -17.63
CA THR D 355 -12.33 -20.01 -17.02
C THR D 355 -13.77 -20.54 -17.02
N HIS D 356 -14.14 -21.30 -18.05
CA HIS D 356 -15.51 -21.80 -18.16
C HIS D 356 -15.58 -23.30 -17.93
N ALA D 357 -14.60 -23.86 -17.21
CA ALA D 357 -14.67 -25.26 -16.81
C ALA D 357 -15.72 -25.50 -15.75
N SER D 358 -16.14 -24.44 -15.05
CA SER D 358 -17.21 -24.54 -14.06
C SER D 358 -18.58 -24.67 -14.70
N VAL D 359 -18.69 -24.48 -16.01
CA VAL D 359 -19.93 -24.67 -16.75
C VAL D 359 -20.02 -26.14 -17.15
N LEU D 360 -21.23 -26.69 -17.09
CA LEU D 360 -21.40 -28.09 -17.45
C LEU D 360 -20.96 -28.32 -18.89
N LYS D 361 -20.26 -29.44 -19.12
CA LYS D 361 -19.72 -29.72 -20.44
C LYS D 361 -20.82 -29.71 -21.50
N ASN D 362 -21.97 -30.30 -21.19
CA ASN D 362 -23.11 -30.25 -22.11
C ASN D 362 -23.50 -28.81 -22.40
N ASP D 363 -23.50 -27.96 -21.37
CA ASP D 363 -23.85 -26.55 -21.58
C ASP D 363 -22.78 -25.84 -22.41
N ARG D 364 -21.53 -26.27 -22.28
CA ARG D 364 -20.48 -25.74 -23.15
C ARG D 364 -20.76 -26.08 -24.61
N ASP D 365 -21.09 -27.34 -24.89
CA ASP D 365 -21.33 -27.77 -26.26
C ASP D 365 -22.52 -27.06 -26.88
N VAL D 366 -23.61 -26.89 -26.12
CA VAL D 366 -24.77 -26.18 -26.63
C VAL D 366 -24.43 -24.73 -26.93
N LEU D 367 -23.55 -24.13 -26.14
CA LEU D 367 -23.20 -22.73 -26.30
C LEU D 367 -22.11 -22.50 -27.34
N GLY D 368 -21.39 -23.56 -27.72
CA GLY D 368 -20.28 -23.43 -28.66
C GLY D 368 -18.92 -23.32 -28.00
N ILE D 369 -18.85 -23.38 -26.68
CA ILE D 369 -17.59 -23.30 -25.96
C ILE D 369 -16.86 -24.63 -26.11
N SER D 370 -16.25 -24.84 -27.27
CA SER D 370 -15.61 -26.10 -27.61
C SER D 370 -14.14 -26.08 -27.20
N ASP D 371 -13.44 -27.17 -27.52
CA ASP D 371 -12.01 -27.27 -27.24
C ASP D 371 -11.17 -26.43 -28.20
N THR D 372 -11.78 -25.85 -29.22
CA THR D 372 -11.07 -25.02 -30.19
C THR D 372 -11.43 -23.54 -30.06
N LEU D 373 -12.27 -23.17 -29.10
CA LEU D 373 -12.62 -21.77 -28.89
C LEU D 373 -11.52 -21.10 -28.07
N ILE D 374 -10.87 -20.10 -28.64
CA ILE D 374 -9.80 -19.37 -27.98
C ILE D 374 -10.29 -17.94 -27.72
N ARG D 375 -10.07 -17.47 -26.50
CA ARG D 375 -10.43 -16.11 -26.11
C ARG D 375 -9.16 -15.29 -25.93
N LEU D 376 -9.12 -14.12 -26.55
CA LEU D 376 -7.98 -13.21 -26.46
C LEU D 376 -8.41 -11.91 -25.78
N SER D 377 -7.57 -11.44 -24.87
CA SER D 377 -7.71 -10.12 -24.27
C SER D 377 -6.53 -9.30 -24.77
N VAL D 378 -6.75 -8.57 -25.87
CA VAL D 378 -5.66 -7.85 -26.51
C VAL D 378 -5.28 -6.64 -25.68
N GLY D 379 -4.01 -6.54 -25.34
CA GLY D 379 -3.50 -5.48 -24.48
C GLY D 379 -3.13 -4.23 -25.24
N LEU D 380 -2.23 -3.45 -24.64
CA LEU D 380 -1.81 -2.16 -25.18
C LEU D 380 -0.42 -2.21 -25.82
N GLU D 381 0.10 -3.40 -26.10
CA GLU D 381 1.40 -3.52 -26.75
C GLU D 381 1.33 -2.98 -28.19
N ASP D 382 2.50 -2.91 -28.82
CA ASP D 382 2.58 -2.45 -30.20
C ASP D 382 1.84 -3.43 -31.12
N GLU D 383 1.07 -2.87 -32.07
CA GLU D 383 0.21 -3.70 -32.91
C GLU D 383 1.00 -4.76 -33.66
N GLU D 384 2.09 -4.37 -34.35
CA GLU D 384 2.82 -5.32 -35.17
C GLU D 384 3.44 -6.43 -34.34
N ASP D 385 3.83 -6.13 -33.09
CA ASP D 385 4.41 -7.18 -32.24
C ASP D 385 3.35 -8.20 -31.85
N LEU D 386 2.11 -7.74 -31.62
CA LEU D 386 1.02 -8.65 -31.27
C LEU D 386 0.64 -9.52 -32.45
N LEU D 387 0.58 -8.93 -33.63
CA LEU D 387 0.27 -9.72 -34.82
C LEU D 387 1.42 -10.65 -35.18
N GLU D 388 2.69 -10.25 -34.91
CA GLU D 388 3.75 -11.20 -35.27
C GLU D 388 3.74 -12.40 -34.31
N ASP D 389 3.23 -12.22 -33.07
CA ASP D 389 3.16 -13.33 -32.11
C ASP D 389 2.04 -14.31 -32.44
N LEU D 390 0.90 -13.80 -32.91
CA LEU D 390 -0.19 -14.69 -33.31
C LEU D 390 0.19 -15.48 -34.55
N ASP D 391 0.85 -14.83 -35.52
CA ASP D 391 1.26 -15.52 -36.74
C ASP D 391 2.18 -16.70 -36.44
N GLN D 392 3.25 -16.45 -35.68
CA GLN D 392 4.21 -17.52 -35.40
C GLN D 392 3.59 -18.67 -34.61
N ALA D 393 2.63 -18.37 -33.73
CA ALA D 393 2.03 -19.42 -32.91
C ALA D 393 1.02 -20.24 -33.69
N LEU D 394 0.29 -19.61 -34.63
CA LEU D 394 -0.63 -20.37 -35.47
C LEU D 394 0.14 -21.25 -36.44
N LYS D 395 1.21 -20.71 -37.02
CA LYS D 395 2.10 -21.53 -37.84
C LYS D 395 2.65 -22.72 -37.06
N ALA D 396 2.99 -22.52 -35.79
CA ALA D 396 3.52 -23.64 -35.01
C ALA D 396 2.49 -24.75 -34.90
N ALA D 397 1.22 -24.40 -34.75
CA ALA D 397 0.15 -25.40 -34.64
C ALA D 397 -0.52 -25.75 -35.97
N HIS D 398 -0.20 -25.03 -37.05
CA HIS D 398 -0.86 -25.13 -38.37
C HIS D 398 -1.77 -26.34 -38.60
OP1 P1T E . 10.28 16.86 -7.39
P P1T E . 11.55 16.04 -7.46
OP2 P1T E . 11.27 14.55 -7.66
OP3 P1T E . 12.50 16.33 -6.33
OP4 P1T E . 12.29 16.52 -8.81
C5A P1T E . 12.85 17.86 -8.94
C5 P1T E . 12.79 18.29 -10.37
C6 P1T E . 13.81 17.97 -11.25
N1 P1T E . 13.80 18.33 -12.55
C2 P1T E . 12.77 19.01 -13.05
C2A P1T E . 12.77 19.39 -14.49
C3 P1T E . 11.69 19.37 -12.23
O3A P1T E . 10.65 20.07 -12.76
C4 P1T E . 11.70 19.00 -10.88
C4A P1T E . 10.55 19.38 -9.97
N P1T E . 9.56 20.21 -10.66
CA P1T E . 8.40 20.62 -10.14
CB P1T E . 8.35 20.44 -8.82
C P1T E . 7.77 21.76 -10.46
O P1T E . 8.32 22.58 -11.18
OXT P1T E . 6.63 21.95 -10.04
OP1 P1T F . 19.92 0.63 6.78
P P1T F . 19.70 2.13 6.85
OP2 P1T F . 18.28 2.50 7.22
OP3 P1T F . 20.21 2.87 5.62
OP4 P1T F . 20.61 2.62 8.08
C5A P1T F . 22.05 2.38 8.15
C5 P1T F . 22.41 2.22 9.59
C6 P1T F . 22.67 3.31 10.39
N1 P1T F . 23.00 3.22 11.69
C2 P1T F . 23.07 2.03 12.28
C2A P1T F . 23.43 1.95 13.72
C3 P1T F . 22.82 0.85 11.55
O3A P1T F . 22.91 -0.35 12.17
C4 P1T F . 22.49 0.95 10.19
C4A P1T F . 22.21 -0.30 9.38
N P1T F . 22.47 -1.54 10.10
CA P1T F . 22.29 -2.77 9.60
CB P1T F . 22.18 -2.72 8.28
C P1T F . 22.97 -3.89 9.92
O P1T F . 23.87 -3.86 10.76
OXT P1T F . 22.66 -4.94 9.37
OP1 P1T G . -17.01 -5.66 11.18
P P1T G . -16.75 -7.06 10.68
OP2 P1T G . -15.28 -7.30 10.32
OP3 P1T G . -17.70 -7.49 9.58
OP4 P1T G . -17.05 -8.03 11.92
C5A P1T G . -18.39 -8.21 12.49
C5 P1T G . -18.29 -8.70 13.90
C6 P1T G . -18.24 -10.05 14.19
N1 P1T G . -18.15 -10.53 15.45
C2 P1T G . -18.10 -9.68 16.48
C2A P1T G . -18.00 -10.24 17.86
C3 P1T G . -18.14 -8.30 16.27
O3A P1T G . -18.09 -7.46 17.35
C4 P1T G . -18.23 -7.80 14.97
C4A P1T G . -18.27 -6.31 14.72
N P1T G . -18.21 -5.55 15.96
CA P1T G . -18.20 -4.19 16.05
CB P1T G . -18.13 -3.42 14.97
C P1T G . -18.30 -3.61 17.27
O P1T G . -17.97 -2.45 17.44
OXT P1T G . -18.72 -4.29 18.22
OP1 P1T H . -13.79 -12.45 -10.80
P P1T H . -14.72 -11.35 -10.32
OP2 P1T H . -14.01 -10.03 -10.10
OP3 P1T H . -15.60 -11.76 -9.15
OP4 P1T H . -15.73 -11.08 -11.56
C5A P1T H . -16.60 -12.13 -12.09
C5 P1T H . -17.00 -11.78 -13.50
C6 P1T H . -18.14 -11.04 -13.75
N1 P1T H . -18.53 -10.70 -14.99
C2 P1T H . -17.81 -11.09 -16.04
C2A P1T H . -18.26 -10.70 -17.42
C3 P1T H . -16.64 -11.85 -15.87
O3A P1T H . -15.93 -12.22 -16.97
C4 P1T H . -16.23 -12.20 -14.59
C4A P1T H . -14.98 -13.02 -14.39
N P1T H . -14.22 -13.12 -15.64
CA P1T H . -12.99 -13.67 -15.77
CB P1T H . -12.60 -14.28 -14.68
C P1T H . -12.57 -14.36 -16.85
O P1T H . -11.39 -14.66 -16.96
OXT P1T H . -13.38 -14.65 -17.74
#